data_1F6V
#
_entry.id   1F6V
#
_cell.length_a   1.000
_cell.length_b   1.000
_cell.length_c   1.000
_cell.angle_alpha   90.00
_cell.angle_beta   90.00
_cell.angle_gamma   90.00
#
_symmetry.space_group_name_H-M   'P 1'
#
_entity_poly.entity_id   1
_entity_poly.type   'polypeptide(L)'
_entity_poly.pdbx_seq_one_letter_code
;GSRIAKRTAINKTKKADVKAIADAWQINGEKELELLQQIAQKPGALRILNHSLRLAAMTAHGKGERVNEDYLRQAFRELD
LDVDISTLLRN
;
_entity_poly.pdbx_strand_id   A
#
# COMPACT_ATOMS: atom_id res chain seq x y z
N GLY A 1 8.75 2.87 29.10
CA GLY A 1 7.81 3.91 28.48
C GLY A 1 7.14 3.61 27.18
N SER A 2 6.57 4.60 26.56
CA SER A 2 5.89 4.36 25.25
C SER A 2 6.82 3.61 24.32
N ARG A 3 6.30 2.69 23.55
CA ARG A 3 7.16 1.91 22.61
C ARG A 3 6.98 2.46 21.20
N ILE A 4 6.81 3.74 21.07
CA ILE A 4 6.63 4.34 19.71
C ILE A 4 7.87 4.06 18.86
N ALA A 5 7.67 3.66 17.63
CA ALA A 5 8.84 3.38 16.75
C ALA A 5 9.42 4.69 16.24
N LYS A 6 10.35 4.63 15.33
CA LYS A 6 10.95 5.89 14.80
C LYS A 6 10.01 6.50 13.76
N ARG A 7 9.09 7.31 14.20
CA ARG A 7 8.13 7.94 13.25
C ARG A 7 8.91 8.67 12.15
N THR A 8 8.26 9.00 11.06
CA THR A 8 8.95 9.70 9.95
C THR A 8 9.87 8.72 9.21
N ALA A 9 9.76 7.46 9.51
CA ALA A 9 10.64 6.46 8.82
C ALA A 9 10.47 6.59 7.31
N ILE A 10 11.02 5.66 6.56
CA ILE A 10 10.91 5.73 5.08
C ILE A 10 9.96 4.64 4.57
N ASN A 11 8.69 4.87 4.63
CA ASN A 11 7.71 3.85 4.15
C ASN A 11 7.65 3.90 2.62
N LYS A 12 8.08 2.87 1.95
CA LYS A 12 8.04 2.86 0.47
C LYS A 12 8.74 4.11 -0.09
N THR A 13 9.51 4.80 0.73
CA THR A 13 10.21 6.02 0.24
C THR A 13 9.25 6.85 -0.63
N LYS A 14 9.77 7.82 -1.32
CA LYS A 14 8.90 8.66 -2.20
C LYS A 14 9.04 8.16 -3.63
N LYS A 15 10.25 7.91 -4.06
CA LYS A 15 10.46 7.40 -5.45
C LYS A 15 9.84 6.01 -5.56
N ALA A 16 10.03 5.18 -4.56
CA ALA A 16 9.44 3.82 -4.60
C ALA A 16 8.05 3.84 -3.97
N ASP A 17 7.45 5.01 -3.89
CA ASP A 17 6.10 5.12 -3.29
C ASP A 17 5.08 4.45 -4.23
N VAL A 18 5.29 4.53 -5.51
CA VAL A 18 4.34 3.89 -6.46
C VAL A 18 4.95 2.62 -7.03
N LYS A 19 6.24 2.44 -6.89
CA LYS A 19 6.87 1.20 -7.42
C LYS A 19 6.67 0.10 -6.40
N ALA A 20 6.68 0.44 -5.14
CA ALA A 20 6.46 -0.57 -4.07
C ALA A 20 5.03 -1.07 -4.21
N ILE A 21 4.09 -0.19 -4.40
CA ILE A 21 2.68 -0.61 -4.56
C ILE A 21 2.61 -1.78 -5.55
N ALA A 22 3.59 -1.92 -6.40
CA ALA A 22 3.54 -3.04 -7.39
C ALA A 22 4.27 -4.28 -6.85
N ASP A 23 5.52 -4.15 -6.48
CA ASP A 23 6.27 -5.33 -5.94
C ASP A 23 6.19 -5.36 -4.41
N ALA A 24 5.23 -4.71 -3.82
CA ALA A 24 5.16 -4.67 -2.32
C ALA A 24 4.23 -5.74 -1.75
N TRP A 25 3.02 -5.82 -2.22
CA TRP A 25 2.06 -6.79 -1.62
C TRP A 25 1.98 -8.07 -2.48
N GLN A 26 0.83 -8.67 -2.62
CA GLN A 26 0.75 -9.93 -3.42
C GLN A 26 1.05 -9.63 -4.90
N ILE A 27 2.29 -9.55 -5.26
CA ILE A 27 2.67 -9.29 -6.67
C ILE A 27 3.41 -10.52 -7.20
N ASN A 28 4.00 -11.28 -6.31
CA ASN A 28 4.74 -12.50 -6.72
C ASN A 28 4.75 -13.50 -5.57
N GLY A 29 5.10 -13.06 -4.39
CA GLY A 29 5.12 -13.97 -3.24
C GLY A 29 6.53 -13.98 -2.63
N GLU A 30 7.52 -13.75 -3.44
CA GLU A 30 8.91 -13.73 -2.92
C GLU A 30 9.51 -12.34 -3.12
N LYS A 31 9.07 -11.65 -4.14
CA LYS A 31 9.60 -10.28 -4.39
C LYS A 31 8.86 -9.28 -3.51
N GLU A 32 7.65 -9.60 -3.12
CA GLU A 32 6.89 -8.67 -2.25
C GLU A 32 7.35 -8.84 -0.81
N LEU A 33 7.64 -10.06 -0.40
CA LEU A 33 8.10 -10.28 0.99
C LEU A 33 9.35 -9.43 1.24
N GLU A 34 10.16 -9.25 0.23
CA GLU A 34 11.40 -8.43 0.39
C GLU A 34 11.03 -6.99 0.75
N LEU A 35 10.23 -6.34 -0.06
CA LEU A 35 9.87 -4.93 0.24
C LEU A 35 9.44 -4.82 1.70
N LEU A 36 8.44 -5.56 2.10
CA LEU A 36 7.99 -5.46 3.51
C LEU A 36 9.09 -6.00 4.42
N GLN A 37 9.97 -6.80 3.90
CA GLN A 37 11.07 -7.33 4.74
C GLN A 37 11.89 -6.16 5.26
N GLN A 38 11.69 -4.99 4.71
CA GLN A 38 12.43 -3.80 5.18
C GLN A 38 11.52 -2.58 5.06
N ILE A 39 10.22 -2.77 5.02
CA ILE A 39 9.31 -1.59 4.89
C ILE A 39 8.31 -1.50 6.05
N ALA A 40 7.75 -2.60 6.51
CA ALA A 40 6.77 -2.49 7.63
C ALA A 40 7.53 -2.27 8.92
N GLN A 41 8.82 -2.31 8.84
CA GLN A 41 9.65 -2.12 10.05
C GLN A 41 10.25 -0.73 9.99
N LYS A 42 10.19 -0.12 8.85
CA LYS A 42 10.72 1.26 8.74
C LYS A 42 9.77 2.16 7.92
N PRO A 43 8.47 1.96 8.06
CA PRO A 43 7.48 2.77 7.35
C PRO A 43 7.40 4.17 7.94
N GLY A 44 6.70 4.32 9.04
CA GLY A 44 6.56 5.65 9.66
C GLY A 44 5.87 6.60 8.67
N ALA A 45 5.29 6.05 7.63
CA ALA A 45 4.62 6.93 6.63
C ALA A 45 3.48 6.18 5.91
N LEU A 46 3.25 4.93 6.21
CA LEU A 46 2.14 4.22 5.52
C LEU A 46 0.91 5.13 5.52
N ARG A 47 0.18 5.13 6.61
CA ARG A 47 -1.05 5.99 6.75
C ARG A 47 -1.44 6.66 5.43
N ILE A 48 -0.72 7.69 5.03
CA ILE A 48 -1.04 8.39 3.77
C ILE A 48 -1.42 7.37 2.68
N LEU A 49 -0.50 6.52 2.30
CA LEU A 49 -0.83 5.51 1.23
C LEU A 49 -1.54 4.31 1.85
N ASN A 50 -1.39 4.11 3.14
CA ASN A 50 -2.06 2.94 3.79
C ASN A 50 -3.57 3.05 3.62
N HIS A 51 -4.08 4.25 3.54
CA HIS A 51 -5.55 4.43 3.37
C HIS A 51 -6.04 3.41 2.35
N SER A 52 -5.21 3.07 1.41
CA SER A 52 -5.61 2.08 0.38
C SER A 52 -4.53 1.01 0.29
N LEU A 53 -3.44 1.16 1.01
CA LEU A 53 -2.36 0.13 0.95
C LEU A 53 -2.68 -0.98 1.94
N ARG A 54 -3.64 -0.76 2.79
CA ARG A 54 -4.02 -1.82 3.77
C ARG A 54 -4.44 -3.05 2.94
N LEU A 55 -4.75 -2.84 1.69
CA LEU A 55 -5.17 -3.97 0.80
C LEU A 55 -3.99 -4.92 0.61
N ALA A 56 -2.80 -4.38 0.55
CA ALA A 56 -1.57 -5.21 0.35
C ALA A 56 -1.77 -6.58 1.00
N ALA A 57 -2.44 -6.61 2.12
CA ALA A 57 -2.68 -7.92 2.81
C ALA A 57 -4.13 -8.36 2.56
N MET A 58 -5.03 -7.43 2.44
CA MET A 58 -6.45 -7.79 2.19
C MET A 58 -6.59 -8.39 0.80
N THR A 59 -6.54 -9.69 0.70
CA THR A 59 -6.67 -10.34 -0.64
C THR A 59 -8.12 -10.81 -0.83
N ALA A 60 -9.04 -10.23 -0.10
CA ALA A 60 -10.46 -10.64 -0.24
C ALA A 60 -11.33 -9.43 -0.60
N HIS A 61 -10.71 -8.28 -0.79
CA HIS A 61 -11.48 -7.04 -1.16
C HIS A 61 -12.70 -7.40 -2.01
N GLY A 62 -13.81 -7.65 -1.38
CA GLY A 62 -15.04 -8.01 -2.13
C GLY A 62 -15.68 -6.76 -2.73
N LYS A 63 -15.21 -6.34 -3.87
CA LYS A 63 -15.78 -5.12 -4.52
C LYS A 63 -14.98 -4.79 -5.78
N GLY A 64 -13.68 -4.90 -5.71
CA GLY A 64 -12.84 -4.59 -6.90
C GLY A 64 -11.38 -4.93 -6.61
N GLU A 65 -10.90 -6.01 -7.15
CA GLU A 65 -9.48 -6.39 -6.90
C GLU A 65 -9.03 -7.38 -7.98
N ARG A 66 -7.92 -7.10 -8.62
CA ARG A 66 -7.43 -8.03 -9.68
C ARG A 66 -6.79 -9.25 -9.03
N VAL A 67 -5.86 -9.88 -9.71
CA VAL A 67 -5.20 -11.08 -9.14
C VAL A 67 -3.78 -11.20 -9.69
N ASN A 68 -2.90 -10.34 -9.29
CA ASN A 68 -1.50 -10.39 -9.80
C ASN A 68 -0.79 -9.06 -9.51
N GLU A 69 0.33 -8.83 -10.12
CA GLU A 69 1.05 -7.54 -9.88
C GLU A 69 0.07 -6.39 -10.05
N ASP A 70 -0.90 -6.54 -10.90
CA ASP A 70 -1.89 -5.43 -11.10
C ASP A 70 -2.78 -5.35 -9.87
N TYR A 71 -3.28 -6.48 -9.40
CA TYR A 71 -4.14 -6.49 -8.18
C TYR A 71 -3.78 -5.34 -7.26
N LEU A 72 -2.53 -5.24 -6.95
CA LEU A 72 -2.07 -4.19 -6.04
C LEU A 72 -2.68 -2.86 -6.43
N ARG A 73 -2.44 -2.43 -7.61
CA ARG A 73 -3.00 -1.12 -8.02
C ARG A 73 -4.53 -1.22 -8.03
N GLN A 74 -5.07 -2.29 -8.52
CA GLN A 74 -6.56 -2.41 -8.53
C GLN A 74 -7.06 -2.53 -7.09
N ALA A 75 -6.16 -2.65 -6.17
CA ALA A 75 -6.54 -2.77 -4.75
C ALA A 75 -6.53 -1.38 -4.12
N PHE A 76 -5.38 -0.73 -4.16
CA PHE A 76 -5.25 0.62 -3.58
C PHE A 76 -5.38 1.69 -4.70
N ARG A 77 -6.11 1.39 -5.74
CA ARG A 77 -6.26 2.40 -6.84
C ARG A 77 -7.61 2.22 -7.52
N GLU A 78 -8.00 1.00 -7.78
CA GLU A 78 -9.31 0.77 -8.45
C GLU A 78 -10.40 1.57 -7.74
N LEU A 79 -10.18 1.92 -6.49
CA LEU A 79 -11.20 2.70 -5.75
C LEU A 79 -10.91 4.20 -5.86
N ASP A 80 -9.89 4.67 -5.18
CA ASP A 80 -9.58 6.13 -5.25
C ASP A 80 -8.55 6.52 -4.19
N LEU A 81 -8.70 6.03 -2.99
CA LEU A 81 -7.76 6.39 -1.90
C LEU A 81 -8.19 7.72 -1.31
N ASP A 82 -9.39 7.79 -0.79
CA ASP A 82 -9.87 9.06 -0.19
C ASP A 82 -11.16 8.84 0.60
N VAL A 83 -11.97 7.90 0.19
CA VAL A 83 -13.25 7.65 0.92
C VAL A 83 -13.71 6.21 0.68
N ASP A 84 -13.59 5.72 -0.51
CA ASP A 84 -14.03 4.32 -0.80
C ASP A 84 -13.22 3.34 0.03
N ILE A 85 -11.95 3.61 0.22
CA ILE A 85 -11.11 2.68 1.03
C ILE A 85 -11.18 3.10 2.50
N SER A 86 -11.89 4.15 2.80
CA SER A 86 -11.99 4.61 4.21
C SER A 86 -12.82 3.60 5.01
N THR A 87 -13.55 4.05 5.99
CA THR A 87 -14.39 3.10 6.78
C THR A 87 -15.82 3.21 6.28
N LEU A 88 -16.00 3.83 5.14
CA LEU A 88 -17.37 4.01 4.60
C LEU A 88 -17.46 3.30 3.25
N LEU A 89 -18.29 2.29 3.16
CA LEU A 89 -18.43 1.56 1.86
C LEU A 89 -19.87 1.09 1.68
N ARG A 90 -20.32 0.18 2.50
CA ARG A 90 -21.72 -0.32 2.37
C ARG A 90 -22.69 0.86 2.40
N ASN A 91 -23.95 0.57 2.51
CA ASN A 91 -24.96 1.67 2.55
C ASN A 91 -24.94 2.35 3.92
N GLY A 1 23.25 13.54 10.90
CA GLY A 1 24.44 13.66 9.96
C GLY A 1 24.43 14.71 8.90
N SER A 2 24.38 14.32 7.66
CA SER A 2 24.38 15.31 6.56
C SER A 2 22.96 15.49 6.03
N ARG A 3 22.56 14.70 5.07
CA ARG A 3 21.18 14.82 4.52
C ARG A 3 20.29 13.73 5.12
N ILE A 4 20.11 13.73 6.41
CA ILE A 4 19.24 12.69 7.03
C ILE A 4 17.77 13.08 6.88
N ALA A 5 16.90 12.12 6.85
CA ALA A 5 15.44 12.44 6.71
C ALA A 5 14.92 13.06 8.00
N LYS A 6 14.07 14.05 7.89
CA LYS A 6 13.52 14.71 9.11
C LYS A 6 12.28 13.95 9.58
N ARG A 7 11.99 12.82 8.98
CA ARG A 7 10.80 12.04 9.41
C ARG A 7 11.24 10.89 10.32
N THR A 8 10.32 10.08 10.76
CA THR A 8 10.69 8.95 11.65
C THR A 8 11.28 7.81 10.80
N ALA A 9 10.44 6.93 10.31
CA ALA A 9 10.95 5.81 9.47
C ALA A 9 10.79 6.17 7.99
N ILE A 10 11.44 5.45 7.11
CA ILE A 10 11.33 5.77 5.66
C ILE A 10 10.50 4.70 4.94
N ASN A 11 9.20 4.79 5.03
CA ASN A 11 8.32 3.79 4.33
C ASN A 11 8.55 3.91 2.83
N LYS A 12 7.90 3.10 2.04
CA LYS A 12 8.09 3.18 0.56
C LYS A 12 8.19 4.65 0.14
N THR A 13 9.40 5.16 0.03
CA THR A 13 9.58 6.59 -0.35
C THR A 13 8.73 6.96 -1.56
N LYS A 14 8.53 8.23 -1.78
CA LYS A 14 7.72 8.68 -2.95
C LYS A 14 8.25 8.01 -4.22
N LYS A 15 9.55 7.96 -4.37
CA LYS A 15 10.12 7.32 -5.59
C LYS A 15 9.65 5.87 -5.65
N ALA A 16 9.81 5.12 -4.59
CA ALA A 16 9.35 3.70 -4.59
C ALA A 16 7.92 3.63 -4.07
N ASP A 17 7.18 4.70 -4.23
CA ASP A 17 5.76 4.72 -3.75
C ASP A 17 4.89 3.93 -4.73
N VAL A 18 5.20 3.98 -5.99
CA VAL A 18 4.39 3.22 -6.99
C VAL A 18 5.04 1.87 -7.26
N LYS A 19 6.32 1.77 -7.03
CA LYS A 19 7.02 0.47 -7.25
C LYS A 19 6.79 -0.43 -6.04
N ALA A 20 6.63 0.16 -4.89
CA ALA A 20 6.40 -0.65 -3.66
C ALA A 20 4.94 -1.14 -3.65
N ILE A 21 4.09 -0.46 -4.35
CA ILE A 21 2.66 -0.88 -4.37
C ILE A 21 2.48 -2.06 -5.34
N ALA A 22 3.29 -2.15 -6.35
CA ALA A 22 3.14 -3.29 -7.30
C ALA A 22 4.07 -4.44 -6.89
N ASP A 23 5.16 -4.14 -6.26
CA ASP A 23 6.10 -5.22 -5.82
C ASP A 23 5.81 -5.63 -4.38
N ALA A 24 5.11 -4.82 -3.63
CA ALA A 24 4.82 -5.20 -2.22
C ALA A 24 3.46 -5.91 -2.15
N TRP A 25 3.08 -6.34 -0.98
CA TRP A 25 1.80 -7.08 -0.80
C TRP A 25 1.92 -8.42 -1.54
N GLN A 26 0.84 -8.95 -2.06
CA GLN A 26 0.91 -10.26 -2.77
C GLN A 26 1.13 -10.03 -4.27
N ILE A 27 2.30 -9.63 -4.69
CA ILE A 27 2.55 -9.44 -6.15
C ILE A 27 3.35 -10.63 -6.67
N ASN A 28 3.98 -11.37 -5.79
CA ASN A 28 4.77 -12.54 -6.23
C ASN A 28 5.02 -13.45 -5.03
N GLY A 29 5.35 -12.90 -3.90
CA GLY A 29 5.61 -13.74 -2.71
C GLY A 29 7.12 -13.74 -2.42
N GLU A 30 7.91 -13.64 -3.45
CA GLU A 30 9.39 -13.61 -3.25
C GLU A 30 9.90 -12.19 -3.43
N LYS A 31 9.24 -11.41 -4.25
CA LYS A 31 9.67 -10.00 -4.47
C LYS A 31 8.97 -9.09 -3.48
N GLU A 32 7.75 -9.39 -3.11
CA GLU A 32 7.04 -8.51 -2.14
C GLU A 32 7.53 -8.80 -0.73
N LEU A 33 8.03 -9.99 -0.49
CA LEU A 33 8.54 -10.30 0.88
C LEU A 33 9.74 -9.40 1.16
N GLU A 34 10.54 -9.14 0.17
CA GLU A 34 11.75 -8.28 0.37
C GLU A 34 11.35 -6.85 0.74
N LEU A 35 10.60 -6.17 -0.08
CA LEU A 35 10.23 -4.78 0.26
C LEU A 35 9.74 -4.71 1.69
N LEU A 36 8.74 -5.46 2.03
CA LEU A 36 8.23 -5.43 3.42
C LEU A 36 9.28 -5.99 4.36
N GLN A 37 10.17 -6.81 3.87
CA GLN A 37 11.22 -7.37 4.75
C GLN A 37 12.03 -6.20 5.31
N GLN A 38 11.88 -5.04 4.75
CA GLN A 38 12.61 -3.86 5.26
C GLN A 38 11.71 -2.63 5.11
N ILE A 39 10.41 -2.81 5.03
CA ILE A 39 9.53 -1.61 4.88
C ILE A 39 8.47 -1.53 6.00
N ALA A 40 7.89 -2.62 6.41
CA ALA A 40 6.84 -2.53 7.49
C ALA A 40 7.54 -2.31 8.81
N GLN A 41 8.83 -2.39 8.80
CA GLN A 41 9.61 -2.20 10.04
C GLN A 41 10.21 -0.81 10.02
N LYS A 42 10.21 -0.19 8.88
CA LYS A 42 10.76 1.19 8.79
C LYS A 42 9.81 2.10 7.99
N PRO A 43 8.52 1.90 8.12
CA PRO A 43 7.53 2.73 7.40
C PRO A 43 7.44 4.12 8.03
N GLY A 44 6.64 4.25 9.06
CA GLY A 44 6.49 5.59 9.71
C GLY A 44 5.80 6.54 8.73
N ALA A 45 5.33 6.03 7.63
CA ALA A 45 4.66 6.90 6.63
C ALA A 45 3.54 6.16 5.89
N LEU A 46 3.38 4.87 6.09
CA LEU A 46 2.30 4.15 5.38
C LEU A 46 1.01 4.97 5.50
N ARG A 47 0.36 4.91 6.64
CA ARG A 47 -0.90 5.68 6.90
C ARG A 47 -1.40 6.41 5.65
N ILE A 48 -0.73 7.47 5.27
CA ILE A 48 -1.16 8.23 4.07
C ILE A 48 -1.55 7.25 2.95
N LEU A 49 -0.61 6.50 2.44
CA LEU A 49 -0.93 5.54 1.36
C LEU A 49 -1.62 4.31 1.96
N ASN A 50 -1.53 4.14 3.25
CA ASN A 50 -2.19 2.97 3.90
C ASN A 50 -3.69 3.12 3.73
N HIS A 51 -4.17 4.32 3.62
CA HIS A 51 -5.62 4.53 3.44
C HIS A 51 -6.10 3.54 2.38
N SER A 52 -5.25 3.17 1.48
CA SER A 52 -5.62 2.22 0.43
C SER A 52 -4.58 1.09 0.37
N LEU A 53 -3.54 1.20 1.16
CA LEU A 53 -2.50 0.13 1.15
C LEU A 53 -2.91 -0.97 2.11
N ARG A 54 -3.89 -0.71 2.93
CA ARG A 54 -4.36 -1.78 3.84
C ARG A 54 -4.74 -2.98 2.96
N LEU A 55 -5.00 -2.72 1.70
CA LEU A 55 -5.38 -3.80 0.75
C LEU A 55 -4.24 -4.81 0.63
N ALA A 56 -3.02 -4.32 0.58
CA ALA A 56 -1.83 -5.22 0.45
C ALA A 56 -2.11 -6.57 1.10
N ALA A 57 -2.81 -6.58 2.21
CA ALA A 57 -3.12 -7.87 2.88
C ALA A 57 -4.57 -8.26 2.58
N MET A 58 -5.43 -7.28 2.42
CA MET A 58 -6.86 -7.59 2.12
C MET A 58 -6.98 -8.31 0.79
N THR A 59 -7.05 -9.60 0.80
CA THR A 59 -7.18 -10.35 -0.48
C THR A 59 -8.65 -10.67 -0.73
N ALA A 60 -9.54 -10.08 0.01
CA ALA A 60 -10.98 -10.33 -0.19
C ALA A 60 -11.66 -9.07 -0.74
N HIS A 61 -10.87 -8.06 -1.05
CA HIS A 61 -11.45 -6.81 -1.59
C HIS A 61 -11.86 -7.02 -3.05
N GLY A 62 -13.00 -7.62 -3.27
CA GLY A 62 -13.44 -7.86 -4.67
C GLY A 62 -14.15 -6.62 -5.20
N LYS A 63 -14.53 -5.72 -4.33
CA LYS A 63 -15.22 -4.48 -4.78
C LYS A 63 -14.25 -3.62 -5.59
N GLY A 64 -12.98 -3.94 -5.54
CA GLY A 64 -11.97 -3.15 -6.30
C GLY A 64 -10.61 -3.84 -6.23
N GLU A 65 -10.32 -4.70 -7.17
CA GLU A 65 -9.00 -5.41 -7.16
C GLU A 65 -8.77 -6.07 -8.52
N ARG A 66 -7.54 -6.18 -8.93
CA ARG A 66 -7.24 -6.82 -10.24
C ARG A 66 -6.66 -8.22 -10.02
N VAL A 67 -5.37 -8.39 -10.17
CA VAL A 67 -4.78 -9.75 -9.96
C VAL A 67 -3.28 -9.71 -10.23
N ASN A 68 -2.50 -10.25 -9.33
CA ASN A 68 -1.02 -10.27 -9.52
C ASN A 68 -0.43 -8.89 -9.23
N GLU A 69 0.65 -8.54 -9.88
CA GLU A 69 1.29 -7.21 -9.64
C GLU A 69 0.24 -6.10 -9.76
N ASP A 70 -0.57 -6.13 -10.80
CA ASP A 70 -1.60 -5.07 -10.96
C ASP A 70 -2.54 -5.08 -9.77
N TYR A 71 -3.06 -6.24 -9.41
CA TYR A 71 -4.00 -6.33 -8.25
C TYR A 71 -3.70 -5.26 -7.23
N LEU A 72 -2.46 -5.12 -6.89
CA LEU A 72 -2.08 -4.12 -5.88
C LEU A 72 -2.58 -2.75 -6.29
N ARG A 73 -2.18 -2.29 -7.43
CA ARG A 73 -2.65 -0.95 -7.85
C ARG A 73 -4.18 -0.96 -7.92
N GLN A 74 -4.75 -1.89 -8.61
CA GLN A 74 -6.23 -1.95 -8.70
C GLN A 74 -6.80 -2.03 -7.30
N ALA A 75 -5.98 -2.38 -6.37
CA ALA A 75 -6.43 -2.51 -4.98
C ALA A 75 -6.42 -1.13 -4.31
N PHE A 76 -5.27 -0.53 -4.26
CA PHE A 76 -5.14 0.80 -3.64
C PHE A 76 -5.16 1.89 -4.73
N ARG A 77 -5.83 1.66 -5.82
CA ARG A 77 -5.87 2.70 -6.89
C ARG A 77 -7.15 2.57 -7.72
N GLU A 78 -7.64 1.37 -7.91
CA GLU A 78 -8.89 1.20 -8.71
C GLU A 78 -10.02 1.98 -8.06
N LEU A 79 -9.84 2.41 -6.83
CA LEU A 79 -10.93 3.17 -6.15
C LEU A 79 -10.59 4.66 -6.11
N ASP A 80 -9.62 5.05 -5.32
CA ASP A 80 -9.28 6.50 -5.25
C ASP A 80 -8.26 6.78 -4.14
N LEU A 81 -8.50 6.24 -2.98
CA LEU A 81 -7.60 6.49 -1.82
C LEU A 81 -8.02 7.78 -1.13
N ASP A 82 -9.26 7.84 -0.70
CA ASP A 82 -9.72 9.07 -0.01
C ASP A 82 -11.02 8.79 0.78
N VAL A 83 -11.84 7.91 0.27
CA VAL A 83 -13.11 7.61 0.99
C VAL A 83 -13.61 6.20 0.60
N ASP A 84 -13.41 5.80 -0.62
CA ASP A 84 -13.88 4.45 -1.05
C ASP A 84 -13.10 3.38 -0.27
N ILE A 85 -11.86 3.63 0.02
CA ILE A 85 -11.06 2.64 0.78
C ILE A 85 -11.15 2.97 2.27
N SER A 86 -11.95 3.94 2.62
CA SER A 86 -12.07 4.32 4.06
C SER A 86 -13.04 3.34 4.75
N THR A 87 -13.61 3.75 5.86
CA THR A 87 -14.57 2.86 6.56
C THR A 87 -15.97 3.33 6.22
N LEU A 88 -16.09 4.11 5.18
CA LEU A 88 -17.41 4.65 4.80
C LEU A 88 -17.78 4.15 3.40
N LEU A 89 -17.99 2.87 3.25
CA LEU A 89 -18.34 2.34 1.90
C LEU A 89 -19.76 1.74 1.94
N ARG A 90 -19.89 0.43 1.95
CA ARG A 90 -21.25 -0.17 2.00
C ARG A 90 -22.09 0.53 3.05
N ASN A 91 -21.81 0.30 4.30
CA ASN A 91 -22.59 0.95 5.38
C ASN A 91 -22.45 2.47 5.26
N GLY A 1 7.92 27.04 2.63
CA GLY A 1 6.47 26.77 2.22
C GLY A 1 6.01 25.35 2.14
N SER A 2 6.56 24.48 2.93
CA SER A 2 6.13 23.06 2.90
C SER A 2 5.07 22.82 3.98
N ARG A 3 3.82 22.83 3.61
CA ARG A 3 2.75 22.61 4.61
C ARG A 3 2.25 21.16 4.51
N ILE A 4 3.14 20.22 4.54
CA ILE A 4 2.72 18.79 4.44
C ILE A 4 3.03 18.07 5.75
N ALA A 5 2.72 16.80 5.84
CA ALA A 5 3.00 16.05 7.09
C ALA A 5 4.39 15.41 7.01
N LYS A 6 5.33 15.92 7.75
CA LYS A 6 6.70 15.34 7.71
C LYS A 6 6.69 13.94 8.32
N ARG A 7 6.93 12.93 7.52
CA ARG A 7 6.94 11.54 8.05
C ARG A 7 8.14 11.35 8.96
N THR A 8 8.50 10.12 9.26
CA THR A 8 9.66 9.90 10.17
C THR A 8 10.58 8.83 9.55
N ALA A 9 10.10 7.62 9.41
CA ALA A 9 10.95 6.55 8.82
C ALA A 9 10.96 6.69 7.29
N ILE A 10 11.50 5.71 6.61
CA ILE A 10 11.55 5.79 5.12
C ILE A 10 10.25 5.26 4.50
N ASN A 11 9.98 3.99 4.65
CA ASN A 11 8.74 3.42 4.05
C ASN A 11 8.84 3.57 2.52
N LYS A 12 7.91 3.02 1.79
CA LYS A 12 7.96 3.14 0.30
C LYS A 12 8.08 4.64 -0.05
N THR A 13 9.29 5.13 -0.15
CA THR A 13 9.49 6.58 -0.46
C THR A 13 8.59 7.01 -1.62
N LYS A 14 8.31 8.29 -1.72
CA LYS A 14 7.44 8.78 -2.83
C LYS A 14 7.93 8.20 -4.15
N LYS A 15 9.22 8.15 -4.34
CA LYS A 15 9.74 7.58 -5.61
C LYS A 15 9.35 6.12 -5.69
N ALA A 16 9.50 5.41 -4.60
CA ALA A 16 9.11 3.97 -4.59
C ALA A 16 7.66 3.87 -4.12
N ASP A 17 6.89 4.90 -4.34
CA ASP A 17 5.47 4.89 -3.92
C ASP A 17 4.66 4.00 -4.88
N VAL A 18 5.02 4.00 -6.13
CA VAL A 18 4.29 3.16 -7.12
C VAL A 18 5.09 1.88 -7.37
N LYS A 19 6.30 1.83 -6.91
CA LYS A 19 7.12 0.59 -7.11
C LYS A 19 6.89 -0.35 -5.92
N ALA A 20 6.69 0.21 -4.76
CA ALA A 20 6.45 -0.65 -3.56
C ALA A 20 4.99 -1.12 -3.59
N ILE A 21 4.15 -0.48 -4.34
CA ILE A 21 2.73 -0.89 -4.40
C ILE A 21 2.59 -2.14 -5.28
N ALA A 22 3.21 -2.16 -6.42
CA ALA A 22 3.08 -3.36 -7.31
C ALA A 22 4.03 -4.47 -6.86
N ASP A 23 5.11 -4.12 -6.21
CA ASP A 23 6.08 -5.15 -5.75
C ASP A 23 5.79 -5.58 -4.32
N ALA A 24 5.10 -4.77 -3.55
CA ALA A 24 4.80 -5.18 -2.15
C ALA A 24 3.45 -5.89 -2.08
N TRP A 25 3.06 -6.28 -0.90
CA TRP A 25 1.78 -7.02 -0.71
C TRP A 25 1.92 -8.37 -1.41
N GLN A 26 0.85 -8.91 -1.95
CA GLN A 26 0.95 -10.23 -2.63
C GLN A 26 1.14 -10.04 -4.13
N ILE A 27 2.30 -9.62 -4.57
CA ILE A 27 2.52 -9.45 -6.04
C ILE A 27 3.31 -10.66 -6.56
N ASN A 28 3.97 -11.37 -5.68
CA ASN A 28 4.74 -12.56 -6.12
C ASN A 28 4.90 -13.51 -4.94
N GLY A 29 5.25 -12.99 -3.80
CA GLY A 29 5.43 -13.87 -2.61
C GLY A 29 6.90 -13.85 -2.19
N GLU A 30 7.78 -13.57 -3.12
CA GLU A 30 9.22 -13.53 -2.79
C GLU A 30 9.76 -12.13 -3.06
N LYS A 31 9.21 -11.46 -4.04
CA LYS A 31 9.68 -10.08 -4.36
C LYS A 31 8.93 -9.08 -3.48
N GLU A 32 7.81 -9.46 -2.94
CA GLU A 32 7.06 -8.52 -2.06
C GLU A 32 7.51 -8.72 -0.62
N LEU A 33 7.89 -9.91 -0.25
CA LEU A 33 8.35 -10.15 1.14
C LEU A 33 9.66 -9.37 1.33
N GLU A 34 10.37 -9.12 0.26
CA GLU A 34 11.65 -8.39 0.36
C GLU A 34 11.39 -6.93 0.75
N LEU A 35 10.59 -6.24 -0.02
CA LEU A 35 10.30 -4.82 0.32
C LEU A 35 9.93 -4.73 1.79
N LEU A 36 8.96 -5.49 2.21
CA LEU A 36 8.55 -5.46 3.63
C LEU A 36 9.69 -5.99 4.49
N GLN A 37 10.53 -6.81 3.95
CA GLN A 37 11.67 -7.34 4.74
C GLN A 37 12.44 -6.15 5.32
N GLN A 38 12.23 -4.98 4.77
CA GLN A 38 12.93 -3.78 5.28
C GLN A 38 11.99 -2.58 5.20
N ILE A 39 10.70 -2.79 5.11
CA ILE A 39 9.78 -1.62 5.01
C ILE A 39 8.75 -1.58 6.16
N ALA A 40 8.33 -2.71 6.69
CA ALA A 40 7.32 -2.65 7.80
C ALA A 40 8.04 -2.31 9.08
N GLN A 41 9.33 -2.32 9.03
CA GLN A 41 10.13 -2.02 10.24
C GLN A 41 10.66 -0.60 10.14
N LYS A 42 10.57 -0.02 8.99
CA LYS A 42 11.03 1.38 8.83
C LYS A 42 10.04 2.20 8.00
N PRO A 43 8.75 1.94 8.13
CA PRO A 43 7.72 2.70 7.39
C PRO A 43 7.54 4.10 8.00
N GLY A 44 6.81 4.19 9.07
CA GLY A 44 6.58 5.53 9.69
C GLY A 44 5.90 6.43 8.66
N ALA A 45 5.38 5.86 7.62
CA ALA A 45 4.72 6.69 6.58
C ALA A 45 3.59 5.92 5.88
N LEU A 46 3.41 4.65 6.13
CA LEU A 46 2.30 3.93 5.46
C LEU A 46 1.04 4.78 5.54
N ARG A 47 0.39 4.78 6.68
CA ARG A 47 -0.86 5.59 6.90
C ARG A 47 -1.27 6.38 5.65
N ILE A 48 -0.52 7.39 5.30
CA ILE A 48 -0.87 8.20 4.10
C ILE A 48 -1.35 7.29 2.97
N LEU A 49 -0.50 6.43 2.47
CA LEU A 49 -0.93 5.53 1.37
C LEU A 49 -1.61 4.30 1.96
N ASN A 50 -1.53 4.13 3.26
CA ASN A 50 -2.18 2.95 3.90
C ASN A 50 -3.68 3.06 3.70
N HIS A 51 -4.18 4.27 3.63
CA HIS A 51 -5.63 4.46 3.42
C HIS A 51 -6.10 3.48 2.36
N SER A 52 -5.24 3.13 1.45
CA SER A 52 -5.62 2.15 0.40
C SER A 52 -4.58 1.04 0.35
N LEU A 53 -3.53 1.16 1.12
CA LEU A 53 -2.48 0.10 1.13
C LEU A 53 -2.90 -1.02 2.08
N ARG A 54 -3.90 -0.77 2.88
CA ARG A 54 -4.38 -1.83 3.79
C ARG A 54 -4.81 -3.01 2.92
N LEU A 55 -5.09 -2.73 1.67
CA LEU A 55 -5.52 -3.81 0.72
C LEU A 55 -4.38 -4.82 0.58
N ALA A 56 -3.17 -4.34 0.59
CA ALA A 56 -1.98 -5.24 0.46
C ALA A 56 -2.28 -6.63 1.02
N ALA A 57 -2.99 -6.67 2.12
CA ALA A 57 -3.35 -7.99 2.72
C ALA A 57 -4.82 -8.31 2.43
N MET A 58 -5.65 -7.30 2.31
CA MET A 58 -7.09 -7.55 2.03
C MET A 58 -7.23 -8.16 0.63
N THR A 59 -7.27 -9.46 0.56
CA THR A 59 -7.41 -10.12 -0.77
C THR A 59 -8.87 -10.51 -1.00
N ALA A 60 -9.77 -9.93 -0.25
CA ALA A 60 -11.21 -10.26 -0.41
C ALA A 60 -11.98 -9.01 -0.84
N HIS A 61 -11.29 -7.92 -1.04
CA HIS A 61 -11.97 -6.66 -1.46
C HIS A 61 -12.92 -6.93 -2.62
N GLY A 62 -14.12 -7.30 -2.32
CA GLY A 62 -15.11 -7.60 -3.40
C GLY A 62 -15.67 -6.29 -3.97
N LYS A 63 -14.90 -5.60 -4.76
CA LYS A 63 -15.38 -4.32 -5.34
C LYS A 63 -14.41 -3.86 -6.42
N GLY A 64 -13.13 -4.03 -6.19
CA GLY A 64 -12.12 -3.61 -7.20
C GLY A 64 -10.75 -4.13 -6.81
N GLU A 65 -10.34 -5.24 -7.35
CA GLU A 65 -9.01 -5.81 -7.01
C GLU A 65 -8.64 -6.90 -8.01
N ARG A 66 -7.61 -6.68 -8.79
CA ARG A 66 -7.20 -7.71 -9.79
C ARG A 66 -6.74 -8.98 -9.05
N VAL A 67 -5.83 -9.72 -9.61
CA VAL A 67 -5.36 -10.96 -8.94
C VAL A 67 -3.84 -11.06 -8.97
N ASN A 68 -3.19 -10.41 -9.92
CA ASN A 68 -1.70 -10.50 -9.99
C ASN A 68 -1.08 -9.15 -9.63
N GLU A 69 0.17 -8.96 -9.97
CA GLU A 69 0.87 -7.68 -9.64
C GLU A 69 -0.08 -6.50 -9.78
N ASP A 70 -0.80 -6.40 -10.87
CA ASP A 70 -1.74 -5.26 -11.03
C ASP A 70 -2.61 -5.15 -9.78
N TYR A 71 -3.25 -6.23 -9.39
CA TYR A 71 -4.14 -6.22 -8.17
C TYR A 71 -3.72 -5.12 -7.21
N LEU A 72 -2.45 -5.04 -6.95
CA LEU A 72 -1.96 -4.03 -5.99
C LEU A 72 -2.34 -2.64 -6.43
N ARG A 73 -1.93 -2.26 -7.59
CA ARG A 73 -2.26 -0.88 -8.06
C ARG A 73 -3.77 -0.83 -8.36
N GLN A 74 -4.41 -1.95 -8.40
CA GLN A 74 -5.86 -1.96 -8.66
C GLN A 74 -6.58 -2.06 -7.30
N ALA A 75 -5.82 -2.26 -6.27
CA ALA A 75 -6.38 -2.39 -4.91
C ALA A 75 -6.32 -1.02 -4.23
N PHE A 76 -5.15 -0.47 -4.18
CA PHE A 76 -4.96 0.86 -3.54
C PHE A 76 -4.96 1.95 -4.61
N ARG A 77 -5.61 1.73 -5.72
CA ARG A 77 -5.60 2.77 -6.78
C ARG A 77 -6.87 2.69 -7.63
N GLU A 78 -7.32 1.50 -7.90
CA GLU A 78 -8.55 1.35 -8.73
C GLU A 78 -9.72 2.10 -8.08
N LEU A 79 -9.59 2.48 -6.83
CA LEU A 79 -10.69 3.21 -6.17
C LEU A 79 -10.39 4.70 -6.15
N ASP A 80 -9.49 5.13 -5.31
CA ASP A 80 -9.18 6.60 -5.25
C ASP A 80 -8.16 6.90 -4.15
N LEU A 81 -8.38 6.35 -2.97
CA LEU A 81 -7.47 6.61 -1.84
C LEU A 81 -7.90 7.91 -1.15
N ASP A 82 -9.13 7.96 -0.70
CA ASP A 82 -9.59 9.19 -0.01
C ASP A 82 -10.97 8.97 0.63
N VAL A 83 -11.77 8.11 0.07
CA VAL A 83 -13.13 7.87 0.66
C VAL A 83 -13.58 6.43 0.40
N ASP A 84 -13.41 5.95 -0.78
CA ASP A 84 -13.87 4.56 -1.10
C ASP A 84 -13.08 3.55 -0.25
N ILE A 85 -11.82 3.78 -0.07
CA ILE A 85 -11.02 2.82 0.75
C ILE A 85 -11.14 3.19 2.23
N SER A 86 -11.95 4.16 2.55
CA SER A 86 -12.11 4.56 3.97
C SER A 86 -12.92 3.49 4.71
N THR A 87 -13.31 3.78 5.92
CA THR A 87 -14.11 2.80 6.70
C THR A 87 -15.57 3.24 6.64
N LEU A 88 -15.88 4.08 5.70
CA LEU A 88 -17.27 4.58 5.59
C LEU A 88 -17.88 4.16 4.25
N LEU A 89 -19.17 4.26 4.11
CA LEU A 89 -19.81 3.86 2.83
C LEU A 89 -21.33 3.99 2.97
N ARG A 90 -22.03 3.99 1.87
CA ARG A 90 -23.50 4.11 1.93
C ARG A 90 -24.12 3.41 0.72
N ASN A 91 -25.42 3.45 0.59
CA ASN A 91 -26.08 2.78 -0.56
C ASN A 91 -26.16 3.75 -1.74
N GLY A 1 17.93 8.16 11.68
CA GLY A 1 17.65 8.94 12.96
C GLY A 1 16.23 9.06 13.44
N SER A 2 16.00 9.91 14.41
CA SER A 2 14.61 10.08 14.93
C SER A 2 14.10 11.48 14.58
N ARG A 3 14.93 12.48 14.75
CA ARG A 3 14.48 13.86 14.41
C ARG A 3 14.97 14.23 13.00
N ILE A 4 15.08 13.26 12.13
CA ILE A 4 15.55 13.55 10.75
C ILE A 4 14.63 14.60 10.12
N ALA A 5 15.06 15.21 9.05
CA ALA A 5 14.21 16.24 8.38
C ALA A 5 13.00 15.56 7.74
N LYS A 6 13.18 14.38 7.23
CA LYS A 6 12.03 13.67 6.59
C LYS A 6 11.12 13.11 7.68
N ARG A 7 10.20 12.25 7.33
CA ARG A 7 9.28 11.68 8.35
C ARG A 7 10.08 10.77 9.29
N THR A 8 9.46 10.29 10.32
CA THR A 8 10.17 9.40 11.28
C THR A 8 10.99 8.37 10.51
N ALA A 9 10.35 7.40 9.92
CA ALA A 9 11.08 6.37 9.15
C ALA A 9 11.02 6.69 7.65
N ILE A 10 11.40 5.76 6.82
CA ILE A 10 11.38 6.02 5.35
C ILE A 10 10.07 5.49 4.74
N ASN A 11 9.93 4.20 4.62
CA ASN A 11 8.70 3.61 4.01
C ASN A 11 8.79 3.73 2.49
N LYS A 12 7.87 3.14 1.79
CA LYS A 12 7.90 3.23 0.30
C LYS A 12 8.19 4.69 -0.10
N THR A 13 9.43 5.02 -0.34
CA THR A 13 9.80 6.42 -0.70
C THR A 13 8.98 6.89 -1.91
N LYS A 14 8.92 8.18 -2.12
CA LYS A 14 8.15 8.72 -3.28
C LYS A 14 8.50 7.90 -4.52
N LYS A 15 9.76 7.64 -4.75
CA LYS A 15 10.16 6.84 -5.93
C LYS A 15 9.62 5.43 -5.75
N ALA A 16 9.66 4.93 -4.55
CA ALA A 16 9.13 3.57 -4.28
C ALA A 16 7.64 3.67 -3.91
N ASP A 17 7.05 4.80 -4.15
CA ASP A 17 5.60 4.99 -3.82
C ASP A 17 4.75 4.34 -4.91
N VAL A 18 5.25 4.31 -6.12
CA VAL A 18 4.48 3.69 -7.22
C VAL A 18 5.10 2.33 -7.58
N LYS A 19 6.36 2.15 -7.26
CA LYS A 19 7.00 0.84 -7.60
C LYS A 19 6.82 -0.12 -6.42
N ALA A 20 6.70 0.39 -5.22
CA ALA A 20 6.49 -0.49 -4.04
C ALA A 20 5.04 -0.96 -4.05
N ILE A 21 4.12 -0.09 -4.39
CA ILE A 21 2.70 -0.51 -4.43
C ILE A 21 2.57 -1.68 -5.41
N ALA A 22 3.56 -1.89 -6.23
CA ALA A 22 3.48 -3.03 -7.20
C ALA A 22 4.23 -4.25 -6.65
N ASP A 23 5.46 -4.08 -6.26
CA ASP A 23 6.25 -5.24 -5.73
C ASP A 23 6.17 -5.30 -4.18
N ALA A 24 5.23 -4.62 -3.58
CA ALA A 24 5.16 -4.62 -2.08
C ALA A 24 4.17 -5.67 -1.53
N TRP A 25 2.98 -5.71 -2.04
CA TRP A 25 1.98 -6.65 -1.46
C TRP A 25 1.88 -7.92 -2.32
N GLN A 26 0.71 -8.49 -2.47
CA GLN A 26 0.58 -9.75 -3.26
C GLN A 26 0.93 -9.50 -4.74
N ILE A 27 2.19 -9.47 -5.06
CA ILE A 27 2.60 -9.25 -6.48
C ILE A 27 3.31 -10.53 -6.97
N ASN A 28 3.93 -11.25 -6.07
CA ASN A 28 4.63 -12.50 -6.47
C ASN A 28 4.62 -13.48 -5.30
N GLY A 29 5.09 -13.05 -4.16
CA GLY A 29 5.13 -13.93 -2.97
C GLY A 29 6.57 -13.98 -2.44
N GLU A 30 7.51 -13.84 -3.32
CA GLU A 30 8.94 -13.86 -2.89
C GLU A 30 9.54 -12.47 -3.05
N LYS A 31 9.01 -11.69 -3.96
CA LYS A 31 9.55 -10.32 -4.17
C LYS A 31 8.81 -9.34 -3.25
N GLU A 32 7.55 -9.60 -3.00
CA GLU A 32 6.78 -8.68 -2.11
C GLU A 32 7.29 -8.83 -0.68
N LEU A 33 7.55 -10.03 -0.25
CA LEU A 33 8.06 -10.23 1.13
C LEU A 33 9.33 -9.40 1.30
N GLU A 34 10.02 -9.14 0.22
CA GLU A 34 11.27 -8.36 0.29
C GLU A 34 10.97 -6.91 0.69
N LEU A 35 10.16 -6.22 -0.07
CA LEU A 35 9.85 -4.80 0.29
C LEU A 35 9.56 -4.70 1.77
N LEU A 36 8.57 -5.42 2.24
CA LEU A 36 8.24 -5.35 3.67
C LEU A 36 9.41 -5.89 4.50
N GLN A 37 10.20 -6.75 3.93
CA GLN A 37 11.37 -7.27 4.69
C GLN A 37 12.16 -6.08 5.24
N GLN A 38 11.97 -4.93 4.68
CA GLN A 38 12.71 -3.73 5.17
C GLN A 38 11.79 -2.51 5.11
N ILE A 39 10.49 -2.70 5.03
CA ILE A 39 9.60 -1.51 4.96
C ILE A 39 8.60 -1.45 6.14
N ALA A 40 8.22 -2.56 6.71
CA ALA A 40 7.26 -2.46 7.86
C ALA A 40 8.01 -2.10 9.11
N GLN A 41 9.30 -2.08 9.02
CA GLN A 41 10.13 -1.76 10.20
C GLN A 41 10.66 -0.35 10.05
N LYS A 42 10.56 0.19 8.87
CA LYS A 42 11.04 1.58 8.66
C LYS A 42 10.01 2.39 7.84
N PRO A 43 8.73 2.14 8.03
CA PRO A 43 7.69 2.89 7.32
C PRO A 43 7.55 4.31 7.86
N GLY A 44 6.71 4.51 8.84
CA GLY A 44 6.52 5.88 9.37
C GLY A 44 5.82 6.71 8.31
N ALA A 45 5.10 6.05 7.44
CA ALA A 45 4.39 6.78 6.35
C ALA A 45 3.34 5.87 5.69
N LEU A 46 3.55 4.58 5.69
CA LEU A 46 2.55 3.66 5.06
C LEU A 46 1.15 4.11 5.45
N ARG A 47 0.98 4.59 6.66
CA ARG A 47 -0.37 5.04 7.10
C ARG A 47 -1.02 5.96 6.06
N ILE A 48 -0.33 6.97 5.62
CA ILE A 48 -0.93 7.91 4.61
C ILE A 48 -1.42 7.10 3.40
N LEU A 49 -0.55 6.42 2.72
CA LEU A 49 -1.00 5.62 1.54
C LEU A 49 -1.70 4.37 2.06
N ASN A 50 -1.77 4.20 3.36
CA ASN A 50 -2.45 3.00 3.92
C ASN A 50 -3.94 3.13 3.69
N HIS A 51 -4.42 4.33 3.60
CA HIS A 51 -5.87 4.53 3.35
C HIS A 51 -6.30 3.53 2.28
N SER A 52 -5.39 3.18 1.41
CA SER A 52 -5.71 2.21 0.36
C SER A 52 -4.63 1.12 0.31
N LEU A 53 -3.57 1.26 1.07
CA LEU A 53 -2.50 0.21 1.04
C LEU A 53 -2.88 -0.89 2.01
N ARG A 54 -3.82 -0.64 2.86
CA ARG A 54 -4.27 -1.72 3.80
C ARG A 54 -4.65 -2.94 2.95
N LEU A 55 -4.94 -2.71 1.69
CA LEU A 55 -5.31 -3.83 0.77
C LEU A 55 -4.13 -4.78 0.62
N ALA A 56 -2.94 -4.23 0.53
CA ALA A 56 -1.71 -5.06 0.37
C ALA A 56 -1.90 -6.41 1.07
N ALA A 57 -2.57 -6.41 2.19
CA ALA A 57 -2.81 -7.70 2.92
C ALA A 57 -4.25 -8.15 2.64
N MET A 58 -5.16 -7.23 2.49
CA MET A 58 -6.57 -7.61 2.21
C MET A 58 -6.66 -8.35 0.88
N THR A 59 -6.60 -9.66 0.91
CA THR A 59 -6.68 -10.44 -0.35
C THR A 59 -8.13 -10.88 -0.58
N ALA A 60 -9.06 -10.22 0.07
CA ALA A 60 -10.48 -10.59 -0.09
C ALA A 60 -11.33 -9.33 -0.29
N HIS A 61 -10.71 -8.24 -0.66
CA HIS A 61 -11.47 -6.96 -0.89
C HIS A 61 -12.87 -7.28 -1.43
N GLY A 62 -12.96 -7.68 -2.66
CA GLY A 62 -14.29 -8.00 -3.25
C GLY A 62 -14.83 -6.77 -3.98
N LYS A 63 -14.27 -5.62 -3.71
CA LYS A 63 -14.73 -4.38 -4.38
C LYS A 63 -13.86 -4.11 -5.61
N GLY A 64 -12.60 -4.46 -5.53
CA GLY A 64 -11.70 -4.23 -6.70
C GLY A 64 -10.31 -4.80 -6.38
N GLU A 65 -9.98 -5.92 -6.95
CA GLU A 65 -8.65 -6.52 -6.67
C GLU A 65 -8.30 -7.54 -7.75
N ARG A 66 -7.42 -7.20 -8.64
CA ARG A 66 -7.04 -8.17 -9.72
C ARG A 66 -6.38 -9.38 -9.07
N VAL A 67 -5.41 -9.97 -9.71
CA VAL A 67 -4.75 -11.16 -9.12
C VAL A 67 -3.27 -11.19 -9.53
N ASN A 68 -2.51 -10.18 -9.19
CA ASN A 68 -1.07 -10.17 -9.58
C ASN A 68 -0.50 -8.76 -9.39
N GLU A 69 0.68 -8.53 -9.91
CA GLU A 69 1.32 -7.18 -9.75
C GLU A 69 0.27 -6.08 -9.96
N ASP A 70 -0.66 -6.28 -10.86
CA ASP A 70 -1.70 -5.23 -11.09
C ASP A 70 -2.59 -5.13 -9.86
N TYR A 71 -3.09 -6.26 -9.40
CA TYR A 71 -3.98 -6.28 -8.20
C TYR A 71 -3.63 -5.14 -7.26
N LEU A 72 -2.38 -5.01 -6.94
CA LEU A 72 -1.98 -3.95 -6.00
C LEU A 72 -2.48 -2.60 -6.45
N ARG A 73 -2.15 -2.22 -7.65
CA ARG A 73 -2.61 -0.89 -8.12
C ARG A 73 -4.11 -0.96 -8.41
N GLN A 74 -4.66 -2.12 -8.44
CA GLN A 74 -6.12 -2.25 -8.66
C GLN A 74 -6.78 -2.41 -7.28
N ALA A 75 -5.97 -2.44 -6.26
CA ALA A 75 -6.49 -2.59 -4.87
C ALA A 75 -6.50 -1.22 -4.22
N PHE A 76 -5.38 -0.58 -4.21
CA PHE A 76 -5.26 0.76 -3.59
C PHE A 76 -5.37 1.83 -4.70
N ARG A 77 -6.09 1.56 -5.74
CA ARG A 77 -6.20 2.58 -6.83
C ARG A 77 -7.50 2.38 -7.60
N GLU A 78 -7.85 1.17 -7.89
CA GLU A 78 -9.10 0.91 -8.64
C GLU A 78 -10.26 1.68 -7.98
N LEU A 79 -10.12 2.02 -6.73
CA LEU A 79 -11.20 2.76 -6.03
C LEU A 79 -10.92 4.26 -6.08
N ASP A 80 -9.91 4.73 -5.38
CA ASP A 80 -9.63 6.19 -5.40
C ASP A 80 -8.63 6.59 -4.32
N LEU A 81 -8.81 6.11 -3.12
CA LEU A 81 -7.90 6.48 -2.00
C LEU A 81 -8.35 7.82 -1.43
N ASP A 82 -9.59 7.91 -1.05
CA ASP A 82 -10.09 9.19 -0.48
C ASP A 82 -11.44 8.99 0.21
N VAL A 83 -12.21 8.04 -0.22
CA VAL A 83 -13.54 7.82 0.43
C VAL A 83 -13.99 6.36 0.27
N ASP A 84 -13.79 5.78 -0.87
CA ASP A 84 -14.22 4.36 -1.08
C ASP A 84 -13.41 3.43 -0.19
N ILE A 85 -12.17 3.73 0.04
CA ILE A 85 -11.34 2.84 0.90
C ILE A 85 -11.45 3.29 2.36
N SER A 86 -12.24 4.29 2.62
CA SER A 86 -12.40 4.76 4.02
C SER A 86 -13.37 3.85 4.76
N THR A 87 -13.96 4.32 5.82
CA THR A 87 -14.93 3.48 6.57
C THR A 87 -16.34 3.91 6.17
N LEU A 88 -16.43 4.63 5.09
CA LEU A 88 -17.75 5.13 4.65
C LEU A 88 -18.05 4.60 3.25
N LEU A 89 -17.67 3.38 2.97
CA LEU A 89 -17.93 2.80 1.62
C LEU A 89 -19.14 1.88 1.68
N ARG A 90 -19.27 0.99 0.74
CA ARG A 90 -20.44 0.07 0.74
C ARG A 90 -21.74 0.87 0.75
N ASN A 91 -22.33 1.06 1.90
CA ASN A 91 -23.59 1.85 1.95
C ASN A 91 -23.34 3.17 2.70
N GLY A 1 8.80 19.39 16.02
CA GLY A 1 8.68 20.27 14.77
C GLY A 1 7.33 20.68 14.30
N SER A 2 7.17 20.86 13.02
CA SER A 2 5.85 21.25 12.48
C SER A 2 5.86 21.16 10.95
N ARG A 3 6.84 21.76 10.32
CA ARG A 3 6.91 21.70 8.83
C ARG A 3 8.04 20.77 8.41
N ILE A 4 8.26 19.71 9.15
CA ILE A 4 9.35 18.77 8.77
C ILE A 4 9.04 18.13 7.42
N ALA A 5 10.05 17.71 6.70
CA ALA A 5 9.79 17.08 5.37
C ALA A 5 9.89 15.57 5.49
N LYS A 6 11.07 15.04 5.70
CA LYS A 6 11.22 13.57 5.82
C LYS A 6 10.42 13.06 7.01
N ARG A 7 9.44 12.23 6.77
CA ARG A 7 8.62 11.70 7.90
C ARG A 7 9.50 10.85 8.81
N THR A 8 8.98 10.38 9.92
CA THR A 8 9.80 9.55 10.83
C THR A 8 10.60 8.54 10.02
N ALA A 9 10.03 7.38 9.78
CA ALA A 9 10.77 6.35 8.99
C ALA A 9 10.57 6.63 7.50
N ILE A 10 11.25 5.92 6.64
CA ILE A 10 11.09 6.16 5.18
C ILE A 10 10.30 5.01 4.54
N ASN A 11 9.01 4.98 4.74
CA ASN A 11 8.20 3.90 4.11
C ASN A 11 8.37 3.98 2.60
N LYS A 12 7.55 3.30 1.83
CA LYS A 12 7.67 3.36 0.34
C LYS A 12 8.12 4.77 -0.09
N THR A 13 9.40 4.96 -0.25
CA THR A 13 9.91 6.32 -0.63
C THR A 13 9.20 6.81 -1.90
N LYS A 14 9.31 8.08 -2.17
CA LYS A 14 8.66 8.63 -3.39
C LYS A 14 8.91 7.70 -4.57
N LYS A 15 10.10 7.16 -4.67
CA LYS A 15 10.42 6.23 -5.79
C LYS A 15 9.69 4.90 -5.55
N ALA A 16 9.71 4.41 -4.35
CA ALA A 16 9.02 3.12 -4.05
C ALA A 16 7.56 3.40 -3.67
N ASP A 17 7.06 4.56 -3.98
CA ASP A 17 5.66 4.88 -3.64
C ASP A 17 4.72 4.22 -4.64
N VAL A 18 5.13 4.10 -5.87
CA VAL A 18 4.25 3.47 -6.89
C VAL A 18 4.83 2.12 -7.33
N LYS A 19 6.11 1.93 -7.14
CA LYS A 19 6.71 0.63 -7.54
C LYS A 19 6.58 -0.36 -6.37
N ALA A 20 6.65 0.13 -5.16
CA ALA A 20 6.47 -0.77 -3.98
C ALA A 20 5.01 -1.21 -3.95
N ILE A 21 4.17 -0.51 -4.65
CA ILE A 21 2.72 -0.86 -4.67
C ILE A 21 2.52 -2.11 -5.53
N ALA A 22 3.29 -2.28 -6.56
CA ALA A 22 3.09 -3.48 -7.43
C ALA A 22 3.98 -4.64 -6.97
N ASP A 23 5.11 -4.34 -6.39
CA ASP A 23 6.02 -5.43 -5.93
C ASP A 23 5.76 -5.77 -4.47
N ALA A 24 5.08 -4.91 -3.74
CA ALA A 24 4.81 -5.21 -2.31
C ALA A 24 3.43 -5.89 -2.18
N TRP A 25 3.06 -6.26 -0.99
CA TRP A 25 1.75 -6.94 -0.78
C TRP A 25 1.85 -8.35 -1.37
N GLN A 26 0.78 -8.86 -1.95
CA GLN A 26 0.81 -10.23 -2.54
C GLN A 26 1.05 -10.14 -4.05
N ILE A 27 2.21 -9.73 -4.48
CA ILE A 27 2.47 -9.64 -5.95
C ILE A 27 3.26 -10.88 -6.38
N ASN A 28 3.93 -11.52 -5.46
CA ASN A 28 4.72 -12.74 -5.80
C ASN A 28 4.92 -13.58 -4.55
N GLY A 29 5.23 -12.95 -3.45
CA GLY A 29 5.47 -13.70 -2.20
C GLY A 29 6.94 -13.55 -1.81
N GLU A 30 7.80 -13.48 -2.79
CA GLU A 30 9.24 -13.32 -2.51
C GLU A 30 9.68 -11.89 -2.82
N LYS A 31 9.09 -11.29 -3.81
CA LYS A 31 9.47 -9.90 -4.18
C LYS A 31 8.75 -8.92 -3.23
N GLU A 32 7.58 -9.28 -2.79
CA GLU A 32 6.84 -8.37 -1.86
C GLU A 32 7.40 -8.54 -0.45
N LEU A 33 7.81 -9.73 -0.10
CA LEU A 33 8.37 -9.94 1.25
C LEU A 33 9.63 -9.09 1.39
N GLU A 34 10.30 -8.82 0.29
CA GLU A 34 11.53 -8.01 0.33
C GLU A 34 11.18 -6.57 0.74
N LEU A 35 10.31 -5.92 0.01
CA LEU A 35 9.95 -4.53 0.36
C LEU A 35 9.66 -4.45 1.86
N LEU A 36 8.72 -5.22 2.33
CA LEU A 36 8.41 -5.17 3.78
C LEU A 36 9.61 -5.65 4.58
N GLN A 37 10.45 -6.43 3.99
CA GLN A 37 11.64 -6.91 4.74
C GLN A 37 12.41 -5.71 5.28
N GLN A 38 12.14 -4.55 4.74
CA GLN A 38 12.84 -3.33 5.22
C GLN A 38 11.88 -2.15 5.15
N ILE A 39 10.58 -2.40 5.12
CA ILE A 39 9.63 -1.25 5.02
C ILE A 39 8.63 -1.22 6.20
N ALA A 40 8.28 -2.35 6.77
CA ALA A 40 7.30 -2.29 7.92
C ALA A 40 8.06 -1.89 9.17
N GLN A 41 9.34 -1.82 9.06
CA GLN A 41 10.16 -1.45 10.23
C GLN A 41 10.64 -0.02 10.06
N LYS A 42 10.51 0.50 8.87
CA LYS A 42 10.90 1.91 8.64
C LYS A 42 9.83 2.63 7.81
N PRO A 43 8.57 2.32 8.05
CA PRO A 43 7.46 2.95 7.31
C PRO A 43 7.26 4.40 7.77
N GLY A 44 6.55 4.61 8.85
CA GLY A 44 6.31 6.01 9.28
C GLY A 44 5.65 6.75 8.13
N ALA A 45 5.07 6.01 7.21
CA ALA A 45 4.43 6.64 6.03
C ALA A 45 3.37 5.70 5.46
N LEU A 46 3.57 4.41 5.54
CA LEU A 46 2.56 3.45 5.00
C LEU A 46 1.17 3.93 5.38
N ARG A 47 1.02 4.47 6.57
CA ARG A 47 -0.31 4.97 7.02
C ARG A 47 -0.95 5.90 5.98
N ILE A 48 -0.23 6.89 5.52
CA ILE A 48 -0.83 7.82 4.52
C ILE A 48 -1.37 7.01 3.34
N LEU A 49 -0.52 6.34 2.62
CA LEU A 49 -1.02 5.52 1.48
C LEU A 49 -1.70 4.26 2.03
N ASN A 50 -1.72 4.10 3.34
CA ASN A 50 -2.38 2.90 3.95
C ASN A 50 -3.87 3.01 3.75
N HIS A 51 -4.35 4.23 3.68
CA HIS A 51 -5.80 4.42 3.47
C HIS A 51 -6.26 3.44 2.40
N SER A 52 -5.37 3.07 1.51
CA SER A 52 -5.74 2.09 0.46
C SER A 52 -4.65 1.00 0.40
N LEU A 53 -3.58 1.15 1.14
CA LEU A 53 -2.52 0.10 1.11
C LEU A 53 -2.93 -1.03 2.04
N ARG A 54 -3.87 -0.79 2.90
CA ARG A 54 -4.34 -1.87 3.78
C ARG A 54 -4.74 -3.04 2.88
N LEU A 55 -5.03 -2.75 1.63
CA LEU A 55 -5.41 -3.81 0.66
C LEU A 55 -4.26 -4.79 0.49
N ALA A 56 -3.05 -4.26 0.44
CA ALA A 56 -1.85 -5.13 0.27
C ALA A 56 -2.07 -6.48 0.95
N ALA A 57 -2.78 -6.48 2.04
CA ALA A 57 -3.08 -7.75 2.75
C ALA A 57 -4.54 -8.13 2.52
N MET A 58 -5.38 -7.14 2.33
CA MET A 58 -6.82 -7.41 2.10
C MET A 58 -7.01 -8.15 0.78
N THR A 59 -6.92 -9.45 0.80
CA THR A 59 -7.10 -10.22 -0.45
C THR A 59 -8.56 -10.71 -0.54
N ALA A 60 -9.44 -10.03 0.13
CA ALA A 60 -10.87 -10.44 0.10
C ALA A 60 -11.73 -9.28 -0.41
N HIS A 61 -11.12 -8.17 -0.75
CA HIS A 61 -11.89 -7.00 -1.25
C HIS A 61 -12.80 -7.44 -2.39
N GLY A 62 -13.98 -7.88 -2.07
CA GLY A 62 -14.94 -8.33 -3.12
C GLY A 62 -15.64 -7.11 -3.71
N LYS A 63 -15.03 -6.49 -4.68
CA LYS A 63 -15.66 -5.29 -5.31
C LYS A 63 -14.70 -4.68 -6.33
N GLY A 64 -13.42 -4.74 -6.07
CA GLY A 64 -12.44 -4.17 -7.03
C GLY A 64 -11.04 -4.68 -6.71
N GLU A 65 -10.57 -5.64 -7.44
CA GLU A 65 -9.21 -6.19 -7.18
C GLU A 65 -8.83 -7.17 -8.29
N ARG A 66 -7.61 -7.07 -8.78
CA ARG A 66 -7.18 -8.00 -9.87
C ARG A 66 -6.52 -9.23 -9.25
N VAL A 67 -5.53 -9.78 -9.88
CA VAL A 67 -4.84 -10.98 -9.32
C VAL A 67 -3.38 -11.00 -9.79
N ASN A 68 -2.62 -10.00 -9.43
CA ASN A 68 -1.19 -9.98 -9.84
C ASN A 68 -0.58 -8.62 -9.51
N GLU A 69 0.63 -8.38 -9.96
CA GLU A 69 1.29 -7.07 -9.68
C GLU A 69 0.27 -5.94 -9.88
N ASP A 70 -0.62 -6.08 -10.82
CA ASP A 70 -1.63 -5.01 -11.04
C ASP A 70 -2.59 -4.98 -9.85
N TYR A 71 -3.09 -6.12 -9.44
CA TYR A 71 -4.03 -6.20 -8.28
C TYR A 71 -3.71 -5.09 -7.28
N LEU A 72 -2.47 -4.95 -6.97
CA LEU A 72 -2.08 -3.94 -5.97
C LEU A 72 -2.48 -2.55 -6.42
N ARG A 73 -2.10 -2.18 -7.58
CA ARG A 73 -2.47 -0.81 -8.05
C ARG A 73 -3.97 -0.80 -8.36
N GLN A 74 -4.58 -1.93 -8.40
CA GLN A 74 -6.03 -2.00 -8.65
C GLN A 74 -6.72 -2.14 -7.29
N ALA A 75 -5.93 -2.30 -6.27
CA ALA A 75 -6.48 -2.46 -4.89
C ALA A 75 -6.45 -1.11 -4.19
N PHE A 76 -5.29 -0.50 -4.14
CA PHE A 76 -5.12 0.81 -3.48
C PHE A 76 -5.17 1.92 -4.54
N ARG A 77 -5.86 1.70 -5.63
CA ARG A 77 -5.90 2.74 -6.68
C ARG A 77 -7.18 2.62 -7.50
N GLU A 78 -7.57 1.42 -7.85
CA GLU A 78 -8.81 1.25 -8.65
C GLU A 78 -9.98 1.95 -7.95
N LEU A 79 -9.84 2.21 -6.68
CA LEU A 79 -10.95 2.89 -5.94
C LEU A 79 -10.72 4.41 -5.94
N ASP A 80 -9.71 4.87 -5.24
CA ASP A 80 -9.48 6.35 -5.21
C ASP A 80 -8.51 6.72 -4.09
N LEU A 81 -8.71 6.18 -2.92
CA LEU A 81 -7.85 6.51 -1.78
C LEU A 81 -8.36 7.80 -1.13
N ASP A 82 -9.64 7.86 -0.88
CA ASP A 82 -10.20 9.09 -0.25
C ASP A 82 -11.54 8.78 0.46
N VAL A 83 -12.25 7.78 0.03
CA VAL A 83 -13.55 7.46 0.70
C VAL A 83 -13.95 6.01 0.43
N ASP A 84 -13.67 5.50 -0.73
CA ASP A 84 -14.06 4.09 -1.05
C ASP A 84 -13.23 3.12 -0.21
N ILE A 85 -12.00 3.46 0.07
CA ILE A 85 -11.14 2.54 0.88
C ILE A 85 -11.15 3.02 2.34
N SER A 86 -12.01 3.92 2.67
CA SER A 86 -12.06 4.42 4.07
C SER A 86 -12.72 3.36 4.95
N THR A 87 -12.82 3.65 6.22
CA THR A 87 -13.47 2.69 7.15
C THR A 87 -14.87 3.18 7.41
N LEU A 88 -15.42 3.89 6.48
CA LEU A 88 -16.78 4.46 6.66
C LEU A 88 -17.73 3.86 5.63
N LEU A 89 -17.20 3.20 4.63
CA LEU A 89 -18.08 2.59 3.60
C LEU A 89 -18.50 1.18 4.05
N ARG A 90 -17.55 0.32 4.29
CA ARG A 90 -17.89 -1.06 4.73
C ARG A 90 -18.94 -1.65 3.77
N ASN A 91 -20.20 -1.51 4.09
CA ASN A 91 -21.26 -2.07 3.20
C ASN A 91 -21.28 -1.29 1.89
N GLY A 1 3.56 -6.04 19.01
CA GLY A 1 2.54 -5.34 19.91
C GLY A 1 2.96 -4.14 20.69
N SER A 2 3.84 -3.34 20.14
CA SER A 2 4.29 -2.12 20.87
C SER A 2 4.61 -1.02 19.86
N ARG A 3 4.14 0.18 20.11
CA ARG A 3 4.42 1.30 19.16
C ARG A 3 5.51 2.19 19.75
N ILE A 4 6.53 1.61 20.31
CA ILE A 4 7.64 2.43 20.89
C ILE A 4 8.50 3.00 19.77
N ALA A 5 8.21 2.66 18.56
CA ALA A 5 9.02 3.17 17.42
C ALA A 5 8.62 4.62 17.13
N LYS A 6 9.38 5.31 16.31
CA LYS A 6 9.05 6.71 15.99
C LYS A 6 8.33 6.75 14.64
N ARG A 7 7.48 7.73 14.44
CA ARG A 7 6.74 7.81 13.15
C ARG A 7 7.56 8.63 12.15
N THR A 8 8.83 8.77 12.38
CA THR A 8 9.68 9.55 11.43
C THR A 8 10.41 8.59 10.49
N ALA A 9 9.95 7.36 10.43
CA ALA A 9 10.62 6.37 9.54
C ALA A 9 10.43 6.76 8.08
N ILE A 10 10.81 5.89 7.17
CA ILE A 10 10.66 6.21 5.72
C ILE A 10 9.28 5.77 5.20
N ASN A 11 9.14 4.50 4.88
CA ASN A 11 7.84 3.97 4.36
C ASN A 11 7.77 4.16 2.85
N LYS A 12 7.90 3.11 2.09
CA LYS A 12 7.83 3.22 0.61
C LYS A 12 8.53 4.51 0.16
N THR A 13 9.83 4.48 0.04
CA THR A 13 10.56 5.70 -0.39
C THR A 13 9.80 6.38 -1.53
N LYS A 14 9.97 7.67 -1.69
CA LYS A 14 9.26 8.39 -2.79
C LYS A 14 9.30 7.55 -4.06
N LYS A 15 10.47 7.12 -4.46
CA LYS A 15 10.57 6.29 -5.68
C LYS A 15 9.89 4.94 -5.41
N ALA A 16 10.00 4.45 -4.21
CA ALA A 16 9.35 3.15 -3.88
C ALA A 16 7.90 3.40 -3.45
N ASP A 17 7.40 4.57 -3.72
CA ASP A 17 6.00 4.89 -3.34
C ASP A 17 5.02 4.28 -4.34
N VAL A 18 5.31 4.39 -5.60
CA VAL A 18 4.40 3.82 -6.64
C VAL A 18 4.98 2.50 -7.18
N LYS A 19 6.25 2.29 -7.01
CA LYS A 19 6.84 1.02 -7.52
C LYS A 19 6.65 -0.06 -6.44
N ALA A 20 6.56 0.34 -5.21
CA ALA A 20 6.35 -0.64 -4.12
C ALA A 20 4.90 -1.09 -4.17
N ILE A 21 3.99 -0.19 -4.39
CA ILE A 21 2.56 -0.60 -4.46
C ILE A 21 2.43 -1.77 -5.45
N ALA A 22 3.39 -1.94 -6.33
CA ALA A 22 3.31 -3.06 -7.30
C ALA A 22 4.06 -4.29 -6.78
N ASP A 23 5.31 -4.15 -6.43
CA ASP A 23 6.08 -5.32 -5.92
C ASP A 23 6.06 -5.36 -4.38
N ALA A 24 5.11 -4.69 -3.76
CA ALA A 24 5.08 -4.67 -2.26
C ALA A 24 4.15 -5.73 -1.67
N TRP A 25 2.94 -5.80 -2.13
CA TRP A 25 1.98 -6.76 -1.53
C TRP A 25 1.90 -8.04 -2.37
N GLN A 26 0.75 -8.65 -2.49
CA GLN A 26 0.64 -9.92 -3.28
C GLN A 26 0.93 -9.64 -4.77
N ILE A 27 2.17 -9.57 -5.13
CA ILE A 27 2.53 -9.32 -6.56
C ILE A 27 3.25 -10.57 -7.09
N ASN A 28 3.96 -11.25 -6.24
CA ASN A 28 4.68 -12.48 -6.68
C ASN A 28 4.72 -13.48 -5.52
N GLY A 29 5.22 -13.05 -4.39
CA GLY A 29 5.33 -13.97 -3.23
C GLY A 29 6.77 -13.93 -2.72
N GLU A 30 7.70 -13.80 -3.60
CA GLU A 30 9.13 -13.76 -3.18
C GLU A 30 9.67 -12.34 -3.37
N LYS A 31 9.07 -11.59 -4.24
CA LYS A 31 9.55 -10.20 -4.47
C LYS A 31 8.83 -9.25 -3.50
N GLU A 32 7.60 -9.54 -3.18
CA GLU A 32 6.86 -8.64 -2.24
C GLU A 32 7.41 -8.80 -0.83
N LEU A 33 7.76 -9.99 -0.44
CA LEU A 33 8.31 -10.19 0.93
C LEU A 33 9.55 -9.31 1.11
N GLU A 34 10.29 -9.12 0.05
CA GLU A 34 11.52 -8.29 0.15
C GLU A 34 11.16 -6.84 0.50
N LEU A 35 10.32 -6.21 -0.27
CA LEU A 35 9.96 -4.80 0.02
C LEU A 35 9.58 -4.68 1.48
N LEU A 36 8.65 -5.46 1.93
CA LEU A 36 8.25 -5.38 3.35
C LEU A 36 9.41 -5.80 4.24
N GLN A 37 10.31 -6.60 3.72
CA GLN A 37 11.46 -7.03 4.54
C GLN A 37 12.23 -5.79 4.99
N GLN A 38 11.94 -4.66 4.41
CA GLN A 38 12.63 -3.41 4.81
C GLN A 38 11.65 -2.25 4.74
N ILE A 39 10.36 -2.52 4.75
CA ILE A 39 9.39 -1.39 4.67
C ILE A 39 8.42 -1.37 5.87
N ALA A 40 7.93 -2.49 6.33
CA ALA A 40 7.00 -2.45 7.50
C ALA A 40 7.81 -2.21 8.76
N GLN A 41 9.09 -2.22 8.63
CA GLN A 41 9.96 -2.01 9.79
C GLN A 41 10.48 -0.59 9.76
N LYS A 42 10.32 0.07 8.65
CA LYS A 42 10.78 1.48 8.56
C LYS A 42 9.72 2.37 7.89
N PRO A 43 8.44 2.09 8.11
CA PRO A 43 7.37 2.91 7.54
C PRO A 43 7.25 4.24 8.28
N GLY A 44 6.49 4.27 9.34
CA GLY A 44 6.33 5.53 10.09
C GLY A 44 5.52 6.51 9.24
N ALA A 45 5.01 6.05 8.12
CA ALA A 45 4.23 6.96 7.25
C ALA A 45 3.19 6.18 6.43
N LEU A 46 3.02 4.90 6.67
CA LEU A 46 2.01 4.14 5.88
C LEU A 46 0.73 4.96 5.80
N ARG A 47 -0.04 4.98 6.86
CA ARG A 47 -1.33 5.74 6.94
C ARG A 47 -1.64 6.50 5.64
N ILE A 48 -0.85 7.49 5.32
CA ILE A 48 -1.10 8.28 4.08
C ILE A 48 -1.51 7.35 2.93
N LEU A 49 -0.63 6.48 2.52
CA LEU A 49 -0.98 5.55 1.40
C LEU A 49 -1.71 4.34 1.96
N ASN A 50 -1.60 4.12 3.24
CA ASN A 50 -2.28 2.95 3.87
C ASN A 50 -3.78 3.06 3.67
N HIS A 51 -4.28 4.26 3.57
CA HIS A 51 -5.75 4.43 3.37
C HIS A 51 -6.21 3.41 2.34
N SER A 52 -5.34 3.07 1.42
CA SER A 52 -5.69 2.09 0.38
C SER A 52 -4.57 1.04 0.29
N LEU A 53 -3.52 1.20 1.06
CA LEU A 53 -2.42 0.20 1.02
C LEU A 53 -2.73 -0.92 2.01
N ARG A 54 -3.67 -0.70 2.87
CA ARG A 54 -4.04 -1.78 3.82
C ARG A 54 -4.48 -2.99 2.99
N LEU A 55 -4.82 -2.74 1.74
CA LEU A 55 -5.25 -3.86 0.84
C LEU A 55 -4.09 -4.83 0.64
N ALA A 56 -2.89 -4.32 0.57
CA ALA A 56 -1.68 -5.19 0.38
C ALA A 56 -1.91 -6.55 1.04
N ALA A 57 -2.57 -6.56 2.17
CA ALA A 57 -2.85 -7.85 2.85
C ALA A 57 -4.32 -8.20 2.68
N MET A 58 -5.16 -7.21 2.53
CA MET A 58 -6.62 -7.47 2.36
C MET A 58 -6.85 -8.21 1.04
N THR A 59 -6.80 -9.51 1.07
CA THR A 59 -7.02 -10.29 -0.18
C THR A 59 -8.47 -10.77 -0.20
N ALA A 60 -9.33 -10.12 0.56
CA ALA A 60 -10.75 -10.55 0.59
C ALA A 60 -11.65 -9.36 0.23
N HIS A 61 -11.07 -8.27 -0.21
CA HIS A 61 -11.89 -7.08 -0.58
C HIS A 61 -13.15 -7.54 -1.33
N GLY A 62 -12.97 -8.32 -2.36
CA GLY A 62 -14.15 -8.80 -3.14
C GLY A 62 -15.01 -7.62 -3.54
N LYS A 63 -14.42 -6.46 -3.62
CA LYS A 63 -15.19 -5.25 -4.00
C LYS A 63 -14.51 -4.57 -5.18
N GLY A 64 -13.21 -4.56 -5.19
CA GLY A 64 -12.48 -3.90 -6.32
C GLY A 64 -11.00 -4.28 -6.25
N GLU A 65 -10.62 -5.35 -6.88
CA GLU A 65 -9.19 -5.77 -6.84
C GLU A 65 -8.89 -6.73 -8.00
N ARG A 66 -7.68 -6.72 -8.48
CA ARG A 66 -7.32 -7.63 -9.60
C ARG A 66 -6.54 -8.83 -9.05
N VAL A 67 -5.54 -9.29 -9.76
CA VAL A 67 -4.75 -10.45 -9.26
C VAL A 67 -3.29 -10.30 -9.68
N ASN A 68 -2.38 -10.64 -8.81
CA ASN A 68 -0.92 -10.54 -9.14
C ASN A 68 -0.44 -9.09 -8.98
N GLU A 69 0.49 -8.68 -9.78
CA GLU A 69 1.03 -7.28 -9.66
C GLU A 69 -0.11 -6.27 -9.79
N ASP A 70 -0.76 -6.22 -10.91
CA ASP A 70 -1.87 -5.23 -11.09
C ASP A 70 -2.75 -5.19 -9.83
N TYR A 71 -3.23 -6.32 -9.39
CA TYR A 71 -4.11 -6.36 -8.17
C TYR A 71 -3.77 -5.20 -7.24
N LEU A 72 -2.52 -5.03 -6.97
CA LEU A 72 -2.12 -3.97 -6.03
C LEU A 72 -2.59 -2.61 -6.52
N ARG A 73 -2.26 -2.26 -7.72
CA ARG A 73 -2.71 -0.93 -8.22
C ARG A 73 -4.21 -1.00 -8.52
N GLN A 74 -4.76 -2.17 -8.49
CA GLN A 74 -6.21 -2.30 -8.72
C GLN A 74 -6.89 -2.40 -7.35
N ALA A 75 -6.09 -2.49 -6.33
CA ALA A 75 -6.60 -2.59 -4.94
C ALA A 75 -6.61 -1.21 -4.31
N PHE A 76 -5.47 -0.59 -4.29
CA PHE A 76 -5.35 0.76 -3.69
C PHE A 76 -5.42 1.82 -4.80
N ARG A 77 -6.10 1.53 -5.87
CA ARG A 77 -6.16 2.52 -6.97
C ARG A 77 -7.44 2.34 -7.79
N GLU A 78 -7.84 1.12 -8.02
CA GLU A 78 -9.08 0.89 -8.80
C GLU A 78 -10.26 1.59 -8.10
N LEU A 79 -10.09 1.98 -6.86
CA LEU A 79 -11.19 2.65 -6.13
C LEU A 79 -10.96 4.17 -6.13
N ASP A 80 -9.97 4.64 -5.41
CA ASP A 80 -9.74 6.12 -5.37
C ASP A 80 -8.73 6.48 -4.27
N LEU A 81 -8.92 5.95 -3.10
CA LEU A 81 -8.03 6.26 -1.96
C LEU A 81 -8.53 7.54 -1.28
N ASP A 82 -9.71 7.49 -0.73
CA ASP A 82 -10.25 8.69 -0.04
C ASP A 82 -11.48 8.34 0.80
N VAL A 83 -12.24 7.36 0.39
CA VAL A 83 -13.45 6.99 1.17
C VAL A 83 -13.93 5.60 0.78
N ASP A 84 -13.81 5.25 -0.47
CA ASP A 84 -14.28 3.89 -0.91
C ASP A 84 -13.41 2.81 -0.25
N ILE A 85 -12.15 3.09 -0.06
CA ILE A 85 -11.27 2.08 0.59
C ILE A 85 -11.24 2.34 2.11
N SER A 86 -12.07 3.23 2.57
CA SER A 86 -12.09 3.53 4.02
C SER A 86 -12.84 2.42 4.74
N THR A 87 -13.07 2.58 6.01
CA THR A 87 -13.82 1.54 6.77
C THR A 87 -15.26 1.99 6.94
N LEU A 88 -15.61 3.05 6.27
CA LEU A 88 -16.98 3.60 6.40
C LEU A 88 -17.69 3.53 5.05
N LEU A 89 -17.22 2.69 4.17
CA LEU A 89 -17.87 2.57 2.83
C LEU A 89 -18.22 1.11 2.57
N ARG A 90 -19.47 0.83 2.28
CA ARG A 90 -19.88 -0.56 2.00
C ARG A 90 -21.38 -0.61 1.71
N ASN A 91 -22.18 -0.65 2.74
CA ASN A 91 -23.66 -0.70 2.52
C ASN A 91 -24.19 0.71 2.28
N GLY A 1 9.36 -4.05 22.01
CA GLY A 1 10.85 -3.92 22.34
C GLY A 1 11.31 -2.78 23.19
N SER A 2 12.37 -2.13 22.79
CA SER A 2 12.88 -0.98 23.59
C SER A 2 13.44 0.08 22.65
N ARG A 3 14.52 -0.21 21.98
CA ARG A 3 15.12 0.78 21.04
C ARG A 3 14.80 0.37 19.61
N ILE A 4 13.64 -0.18 19.38
CA ILE A 4 13.28 -0.61 17.99
C ILE A 4 13.20 0.61 17.08
N ALA A 5 12.76 0.45 15.87
CA ALA A 5 12.65 1.61 14.95
C ALA A 5 11.60 2.58 15.46
N LYS A 6 12.01 3.77 15.80
CA LYS A 6 11.03 4.77 16.33
C LYS A 6 9.98 5.07 15.25
N ARG A 7 9.22 6.11 15.43
CA ARG A 7 8.17 6.47 14.43
C ARG A 7 8.78 7.36 13.35
N THR A 8 7.96 7.88 12.47
CA THR A 8 8.49 8.77 11.40
C THR A 8 9.46 7.99 10.51
N ALA A 9 9.48 6.69 10.64
CA ALA A 9 10.41 5.88 9.79
C ALA A 9 10.20 6.24 8.31
N ILE A 10 10.88 5.57 7.43
CA ILE A 10 10.74 5.88 5.98
C ILE A 10 9.98 4.76 5.26
N ASN A 11 8.67 4.78 5.31
CA ASN A 11 7.88 3.73 4.61
C ASN A 11 7.92 3.99 3.11
N LYS A 12 8.02 2.96 2.32
CA LYS A 12 8.05 3.15 0.84
C LYS A 12 8.95 4.34 0.51
N THR A 13 8.64 5.06 -0.54
CA THR A 13 9.47 6.25 -0.90
C THR A 13 8.75 7.06 -1.98
N LYS A 14 8.90 8.36 -1.97
CA LYS A 14 8.23 9.19 -2.99
C LYS A 14 8.41 8.55 -4.37
N LYS A 15 9.63 8.33 -4.77
CA LYS A 15 9.87 7.72 -6.11
C LYS A 15 9.48 6.23 -6.05
N ALA A 16 9.77 5.57 -4.97
CA ALA A 16 9.42 4.13 -4.85
C ALA A 16 8.01 4.00 -4.25
N ASP A 17 7.19 4.99 -4.43
CA ASP A 17 5.81 4.94 -3.87
C ASP A 17 4.92 4.13 -4.81
N VAL A 18 5.18 4.19 -6.09
CA VAL A 18 4.35 3.41 -7.05
C VAL A 18 5.02 2.06 -7.29
N LYS A 19 6.27 1.94 -6.92
CA LYS A 19 6.97 0.64 -7.11
C LYS A 19 6.73 -0.25 -5.89
N ALA A 20 6.63 0.34 -4.73
CA ALA A 20 6.37 -0.47 -3.51
C ALA A 20 4.91 -0.93 -3.50
N ILE A 21 4.13 -0.46 -4.44
CA ILE A 21 2.70 -0.88 -4.48
C ILE A 21 2.55 -2.09 -5.40
N ALA A 22 3.35 -2.19 -6.42
CA ALA A 22 3.23 -3.35 -7.35
C ALA A 22 4.10 -4.50 -6.85
N ASP A 23 5.20 -4.19 -6.20
CA ASP A 23 6.11 -5.27 -5.70
C ASP A 23 5.77 -5.61 -4.26
N ALA A 24 5.05 -4.77 -3.57
CA ALA A 24 4.70 -5.09 -2.16
C ALA A 24 3.34 -5.80 -2.10
N TRP A 25 2.94 -6.20 -0.92
CA TRP A 25 1.67 -6.93 -0.73
C TRP A 25 1.82 -8.30 -1.41
N GLN A 26 0.76 -8.85 -1.96
CA GLN A 26 0.86 -10.18 -2.61
C GLN A 26 1.11 -10.01 -4.12
N ILE A 27 2.29 -9.61 -4.52
CA ILE A 27 2.56 -9.45 -5.98
C ILE A 27 3.37 -10.65 -6.47
N ASN A 28 3.96 -11.39 -5.58
CA ASN A 28 4.76 -12.58 -6.01
C ASN A 28 5.00 -13.49 -4.81
N GLY A 29 5.24 -12.92 -3.66
CA GLY A 29 5.50 -13.76 -2.46
C GLY A 29 7.00 -13.75 -2.16
N GLU A 30 7.80 -13.60 -3.17
CA GLU A 30 9.27 -13.58 -2.94
C GLU A 30 9.79 -12.15 -3.14
N LYS A 31 9.14 -11.39 -3.97
CA LYS A 31 9.59 -9.99 -4.20
C LYS A 31 8.87 -9.06 -3.22
N GLU A 32 7.66 -9.38 -2.84
CA GLU A 32 6.93 -8.50 -1.88
C GLU A 32 7.43 -8.76 -0.46
N LEU A 33 8.06 -9.88 -0.23
CA LEU A 33 8.57 -10.18 1.13
C LEU A 33 9.85 -9.36 1.37
N GLU A 34 10.62 -9.15 0.34
CA GLU A 34 11.87 -8.37 0.49
C GLU A 34 11.53 -6.92 0.85
N LEU A 35 10.68 -6.28 0.09
CA LEU A 35 10.32 -4.89 0.40
C LEU A 35 9.92 -4.78 1.87
N LEU A 36 8.99 -5.59 2.30
CA LEU A 36 8.58 -5.55 3.71
C LEU A 36 9.75 -5.97 4.59
N GLN A 37 10.65 -6.74 4.06
CA GLN A 37 11.83 -7.16 4.86
C GLN A 37 12.57 -5.92 5.37
N GLN A 38 12.25 -4.79 4.80
CA GLN A 38 12.92 -3.54 5.25
C GLN A 38 11.90 -2.39 5.16
N ILE A 39 10.62 -2.69 5.15
CA ILE A 39 9.62 -1.58 5.06
C ILE A 39 8.66 -1.60 6.26
N ALA A 40 8.21 -2.74 6.71
CA ALA A 40 7.26 -2.74 7.89
C ALA A 40 8.07 -2.47 9.14
N GLN A 41 9.35 -2.45 9.00
CA GLN A 41 10.22 -2.19 10.17
C GLN A 41 10.69 -0.74 10.12
N LYS A 42 10.53 -0.13 8.99
CA LYS A 42 10.92 1.32 8.88
C LYS A 42 9.84 2.12 8.14
N PRO A 43 8.58 1.79 8.36
CA PRO A 43 7.47 2.51 7.71
C PRO A 43 7.31 3.91 8.30
N GLY A 44 6.49 4.05 9.30
CA GLY A 44 6.28 5.39 9.91
C GLY A 44 5.42 6.23 8.95
N ALA A 45 5.06 5.68 7.83
CA ALA A 45 4.24 6.44 6.85
C ALA A 45 3.27 5.51 6.10
N LEU A 46 3.41 4.21 6.23
CA LEU A 46 2.48 3.30 5.52
C LEU A 46 1.06 3.81 5.73
N ARG A 47 0.79 4.36 6.87
CA ARG A 47 -0.58 4.90 7.16
C ARG A 47 -1.03 5.86 6.05
N ILE A 48 -0.22 6.81 5.70
CA ILE A 48 -0.62 7.77 4.62
C ILE A 48 -1.09 6.98 3.40
N LEU A 49 -0.20 6.25 2.76
CA LEU A 49 -0.62 5.46 1.57
C LEU A 49 -1.45 4.27 2.03
N ASN A 50 -1.59 4.09 3.33
CA ASN A 50 -2.39 2.93 3.86
C ASN A 50 -3.86 3.18 3.57
N HIS A 51 -4.25 4.41 3.45
CA HIS A 51 -5.67 4.70 3.16
C HIS A 51 -6.11 3.73 2.07
N SER A 52 -5.19 3.32 1.24
CA SER A 52 -5.52 2.37 0.17
C SER A 52 -4.49 1.21 0.15
N LEU A 53 -3.46 1.30 0.95
CA LEU A 53 -2.45 0.19 0.97
C LEU A 53 -2.91 -0.89 1.94
N ARG A 54 -3.84 -0.57 2.79
CA ARG A 54 -4.35 -1.59 3.72
C ARG A 54 -4.80 -2.78 2.87
N LEU A 55 -5.10 -2.53 1.61
CA LEU A 55 -5.54 -3.61 0.70
C LEU A 55 -4.42 -4.64 0.55
N ALA A 56 -3.20 -4.17 0.45
CA ALA A 56 -2.02 -5.07 0.31
C ALA A 56 -2.29 -6.40 1.03
N ALA A 57 -2.98 -6.34 2.14
CA ALA A 57 -3.28 -7.59 2.90
C ALA A 57 -4.72 -8.01 2.60
N MET A 58 -5.60 -7.06 2.43
CA MET A 58 -7.03 -7.40 2.12
C MET A 58 -7.10 -8.10 0.76
N THR A 59 -7.07 -9.40 0.75
CA THR A 59 -7.13 -10.14 -0.55
C THR A 59 -8.59 -10.41 -0.93
N ALA A 60 -9.51 -9.64 -0.42
CA ALA A 60 -10.93 -9.85 -0.76
C ALA A 60 -11.50 -8.59 -1.43
N HIS A 61 -11.45 -7.49 -0.72
CA HIS A 61 -11.97 -6.21 -1.27
C HIS A 61 -13.23 -6.46 -2.11
N GLY A 62 -14.39 -6.35 -1.52
CA GLY A 62 -15.63 -6.59 -2.29
C GLY A 62 -16.03 -5.31 -3.03
N LYS A 63 -15.22 -4.87 -3.95
CA LYS A 63 -15.55 -3.61 -4.70
C LYS A 63 -14.79 -3.61 -6.03
N GLY A 64 -13.55 -3.99 -6.03
CA GLY A 64 -12.77 -4.00 -7.29
C GLY A 64 -11.31 -4.39 -7.01
N GLU A 65 -10.92 -5.57 -7.41
CA GLU A 65 -9.53 -6.01 -7.18
C GLU A 65 -9.13 -7.03 -8.25
N ARG A 66 -7.89 -7.02 -8.67
CA ARG A 66 -7.45 -7.97 -9.72
C ARG A 66 -6.92 -9.25 -9.06
N VAL A 67 -5.97 -9.89 -9.67
CA VAL A 67 -5.41 -11.14 -9.07
C VAL A 67 -3.95 -11.32 -9.50
N ASN A 68 -3.14 -10.32 -9.28
CA ASN A 68 -1.70 -10.44 -9.68
C ASN A 68 -1.00 -9.10 -9.44
N GLU A 69 0.19 -8.94 -9.98
CA GLU A 69 0.93 -7.66 -9.79
C GLU A 69 -0.04 -6.49 -9.92
N ASP A 70 -0.92 -6.52 -10.89
CA ASP A 70 -1.88 -5.40 -11.06
C ASP A 70 -2.74 -5.29 -9.81
N TYR A 71 -3.38 -6.37 -9.42
CA TYR A 71 -4.27 -6.37 -8.20
C TYR A 71 -3.86 -5.25 -7.25
N LEU A 72 -2.60 -5.20 -6.95
CA LEU A 72 -2.12 -4.16 -6.02
C LEU A 72 -2.61 -2.80 -6.44
N ARG A 73 -2.24 -2.36 -7.60
CA ARG A 73 -2.71 -1.01 -8.03
C ARG A 73 -4.24 -1.05 -8.15
N GLN A 74 -4.79 -2.08 -8.71
CA GLN A 74 -6.26 -2.14 -8.83
C GLN A 74 -6.87 -2.18 -7.43
N ALA A 75 -6.04 -2.37 -6.45
CA ALA A 75 -6.53 -2.44 -5.05
C ALA A 75 -6.49 -1.04 -4.45
N PHE A 76 -5.33 -0.47 -4.41
CA PHE A 76 -5.15 0.89 -3.84
C PHE A 76 -5.13 1.94 -4.97
N ARG A 77 -5.75 1.67 -6.09
CA ARG A 77 -5.74 2.66 -7.20
C ARG A 77 -7.03 2.56 -8.01
N GLU A 78 -7.52 1.36 -8.20
CA GLU A 78 -8.78 1.19 -8.99
C GLU A 78 -9.89 2.04 -8.36
N LEU A 79 -9.73 2.43 -7.13
CA LEU A 79 -10.79 3.24 -6.46
C LEU A 79 -10.40 4.73 -6.48
N ASP A 80 -9.41 5.12 -5.71
CA ASP A 80 -9.04 6.56 -5.70
C ASP A 80 -8.09 6.91 -4.56
N LEU A 81 -8.35 6.40 -3.39
CA LEU A 81 -7.49 6.73 -2.22
C LEU A 81 -7.93 8.08 -1.65
N ASP A 82 -9.19 8.38 -1.71
CA ASP A 82 -9.67 9.69 -1.16
C ASP A 82 -10.97 9.51 -0.37
N VAL A 83 -11.68 8.43 -0.58
CA VAL A 83 -12.96 8.23 0.17
C VAL A 83 -13.51 6.83 -0.12
N ASP A 84 -13.31 6.35 -1.31
CA ASP A 84 -13.82 4.99 -1.66
C ASP A 84 -13.12 3.96 -0.77
N ILE A 85 -11.87 4.17 -0.48
CA ILE A 85 -11.14 3.20 0.39
C ILE A 85 -11.29 3.63 1.85
N SER A 86 -11.98 4.71 2.10
CA SER A 86 -12.16 5.17 3.49
C SER A 86 -13.15 4.25 4.19
N THR A 87 -13.36 4.45 5.45
CA THR A 87 -14.33 3.60 6.19
C THR A 87 -15.62 4.38 6.33
N LEU A 88 -15.62 5.61 5.89
CA LEU A 88 -16.81 6.46 6.03
C LEU A 88 -17.35 6.83 4.64
N LEU A 89 -18.63 7.00 4.50
CA LEU A 89 -19.20 7.37 3.18
C LEU A 89 -20.68 7.74 3.34
N ARG A 90 -21.44 6.92 4.00
CA ARG A 90 -22.88 7.23 4.19
C ARG A 90 -23.25 7.04 5.66
N ASN A 91 -23.11 5.85 6.17
CA ASN A 91 -23.45 5.60 7.60
C ASN A 91 -22.49 6.38 8.50
N GLY A 1 9.50 28.15 11.95
CA GLY A 1 10.59 27.49 11.10
C GLY A 1 10.21 26.45 10.09
N SER A 2 9.24 25.64 10.41
CA SER A 2 8.82 24.58 9.45
C SER A 2 7.38 24.16 9.75
N ARG A 3 6.42 24.70 9.05
CA ARG A 3 5.00 24.31 9.31
C ARG A 3 4.62 23.15 8.40
N ILE A 4 5.54 22.30 8.08
CA ILE A 4 5.22 21.15 7.19
C ILE A 4 5.27 19.84 7.99
N ALA A 5 4.51 18.86 7.58
CA ALA A 5 4.51 17.57 8.32
C ALA A 5 5.93 16.99 8.33
N LYS A 6 6.38 16.50 9.45
CA LYS A 6 7.75 15.93 9.51
C LYS A 6 7.67 14.40 9.45
N ARG A 7 8.14 13.82 8.37
CA ARG A 7 8.09 12.33 8.26
C ARG A 7 9.16 11.72 9.17
N THR A 8 8.97 10.50 9.57
CA THR A 8 9.97 9.84 10.45
C THR A 8 10.72 8.76 9.67
N ALA A 9 10.04 7.75 9.23
CA ALA A 9 10.72 6.67 8.45
C ALA A 9 10.52 6.90 6.96
N ILE A 10 10.82 5.92 6.15
CA ILE A 10 10.66 6.07 4.68
C ILE A 10 9.27 5.59 4.25
N ASN A 11 8.97 4.33 4.44
CA ASN A 11 7.63 3.82 4.03
C ASN A 11 7.48 3.99 2.51
N LYS A 12 7.78 2.98 1.75
CA LYS A 12 7.64 3.08 0.27
C LYS A 12 8.08 4.48 -0.18
N THR A 13 9.36 4.77 -0.08
CA THR A 13 9.86 6.13 -0.48
C THR A 13 9.09 6.66 -1.70
N LYS A 14 8.99 7.95 -1.81
CA LYS A 14 8.26 8.53 -2.98
C LYS A 14 8.69 7.81 -4.24
N LYS A 15 9.96 7.53 -4.38
CA LYS A 15 10.43 6.80 -5.58
C LYS A 15 9.74 5.43 -5.62
N ALA A 16 9.73 4.74 -4.51
CA ALA A 16 9.07 3.41 -4.47
C ALA A 16 7.61 3.58 -4.02
N ASP A 17 7.08 4.76 -4.15
CA ASP A 17 5.67 5.00 -3.74
C ASP A 17 4.74 4.39 -4.79
N VAL A 18 5.18 4.29 -6.00
CA VAL A 18 4.33 3.71 -7.07
C VAL A 18 4.91 2.36 -7.51
N LYS A 19 6.17 2.14 -7.29
CA LYS A 19 6.76 0.83 -7.68
C LYS A 19 6.60 -0.14 -6.51
N ALA A 20 6.55 0.35 -5.30
CA ALA A 20 6.35 -0.54 -4.13
C ALA A 20 4.91 -1.04 -4.19
N ILE A 21 3.99 -0.16 -4.46
CA ILE A 21 2.57 -0.58 -4.57
C ILE A 21 2.47 -1.81 -5.46
N ALA A 22 3.44 -2.03 -6.31
CA ALA A 22 3.37 -3.22 -7.22
C ALA A 22 4.09 -4.43 -6.61
N ASP A 23 5.35 -4.29 -6.29
CA ASP A 23 6.11 -5.44 -5.71
C ASP A 23 6.08 -5.41 -4.17
N ALA A 24 5.14 -4.70 -3.60
CA ALA A 24 5.10 -4.59 -2.09
C ALA A 24 4.15 -5.60 -1.45
N TRP A 25 2.94 -5.69 -1.93
CA TRP A 25 1.97 -6.60 -1.28
C TRP A 25 1.92 -7.94 -2.02
N GLN A 26 0.77 -8.56 -2.09
CA GLN A 26 0.67 -9.88 -2.78
C GLN A 26 0.90 -9.70 -4.28
N ILE A 27 2.15 -9.64 -4.69
CA ILE A 27 2.47 -9.46 -6.13
C ILE A 27 3.18 -10.73 -6.62
N ASN A 28 3.85 -11.41 -5.73
CA ASN A 28 4.57 -12.66 -6.12
C ASN A 28 4.70 -13.57 -4.90
N GLY A 29 4.94 -13.01 -3.75
CA GLY A 29 5.08 -13.85 -2.53
C GLY A 29 6.56 -13.95 -2.16
N GLU A 30 7.42 -13.85 -3.13
CA GLU A 30 8.88 -13.92 -2.85
C GLU A 30 9.50 -12.54 -3.06
N LYS A 31 8.93 -11.76 -3.93
CA LYS A 31 9.48 -10.39 -4.18
C LYS A 31 8.81 -9.39 -3.23
N GLU A 32 7.56 -9.61 -2.89
CA GLU A 32 6.88 -8.68 -1.96
C GLU A 32 7.48 -8.85 -0.56
N LEU A 33 7.84 -10.05 -0.21
CA LEU A 33 8.43 -10.28 1.13
C LEU A 33 9.68 -9.40 1.28
N GLU A 34 10.40 -9.19 0.21
CA GLU A 34 11.62 -8.36 0.28
C GLU A 34 11.26 -6.90 0.63
N LEU A 35 10.43 -6.27 -0.16
CA LEU A 35 10.07 -4.86 0.13
C LEU A 35 9.70 -4.73 1.60
N LEU A 36 8.76 -5.50 2.07
CA LEU A 36 8.37 -5.40 3.49
C LEU A 36 9.54 -5.86 4.37
N GLN A 37 10.41 -6.66 3.83
CA GLN A 37 11.57 -7.11 4.63
C GLN A 37 12.33 -5.87 5.12
N GLN A 38 12.07 -4.75 4.52
CA GLN A 38 12.75 -3.50 4.93
C GLN A 38 11.76 -2.34 4.85
N ILE A 39 10.48 -2.60 4.85
CA ILE A 39 9.52 -1.45 4.75
C ILE A 39 8.54 -1.40 5.94
N ALA A 40 8.14 -2.52 6.48
CA ALA A 40 7.17 -2.45 7.63
C ALA A 40 7.95 -2.12 8.89
N GLN A 41 9.24 -2.09 8.77
CA GLN A 41 10.08 -1.79 9.95
C GLN A 41 10.61 -0.37 9.82
N LYS A 42 10.48 0.20 8.66
CA LYS A 42 10.91 1.59 8.47
C LYS A 42 9.84 2.41 7.70
N PRO A 43 8.57 2.13 7.95
CA PRO A 43 7.47 2.85 7.29
C PRO A 43 7.31 4.26 7.87
N GLY A 44 6.78 4.38 9.07
CA GLY A 44 6.59 5.73 9.66
C GLY A 44 5.86 6.59 8.63
N ALA A 45 4.98 5.99 7.87
CA ALA A 45 4.23 6.77 6.84
C ALA A 45 3.24 5.85 6.09
N LEU A 46 3.47 4.56 6.07
CA LEU A 46 2.54 3.63 5.37
C LEU A 46 1.10 4.07 5.65
N ARG A 47 0.85 4.60 6.82
CA ARG A 47 -0.54 5.06 7.17
C ARG A 47 -1.12 5.95 6.05
N ILE A 48 -0.41 6.98 5.67
CA ILE A 48 -0.93 7.89 4.61
C ILE A 48 -1.45 7.06 3.42
N LEU A 49 -0.57 6.42 2.71
CA LEU A 49 -1.01 5.59 1.54
C LEU A 49 -1.76 4.37 2.07
N ASN A 50 -1.76 4.17 3.36
CA ASN A 50 -2.48 2.99 3.93
C ASN A 50 -3.96 3.15 3.67
N HIS A 51 -4.41 4.38 3.58
CA HIS A 51 -5.85 4.63 3.31
C HIS A 51 -6.29 3.64 2.23
N SER A 52 -5.38 3.26 1.37
CA SER A 52 -5.72 2.29 0.31
C SER A 52 -4.63 1.21 0.23
N LEU A 53 -3.61 1.31 1.03
CA LEU A 53 -2.54 0.27 1.00
C LEU A 53 -2.92 -0.84 1.97
N ARG A 54 -3.85 -0.59 2.82
CA ARG A 54 -4.28 -1.65 3.76
C ARG A 54 -4.66 -2.87 2.91
N LEU A 55 -5.01 -2.65 1.67
CA LEU A 55 -5.38 -3.77 0.76
C LEU A 55 -4.19 -4.71 0.61
N ALA A 56 -3.00 -4.15 0.54
CA ALA A 56 -1.76 -4.97 0.40
C ALA A 56 -1.94 -6.31 1.11
N ALA A 57 -2.63 -6.32 2.21
CA ALA A 57 -2.87 -7.60 2.94
C ALA A 57 -4.30 -8.08 2.62
N MET A 58 -5.22 -7.17 2.45
CA MET A 58 -6.62 -7.56 2.14
C MET A 58 -6.66 -8.25 0.77
N THR A 59 -6.46 -9.53 0.74
CA THR A 59 -6.50 -10.25 -0.57
C THR A 59 -7.93 -10.72 -0.81
N ALA A 60 -8.87 -10.16 -0.12
CA ALA A 60 -10.29 -10.57 -0.31
C ALA A 60 -11.18 -9.33 -0.47
N HIS A 61 -10.60 -8.21 -0.84
CA HIS A 61 -11.41 -6.96 -1.00
C HIS A 61 -12.78 -7.31 -1.59
N GLY A 62 -12.81 -8.11 -2.61
CA GLY A 62 -14.12 -8.50 -3.22
C GLY A 62 -14.81 -7.24 -3.74
N LYS A 63 -14.11 -6.44 -4.49
CA LYS A 63 -14.72 -5.20 -5.04
C LYS A 63 -13.72 -4.52 -5.97
N GLY A 64 -12.45 -4.58 -5.66
CA GLY A 64 -11.44 -3.95 -6.53
C GLY A 64 -10.09 -4.64 -6.33
N GLU A 65 -9.96 -5.85 -6.80
CA GLU A 65 -8.67 -6.58 -6.63
C GLU A 65 -8.46 -7.53 -7.81
N ARG A 66 -7.51 -7.23 -8.66
CA ARG A 66 -7.25 -8.12 -9.82
C ARG A 66 -6.70 -9.46 -9.32
N VAL A 67 -5.43 -9.74 -9.54
CA VAL A 67 -4.87 -11.04 -9.07
C VAL A 67 -3.40 -11.14 -9.48
N ASN A 68 -2.60 -10.17 -9.12
CA ASN A 68 -1.16 -10.21 -9.49
C ASN A 68 -0.54 -8.82 -9.28
N GLU A 69 0.62 -8.60 -9.83
CA GLU A 69 1.28 -7.27 -9.67
C GLU A 69 0.24 -6.16 -9.88
N ASP A 70 -0.65 -6.33 -10.81
CA ASP A 70 -1.68 -5.28 -11.04
C ASP A 70 -2.58 -5.19 -9.82
N TYR A 71 -3.13 -6.31 -9.38
CA TYR A 71 -4.03 -6.31 -8.18
C TYR A 71 -3.70 -5.15 -7.25
N LEU A 72 -2.46 -5.06 -6.87
CA LEU A 72 -2.06 -3.99 -5.95
C LEU A 72 -2.50 -2.63 -6.45
N ARG A 73 -2.13 -2.30 -7.63
CA ARG A 73 -2.53 -0.97 -8.16
C ARG A 73 -4.02 -1.00 -8.49
N GLN A 74 -4.60 -2.17 -8.53
CA GLN A 74 -6.05 -2.25 -8.80
C GLN A 74 -6.76 -2.39 -7.44
N ALA A 75 -6.00 -2.32 -6.39
CA ALA A 75 -6.56 -2.45 -5.02
C ALA A 75 -6.56 -1.07 -4.36
N PHE A 76 -5.40 -0.46 -4.34
CA PHE A 76 -5.27 0.88 -3.72
C PHE A 76 -5.34 1.94 -4.84
N ARG A 77 -6.02 1.65 -5.90
CA ARG A 77 -6.09 2.62 -7.02
C ARG A 77 -7.41 2.47 -7.77
N GLU A 78 -7.83 1.24 -7.96
CA GLU A 78 -9.11 1.01 -8.68
C GLU A 78 -10.24 1.78 -7.97
N LEU A 79 -10.02 2.19 -6.77
CA LEU A 79 -11.08 2.94 -6.03
C LEU A 79 -10.77 4.45 -6.07
N ASP A 80 -9.75 4.88 -5.39
CA ASP A 80 -9.43 6.35 -5.41
C ASP A 80 -8.42 6.71 -4.32
N LEU A 81 -8.63 6.21 -3.13
CA LEU A 81 -7.72 6.54 -2.01
C LEU A 81 -8.17 7.85 -1.40
N ASP A 82 -9.38 7.89 -0.91
CA ASP A 82 -9.88 9.13 -0.29
C ASP A 82 -11.31 8.95 0.23
N VAL A 83 -12.04 8.02 -0.31
CA VAL A 83 -13.44 7.82 0.18
C VAL A 83 -13.88 6.35 0.01
N ASP A 84 -13.70 5.79 -1.14
CA ASP A 84 -14.13 4.37 -1.36
C ASP A 84 -13.34 3.43 -0.43
N ILE A 85 -12.10 3.74 -0.16
CA ILE A 85 -11.30 2.86 0.74
C ILE A 85 -11.41 3.36 2.17
N SER A 86 -12.22 4.35 2.41
CA SER A 86 -12.37 4.88 3.80
C SER A 86 -13.44 4.08 4.52
N THR A 87 -14.20 4.71 5.38
CA THR A 87 -15.27 3.98 6.10
C THR A 87 -16.59 4.30 5.40
N LEU A 88 -16.50 4.94 4.28
CA LEU A 88 -17.70 5.34 3.53
C LEU A 88 -17.77 4.55 2.21
N LEU A 89 -18.35 3.38 2.23
CA LEU A 89 -18.44 2.58 0.98
C LEU A 89 -19.86 2.64 0.43
N ARG A 90 -20.81 2.05 1.11
CA ARG A 90 -22.21 2.09 0.63
C ARG A 90 -22.75 3.52 0.66
N ASN A 91 -22.96 4.04 1.84
CA ASN A 91 -23.48 5.44 1.94
C ASN A 91 -22.32 6.43 1.74
N GLY A 1 -4.00 -2.37 17.34
CA GLY A 1 -2.74 -2.31 18.20
C GLY A 1 -2.36 -1.01 18.83
N SER A 2 -1.37 -0.36 18.31
CA SER A 2 -0.93 0.94 18.88
C SER A 2 -1.02 2.03 17.81
N ARG A 3 -2.02 2.88 17.90
CA ARG A 3 -2.16 3.96 16.88
C ARG A 3 -1.56 5.25 17.43
N ILE A 4 -0.39 5.16 18.01
CA ILE A 4 0.25 6.40 18.56
C ILE A 4 1.06 7.09 17.45
N ALA A 5 1.73 8.15 17.77
CA ALA A 5 2.53 8.87 16.73
C ALA A 5 3.89 8.19 16.59
N LYS A 6 4.16 7.62 15.45
CA LYS A 6 5.48 6.94 15.23
C LYS A 6 6.38 7.85 14.39
N ARG A 7 7.65 7.80 14.64
CA ARG A 7 8.60 8.66 13.87
C ARG A 7 8.25 8.60 12.39
N THR A 8 8.85 9.43 11.59
CA THR A 8 8.56 9.41 10.13
C THR A 8 9.70 8.70 9.40
N ALA A 9 9.49 7.47 9.02
CA ALA A 9 10.55 6.72 8.29
C ALA A 9 10.30 6.82 6.78
N ILE A 10 11.03 6.08 5.99
CA ILE A 10 10.84 6.15 4.52
C ILE A 10 9.44 5.67 4.15
N ASN A 11 9.15 4.42 4.36
CA ASN A 11 7.81 3.89 4.00
C ASN A 11 7.59 4.05 2.50
N LYS A 12 8.04 3.12 1.72
CA LYS A 12 7.87 3.25 0.24
C LYS A 12 8.26 4.66 -0.18
N THR A 13 9.53 4.97 -0.15
CA THR A 13 9.99 6.34 -0.54
C THR A 13 9.24 6.81 -1.78
N LYS A 14 9.31 8.07 -2.09
CA LYS A 14 8.60 8.58 -3.30
C LYS A 14 8.91 7.65 -4.48
N LYS A 15 10.15 7.34 -4.70
CA LYS A 15 10.50 6.42 -5.82
C LYS A 15 9.87 5.07 -5.56
N ALA A 16 9.91 4.61 -4.34
CA ALA A 16 9.31 3.29 -4.01
C ALA A 16 7.86 3.49 -3.55
N ASP A 17 7.23 4.55 -4.00
CA ASP A 17 5.82 4.81 -3.59
C ASP A 17 4.87 4.19 -4.64
N VAL A 18 5.29 4.19 -5.87
CA VAL A 18 4.43 3.61 -6.93
C VAL A 18 4.97 2.24 -7.33
N LYS A 19 6.24 2.01 -7.10
CA LYS A 19 6.84 0.70 -7.44
C LYS A 19 6.65 -0.26 -6.26
N ALA A 20 6.60 0.26 -5.08
CA ALA A 20 6.41 -0.60 -3.88
C ALA A 20 4.97 -1.09 -3.84
N ILE A 21 4.07 -0.42 -4.49
CA ILE A 21 2.66 -0.88 -4.48
C ILE A 21 2.52 -2.07 -5.42
N ALA A 22 3.32 -2.14 -6.44
CA ALA A 22 3.21 -3.29 -7.39
C ALA A 22 4.10 -4.45 -6.94
N ASP A 23 5.22 -4.16 -6.33
CA ASP A 23 6.14 -5.25 -5.86
C ASP A 23 5.85 -5.61 -4.41
N ALA A 24 5.14 -4.79 -3.69
CA ALA A 24 4.85 -5.12 -2.27
C ALA A 24 3.50 -5.85 -2.17
N TRP A 25 3.12 -6.23 -0.98
CA TRP A 25 1.84 -6.96 -0.78
C TRP A 25 1.98 -8.35 -1.43
N GLN A 26 0.93 -8.86 -2.02
CA GLN A 26 1.01 -10.21 -2.64
C GLN A 26 1.26 -10.10 -4.15
N ILE A 27 2.44 -9.67 -4.55
CA ILE A 27 2.73 -9.56 -6.02
C ILE A 27 3.48 -10.83 -6.46
N ASN A 28 3.95 -11.59 -5.51
CA ASN A 28 4.69 -12.83 -5.86
C ASN A 28 4.90 -13.67 -4.60
N GLY A 29 5.13 -13.02 -3.49
CA GLY A 29 5.36 -13.77 -2.22
C GLY A 29 6.85 -13.83 -1.92
N GLU A 30 7.66 -13.71 -2.94
CA GLU A 30 9.13 -13.74 -2.74
C GLU A 30 9.70 -12.35 -3.04
N LYS A 31 9.07 -11.62 -3.93
CA LYS A 31 9.57 -10.27 -4.27
C LYS A 31 8.90 -9.24 -3.34
N GLU A 32 7.70 -9.52 -2.89
CA GLU A 32 7.01 -8.57 -1.99
C GLU A 32 7.54 -8.75 -0.57
N LEU A 33 7.92 -9.95 -0.21
CA LEU A 33 8.45 -10.17 1.15
C LEU A 33 9.73 -9.35 1.34
N GLU A 34 10.46 -9.13 0.27
CA GLU A 34 11.72 -8.36 0.37
C GLU A 34 11.40 -6.89 0.69
N LEU A 35 10.65 -6.22 -0.17
CA LEU A 35 10.32 -4.81 0.09
C LEU A 35 9.92 -4.65 1.55
N LEU A 36 8.94 -5.41 1.99
CA LEU A 36 8.51 -5.30 3.39
C LEU A 36 9.64 -5.70 4.34
N GLN A 37 10.49 -6.58 3.92
CA GLN A 37 11.60 -6.99 4.80
C GLN A 37 12.35 -5.75 5.26
N GLN A 38 12.21 -4.67 4.53
CA GLN A 38 12.90 -3.41 4.93
C GLN A 38 11.95 -2.22 4.79
N ILE A 39 10.66 -2.47 4.73
CA ILE A 39 9.71 -1.33 4.59
C ILE A 39 8.76 -1.25 5.80
N ALA A 40 8.20 -2.35 6.22
CA ALA A 40 7.28 -2.29 7.41
C ALA A 40 8.16 -2.08 8.63
N GLN A 41 9.44 -2.19 8.44
CA GLN A 41 10.39 -1.98 9.55
C GLN A 41 10.81 -0.52 9.57
N LYS A 42 10.56 0.17 8.49
CA LYS A 42 10.93 1.61 8.41
C LYS A 42 9.84 2.46 7.73
N PRO A 43 8.59 2.16 7.98
CA PRO A 43 7.47 2.91 7.41
C PRO A 43 7.32 4.27 8.11
N GLY A 44 6.68 4.28 9.24
CA GLY A 44 6.48 5.56 9.97
C GLY A 44 5.73 6.52 9.04
N ALA A 45 5.13 5.99 8.01
CA ALA A 45 4.40 6.89 7.06
C ALA A 45 3.33 6.11 6.27
N LEU A 46 3.16 4.82 6.48
CA LEU A 46 2.11 4.09 5.73
C LEU A 46 0.82 4.92 5.74
N ARG A 47 0.13 4.92 6.85
CA ARG A 47 -1.14 5.71 7.02
C ARG A 47 -1.57 6.44 5.74
N ILE A 48 -0.85 7.48 5.36
CA ILE A 48 -1.23 8.25 4.14
C ILE A 48 -1.57 7.28 2.98
N LEU A 49 -0.66 6.44 2.55
CA LEU A 49 -1.00 5.49 1.45
C LEU A 49 -1.73 4.28 2.05
N ASN A 50 -1.67 4.12 3.34
CA ASN A 50 -2.36 2.96 3.98
C ASN A 50 -3.85 3.08 3.75
N HIS A 51 -4.36 4.27 3.67
CA HIS A 51 -5.82 4.44 3.45
C HIS A 51 -6.26 3.43 2.39
N SER A 52 -5.38 3.08 1.49
CA SER A 52 -5.74 2.08 0.46
C SER A 52 -4.66 1.01 0.40
N LEU A 53 -3.62 1.15 1.18
CA LEU A 53 -2.54 0.10 1.17
C LEU A 53 -2.94 -1.01 2.13
N ARG A 54 -3.90 -0.77 2.96
CA ARG A 54 -4.34 -1.85 3.87
C ARG A 54 -4.75 -3.03 2.99
N LEU A 55 -5.03 -2.76 1.74
CA LEU A 55 -5.43 -3.84 0.78
C LEU A 55 -4.27 -4.81 0.62
N ALA A 56 -3.06 -4.29 0.56
CA ALA A 56 -1.85 -5.16 0.40
C ALA A 56 -2.07 -6.51 1.08
N ALA A 57 -2.76 -6.51 2.19
CA ALA A 57 -3.04 -7.79 2.90
C ALA A 57 -4.46 -8.27 2.53
N MET A 58 -5.37 -7.36 2.36
CA MET A 58 -6.76 -7.75 1.99
C MET A 58 -6.78 -8.24 0.54
N THR A 59 -6.54 -9.51 0.33
CA THR A 59 -6.54 -10.04 -1.06
C THR A 59 -7.97 -10.35 -1.49
N ALA A 60 -8.93 -10.04 -0.67
CA ALA A 60 -10.34 -10.32 -1.04
C ALA A 60 -10.96 -9.07 -1.66
N HIS A 61 -11.16 -8.04 -0.88
CA HIS A 61 -11.76 -6.78 -1.40
C HIS A 61 -12.84 -7.10 -2.43
N GLY A 62 -13.99 -7.52 -1.98
CA GLY A 62 -15.08 -7.85 -2.95
C GLY A 62 -15.55 -6.56 -3.65
N LYS A 63 -14.89 -6.19 -4.71
CA LYS A 63 -15.29 -4.94 -5.42
C LYS A 63 -14.30 -4.65 -6.55
N GLY A 64 -13.04 -4.95 -6.35
CA GLY A 64 -12.04 -4.69 -7.41
C GLY A 64 -10.92 -5.74 -7.35
N GLU A 65 -9.90 -5.48 -6.58
CA GLU A 65 -8.75 -6.45 -6.44
C GLU A 65 -8.59 -7.31 -7.70
N ARG A 66 -7.67 -6.94 -8.56
CA ARG A 66 -7.46 -7.73 -9.81
C ARG A 66 -6.95 -9.15 -9.45
N VAL A 67 -5.71 -9.46 -9.73
CA VAL A 67 -5.19 -10.82 -9.40
C VAL A 67 -3.75 -10.96 -9.88
N ASN A 68 -2.96 -9.93 -9.75
CA ASN A 68 -1.55 -10.01 -10.20
C ASN A 68 -0.82 -8.72 -9.80
N GLU A 69 0.36 -8.50 -10.31
CA GLU A 69 1.09 -7.26 -9.95
C GLU A 69 0.15 -6.08 -10.10
N ASP A 70 -0.82 -6.19 -10.97
CA ASP A 70 -1.78 -5.07 -11.13
C ASP A 70 -2.69 -5.03 -9.90
N TYR A 71 -3.17 -6.17 -9.48
CA TYR A 71 -4.07 -6.24 -8.27
C TYR A 71 -3.69 -5.14 -7.29
N LEU A 72 -2.45 -5.06 -6.96
CA LEU A 72 -2.02 -4.06 -5.97
C LEU A 72 -2.47 -2.68 -6.39
N ARG A 73 -2.13 -2.27 -7.57
CA ARG A 73 -2.55 -0.92 -8.03
C ARG A 73 -4.05 -0.94 -8.32
N GLN A 74 -4.64 -2.09 -8.35
CA GLN A 74 -6.11 -2.16 -8.58
C GLN A 74 -6.76 -2.32 -7.21
N ALA A 75 -5.95 -2.42 -6.20
CA ALA A 75 -6.45 -2.58 -4.81
C ALA A 75 -6.43 -1.20 -4.14
N PHE A 76 -5.28 -0.60 -4.12
CA PHE A 76 -5.13 0.74 -3.52
C PHE A 76 -5.18 1.81 -4.62
N ARG A 77 -5.92 1.58 -5.65
CA ARG A 77 -5.98 2.59 -6.74
C ARG A 77 -7.24 2.43 -7.57
N GLU A 78 -7.62 1.21 -7.87
CA GLU A 78 -8.86 1.00 -8.68
C GLU A 78 -10.01 1.78 -8.04
N LEU A 79 -9.90 2.11 -6.78
CA LEU A 79 -10.99 2.87 -6.12
C LEU A 79 -10.68 4.37 -6.12
N ASP A 80 -9.65 4.78 -5.43
CA ASP A 80 -9.33 6.24 -5.41
C ASP A 80 -8.35 6.57 -4.28
N LEU A 81 -8.55 6.03 -3.11
CA LEU A 81 -7.67 6.32 -1.96
C LEU A 81 -8.15 7.60 -1.30
N ASP A 82 -9.38 7.65 -0.90
CA ASP A 82 -9.90 8.88 -0.24
C ASP A 82 -11.25 8.63 0.43
N VAL A 83 -12.04 7.75 -0.13
CA VAL A 83 -13.37 7.48 0.48
C VAL A 83 -13.82 6.04 0.18
N ASP A 84 -13.55 5.56 -1.00
CA ASP A 84 -13.96 4.17 -1.34
C ASP A 84 -13.20 3.18 -0.47
N ILE A 85 -12.00 3.51 -0.10
CA ILE A 85 -11.20 2.60 0.77
C ILE A 85 -11.31 3.06 2.23
N SER A 86 -12.18 3.99 2.49
CA SER A 86 -12.34 4.49 3.88
C SER A 86 -13.15 3.47 4.69
N THR A 87 -13.82 3.90 5.74
CA THR A 87 -14.64 2.96 6.55
C THR A 87 -16.09 3.13 6.14
N LEU A 88 -16.35 3.99 5.20
CA LEU A 88 -17.73 4.24 4.75
C LEU A 88 -17.92 3.74 3.32
N LEU A 89 -18.80 2.80 3.12
CA LEU A 89 -19.02 2.27 1.75
C LEU A 89 -20.52 2.24 1.45
N ARG A 90 -21.24 1.35 2.06
CA ARG A 90 -22.70 1.27 1.80
C ARG A 90 -23.42 2.35 2.63
N ASN A 91 -24.71 2.21 2.82
CA ASN A 91 -25.45 3.23 3.61
C ASN A 91 -25.40 2.86 5.10
N GLY A 1 3.34 18.58 17.07
CA GLY A 1 4.48 17.70 17.61
C GLY A 1 5.87 18.21 17.58
N SER A 2 6.78 17.46 17.01
CA SER A 2 8.19 17.92 16.96
C SER A 2 8.37 18.89 15.80
N ARG A 3 9.52 19.52 15.70
CA ARG A 3 9.75 20.48 14.59
C ARG A 3 10.25 19.72 13.35
N ILE A 4 9.53 18.72 12.92
CA ILE A 4 9.97 17.95 11.74
C ILE A 4 9.07 18.29 10.54
N ALA A 5 9.66 18.53 9.40
CA ALA A 5 8.85 18.87 8.19
C ALA A 5 8.52 17.57 7.44
N LYS A 6 9.43 16.64 7.43
CA LYS A 6 9.19 15.36 6.71
C LYS A 6 8.40 14.42 7.65
N ARG A 7 8.30 13.16 7.29
CA ARG A 7 7.56 12.20 8.15
C ARG A 7 8.50 11.64 9.21
N THR A 8 8.28 10.41 9.62
CA THR A 8 9.17 9.80 10.66
C THR A 8 10.12 8.81 10.00
N ALA A 9 9.67 7.61 9.73
CA ALA A 9 10.55 6.60 9.09
C ALA A 9 10.58 6.82 7.58
N ILE A 10 11.10 5.86 6.86
CA ILE A 10 11.18 6.01 5.37
C ILE A 10 9.92 5.41 4.72
N ASN A 11 9.85 4.11 4.62
CA ASN A 11 8.67 3.47 3.97
C ASN A 11 8.80 3.60 2.47
N LYS A 12 7.92 2.99 1.73
CA LYS A 12 8.01 3.08 0.24
C LYS A 12 8.15 4.56 -0.15
N THR A 13 9.37 5.02 -0.30
CA THR A 13 9.59 6.46 -0.65
C THR A 13 8.60 6.93 -1.72
N LYS A 14 8.30 8.20 -1.74
CA LYS A 14 7.35 8.73 -2.75
C LYS A 14 7.72 8.19 -4.13
N LYS A 15 8.97 8.27 -4.49
CA LYS A 15 9.40 7.73 -5.80
C LYS A 15 9.15 6.23 -5.83
N ALA A 16 9.38 5.58 -4.72
CA ALA A 16 9.15 4.11 -4.67
C ALA A 16 7.73 3.85 -4.17
N ASP A 17 6.86 4.80 -4.35
CA ASP A 17 5.45 4.64 -3.90
C ASP A 17 4.70 3.77 -4.91
N VAL A 18 4.96 3.97 -6.17
CA VAL A 18 4.27 3.16 -7.21
C VAL A 18 5.03 1.84 -7.39
N LYS A 19 6.24 1.77 -6.90
CA LYS A 19 7.04 0.51 -7.03
C LYS A 19 6.78 -0.37 -5.81
N ALA A 20 6.56 0.25 -4.68
CA ALA A 20 6.28 -0.54 -3.44
C ALA A 20 4.85 -1.05 -3.50
N ILE A 21 3.99 -0.37 -4.19
CA ILE A 21 2.58 -0.83 -4.27
C ILE A 21 2.51 -2.04 -5.21
N ALA A 22 3.38 -2.12 -6.18
CA ALA A 22 3.34 -3.27 -7.13
C ALA A 22 4.15 -4.45 -6.57
N ASP A 23 5.25 -4.19 -5.92
CA ASP A 23 6.08 -5.31 -5.38
C ASP A 23 5.72 -5.61 -3.94
N ALA A 24 4.95 -4.77 -3.30
CA ALA A 24 4.57 -5.05 -1.88
C ALA A 24 3.24 -5.79 -1.83
N TRP A 25 2.84 -6.20 -0.66
CA TRP A 25 1.56 -6.96 -0.51
C TRP A 25 1.68 -8.26 -1.32
N GLN A 26 0.58 -8.86 -1.64
CA GLN A 26 0.62 -10.15 -2.41
C GLN A 26 0.96 -9.93 -3.89
N ILE A 27 2.19 -9.65 -4.22
CA ILE A 27 2.57 -9.46 -5.65
C ILE A 27 3.15 -10.76 -6.18
N ASN A 28 3.70 -11.56 -5.32
CA ASN A 28 4.30 -12.85 -5.75
C ASN A 28 4.56 -13.72 -4.51
N GLY A 29 4.93 -13.11 -3.42
CA GLY A 29 5.20 -13.89 -2.18
C GLY A 29 6.71 -13.98 -1.98
N GLU A 30 7.47 -13.76 -3.00
CA GLU A 30 8.95 -13.81 -2.88
C GLU A 30 9.51 -12.41 -3.12
N LYS A 31 8.81 -11.62 -3.89
CA LYS A 31 9.28 -10.24 -4.16
C LYS A 31 8.72 -9.28 -3.12
N GLU A 32 7.49 -9.48 -2.69
CA GLU A 32 6.91 -8.55 -1.67
C GLU A 32 7.53 -8.84 -0.31
N LEU A 33 8.27 -9.92 -0.18
CA LEU A 33 8.91 -10.23 1.12
C LEU A 33 10.17 -9.38 1.24
N GLU A 34 10.81 -9.12 0.13
CA GLU A 34 12.05 -8.30 0.15
C GLU A 34 11.70 -6.86 0.56
N LEU A 35 10.82 -6.21 -0.16
CA LEU A 35 10.49 -4.80 0.21
C LEU A 35 10.20 -4.73 1.70
N LEU A 36 9.27 -5.50 2.18
CA LEU A 36 8.96 -5.48 3.63
C LEU A 36 10.17 -5.94 4.42
N GLN A 37 11.02 -6.72 3.83
CA GLN A 37 12.23 -7.18 4.56
C GLN A 37 12.97 -5.95 5.11
N GLN A 38 12.68 -4.81 4.58
CA GLN A 38 13.34 -3.57 5.06
C GLN A 38 12.33 -2.42 5.04
N ILE A 39 11.05 -2.70 4.97
CA ILE A 39 10.07 -1.57 4.93
C ILE A 39 9.08 -1.59 6.13
N ALA A 40 8.78 -2.73 6.70
CA ALA A 40 7.82 -2.71 7.85
C ALA A 40 8.57 -2.29 9.10
N GLN A 41 9.85 -2.20 9.00
CA GLN A 41 10.66 -1.82 10.16
C GLN A 41 11.09 -0.38 10.02
N LYS A 42 10.93 0.17 8.85
CA LYS A 42 11.30 1.59 8.64
C LYS A 42 10.23 2.33 7.82
N PRO A 43 8.97 1.97 7.98
CA PRO A 43 7.89 2.65 7.24
C PRO A 43 7.65 4.07 7.76
N GLY A 44 6.77 4.22 8.71
CA GLY A 44 6.50 5.59 9.23
C GLY A 44 5.76 6.36 8.14
N ALA A 45 5.24 5.66 7.17
CA ALA A 45 4.53 6.34 6.05
C ALA A 45 3.43 5.44 5.48
N LEU A 46 3.57 4.14 5.57
CA LEU A 46 2.50 3.24 5.03
C LEU A 46 1.13 3.79 5.44
N ARG A 47 1.04 4.37 6.60
CA ARG A 47 -0.26 4.93 7.07
C ARG A 47 -0.88 5.87 6.00
N ILE A 48 -0.15 6.84 5.55
CA ILE A 48 -0.71 7.77 4.52
C ILE A 48 -1.26 6.96 3.34
N LEU A 49 -0.41 6.28 2.63
CA LEU A 49 -0.90 5.49 1.48
C LEU A 49 -1.70 4.29 2.00
N ASN A 50 -1.76 4.11 3.30
CA ASN A 50 -2.54 2.96 3.86
C ASN A 50 -4.01 3.19 3.56
N HIS A 51 -4.41 4.43 3.45
CA HIS A 51 -5.82 4.74 3.15
C HIS A 51 -6.28 3.76 2.06
N SER A 52 -5.37 3.33 1.23
CA SER A 52 -5.72 2.38 0.17
C SER A 52 -4.69 1.23 0.14
N LEU A 53 -3.67 1.32 0.96
CA LEU A 53 -2.66 0.23 0.98
C LEU A 53 -3.13 -0.86 1.94
N ARG A 54 -4.12 -0.57 2.72
CA ARG A 54 -4.65 -1.60 3.65
C ARG A 54 -5.10 -2.78 2.78
N LEU A 55 -5.36 -2.52 1.52
CA LEU A 55 -5.78 -3.61 0.59
C LEU A 55 -4.66 -4.64 0.52
N ALA A 56 -3.43 -4.18 0.54
CA ALA A 56 -2.24 -5.08 0.49
C ALA A 56 -2.58 -6.42 1.15
N ALA A 57 -3.36 -6.38 2.20
CA ALA A 57 -3.76 -7.63 2.90
C ALA A 57 -5.23 -7.92 2.60
N MET A 58 -6.00 -6.90 2.37
CA MET A 58 -7.45 -7.10 2.08
C MET A 58 -7.60 -7.95 0.82
N THR A 59 -7.62 -9.25 0.96
CA THR A 59 -7.78 -10.12 -0.24
C THR A 59 -9.25 -10.48 -0.40
N ALA A 60 -10.12 -9.73 0.22
CA ALA A 60 -11.58 -10.02 0.11
C ALA A 60 -12.30 -8.80 -0.50
N HIS A 61 -11.55 -7.83 -0.95
CA HIS A 61 -12.18 -6.61 -1.55
C HIS A 61 -12.87 -6.99 -2.86
N GLY A 62 -14.08 -7.45 -2.78
CA GLY A 62 -14.82 -7.83 -4.02
C GLY A 62 -15.47 -6.60 -4.64
N LYS A 63 -14.77 -5.50 -4.68
CA LYS A 63 -15.34 -4.26 -5.27
C LYS A 63 -14.46 -3.78 -6.42
N GLY A 64 -13.20 -4.13 -6.39
CA GLY A 64 -12.27 -3.70 -7.48
C GLY A 64 -10.85 -4.14 -7.13
N GLU A 65 -10.37 -5.17 -7.77
CA GLU A 65 -8.99 -5.64 -7.46
C GLU A 65 -8.61 -6.75 -8.44
N ARG A 66 -7.44 -6.65 -9.03
CA ARG A 66 -7.00 -7.71 -9.99
C ARG A 66 -6.51 -8.93 -9.21
N VAL A 67 -5.65 -9.72 -9.79
CA VAL A 67 -5.14 -10.93 -9.09
C VAL A 67 -3.66 -11.12 -9.43
N ASN A 68 -2.89 -10.07 -9.36
CA ASN A 68 -1.43 -10.20 -9.67
C ASN A 68 -0.72 -8.88 -9.35
N GLU A 69 0.51 -8.73 -9.76
CA GLU A 69 1.23 -7.46 -9.48
C GLU A 69 0.31 -6.27 -9.75
N ASP A 70 -0.59 -6.41 -10.68
CA ASP A 70 -1.54 -5.29 -10.96
C ASP A 70 -2.49 -5.15 -9.79
N TYR A 71 -3.07 -6.24 -9.35
CA TYR A 71 -4.02 -6.21 -8.19
C TYR A 71 -3.67 -5.08 -7.25
N LEU A 72 -2.44 -5.03 -6.87
CA LEU A 72 -2.02 -4.00 -5.90
C LEU A 72 -2.37 -2.61 -6.41
N ARG A 73 -1.93 -2.28 -7.57
CA ARG A 73 -2.23 -0.93 -8.11
C ARG A 73 -3.73 -0.85 -8.43
N GLN A 74 -4.39 -1.96 -8.48
CA GLN A 74 -5.85 -1.95 -8.76
C GLN A 74 -6.59 -2.03 -7.42
N ALA A 75 -5.85 -2.20 -6.37
CA ALA A 75 -6.45 -2.31 -5.02
C ALA A 75 -6.40 -0.93 -4.37
N PHE A 76 -5.24 -0.36 -4.33
CA PHE A 76 -5.05 0.98 -3.71
C PHE A 76 -5.06 2.05 -4.80
N ARG A 77 -5.71 1.82 -5.90
CA ARG A 77 -5.71 2.84 -6.98
C ARG A 77 -7.00 2.74 -7.80
N GLU A 78 -7.33 1.56 -8.23
CA GLU A 78 -8.56 1.38 -9.04
C GLU A 78 -9.72 2.19 -8.43
N LEU A 79 -9.65 2.47 -7.15
CA LEU A 79 -10.74 3.25 -6.51
C LEU A 79 -10.39 4.74 -6.53
N ASP A 80 -9.42 5.15 -5.75
CA ASP A 80 -9.08 6.60 -5.72
C ASP A 80 -8.15 6.94 -4.55
N LEU A 81 -8.45 6.45 -3.38
CA LEU A 81 -7.63 6.76 -2.19
C LEU A 81 -8.09 8.11 -1.62
N ASP A 82 -9.38 8.32 -1.55
CA ASP A 82 -9.88 9.61 -1.00
C ASP A 82 -11.19 9.42 -0.22
N VAL A 83 -11.92 8.37 -0.50
CA VAL A 83 -13.21 8.15 0.23
C VAL A 83 -13.73 6.75 -0.09
N ASP A 84 -13.52 6.29 -1.29
CA ASP A 84 -14.02 4.93 -1.67
C ASP A 84 -13.31 3.88 -0.81
N ILE A 85 -12.07 4.09 -0.50
CA ILE A 85 -11.33 3.10 0.34
C ILE A 85 -11.46 3.51 1.81
N SER A 86 -12.19 4.58 2.08
CA SER A 86 -12.35 5.03 3.48
C SER A 86 -13.48 4.22 4.13
N THR A 87 -13.92 4.63 5.28
CA THR A 87 -15.03 3.91 5.95
C THR A 87 -16.32 4.69 5.71
N LEU A 88 -16.29 5.57 4.75
CA LEU A 88 -17.47 6.42 4.47
C LEU A 88 -18.02 6.08 3.08
N LEU A 89 -19.09 5.33 3.01
CA LEU A 89 -19.67 4.98 1.68
C LEU A 89 -21.20 5.05 1.77
N ARG A 90 -21.77 4.29 2.68
CA ARG A 90 -23.26 4.32 2.82
C ARG A 90 -23.67 5.53 3.64
N ASN A 91 -24.77 5.44 4.34
CA ASN A 91 -25.24 6.59 5.17
C ASN A 91 -24.24 6.83 6.30
N GLY A 1 -1.97 19.56 18.06
CA GLY A 1 -1.62 18.09 17.85
C GLY A 1 -0.29 17.73 17.28
N SER A 2 -0.26 16.84 16.32
CA SER A 2 1.03 16.43 15.72
C SER A 2 1.10 16.95 14.28
N ARG A 3 1.61 18.14 14.09
CA ARG A 3 1.70 18.71 12.72
C ARG A 3 3.11 18.45 12.16
N ILE A 4 3.66 17.30 12.41
CA ILE A 4 5.01 16.98 11.90
C ILE A 4 4.92 16.67 10.41
N ALA A 5 5.98 16.90 9.67
CA ALA A 5 5.95 16.61 8.21
C ALA A 5 6.65 15.28 7.93
N LYS A 6 7.96 15.27 7.96
CA LYS A 6 8.69 14.00 7.69
C LYS A 6 8.63 13.11 8.94
N ARG A 7 7.95 11.99 8.84
CA ARG A 7 7.86 11.07 10.01
C ARG A 7 9.27 10.64 10.42
N THR A 8 9.38 9.53 11.10
CA THR A 8 10.72 9.05 11.53
C THR A 8 11.21 7.97 10.58
N ALA A 9 10.37 7.02 10.25
CA ALA A 9 10.79 5.93 9.32
C ALA A 9 10.62 6.40 7.88
N ILE A 10 10.96 5.57 6.94
CA ILE A 10 10.82 5.97 5.50
C ILE A 10 9.51 5.46 4.92
N ASN A 11 9.26 4.17 4.99
CA ASN A 11 8.00 3.62 4.41
C ASN A 11 8.01 3.88 2.90
N LYS A 12 8.27 2.88 2.10
CA LYS A 12 8.29 3.10 0.63
C LYS A 12 9.05 4.40 0.33
N THR A 13 8.56 5.21 -0.57
CA THR A 13 9.26 6.49 -0.90
C THR A 13 8.55 7.18 -2.06
N LYS A 14 8.55 8.48 -2.09
CA LYS A 14 7.87 9.21 -3.21
C LYS A 14 8.16 8.49 -4.54
N LYS A 15 9.39 8.14 -4.77
CA LYS A 15 9.73 7.44 -6.05
C LYS A 15 9.26 6.00 -5.97
N ALA A 16 9.45 5.37 -4.84
CA ALA A 16 9.02 3.94 -4.70
C ALA A 16 7.59 3.91 -4.13
N ASP A 17 6.87 4.97 -4.29
CA ASP A 17 5.47 5.02 -3.76
C ASP A 17 4.56 4.26 -4.72
N VAL A 18 4.99 4.10 -5.94
CA VAL A 18 4.17 3.38 -6.93
C VAL A 18 4.84 2.04 -7.26
N LYS A 19 6.09 1.90 -6.92
CA LYS A 19 6.80 0.62 -7.20
C LYS A 19 6.56 -0.34 -6.04
N ALA A 20 6.64 0.15 -4.83
CA ALA A 20 6.41 -0.73 -3.64
C ALA A 20 4.96 -1.18 -3.64
N ILE A 21 4.12 -0.52 -4.38
CA ILE A 21 2.69 -0.92 -4.41
C ILE A 21 2.52 -2.15 -5.31
N ALA A 22 3.32 -2.28 -6.33
CA ALA A 22 3.18 -3.45 -7.25
C ALA A 22 4.07 -4.59 -6.75
N ASP A 23 5.16 -4.28 -6.11
CA ASP A 23 6.07 -5.35 -5.61
C ASP A 23 5.74 -5.70 -4.15
N ALA A 24 5.05 -4.85 -3.45
CA ALA A 24 4.73 -5.17 -2.03
C ALA A 24 3.36 -5.87 -1.96
N TRP A 25 2.94 -6.22 -0.78
CA TRP A 25 1.66 -6.94 -0.58
C TRP A 25 1.78 -8.31 -1.26
N GLN A 26 0.70 -8.85 -1.79
CA GLN A 26 0.78 -10.19 -2.44
C GLN A 26 1.02 -10.04 -3.95
N ILE A 27 2.20 -9.66 -4.36
CA ILE A 27 2.46 -9.53 -5.83
C ILE A 27 3.19 -10.79 -6.32
N ASN A 28 3.81 -11.50 -5.43
CA ASN A 28 4.52 -12.75 -5.84
C ASN A 28 4.76 -13.63 -4.62
N GLY A 29 5.15 -13.04 -3.53
CA GLY A 29 5.42 -13.85 -2.32
C GLY A 29 6.92 -13.80 -2.03
N GLU A 30 7.71 -13.68 -3.06
CA GLU A 30 9.18 -13.61 -2.86
C GLU A 30 9.67 -12.19 -3.12
N LYS A 31 9.04 -11.50 -4.03
CA LYS A 31 9.46 -10.10 -4.34
C LYS A 31 8.81 -9.15 -3.32
N GLU A 32 7.65 -9.49 -2.84
CA GLU A 32 6.97 -8.61 -1.85
C GLU A 32 7.56 -8.86 -0.46
N LEU A 33 8.18 -9.99 -0.26
CA LEU A 33 8.78 -10.27 1.07
C LEU A 33 10.04 -9.41 1.22
N GLU A 34 10.68 -9.12 0.12
CA GLU A 34 11.91 -8.29 0.16
C GLU A 34 11.56 -6.86 0.60
N LEU A 35 10.67 -6.21 -0.11
CA LEU A 35 10.30 -4.83 0.27
C LEU A 35 9.98 -4.78 1.75
N LEU A 36 9.06 -5.61 2.19
CA LEU A 36 8.72 -5.62 3.63
C LEU A 36 9.94 -6.06 4.43
N GLN A 37 10.82 -6.78 3.81
CA GLN A 37 12.04 -7.23 4.52
C GLN A 37 12.72 -6.02 5.13
N GLN A 38 12.42 -4.85 4.64
CA GLN A 38 13.04 -3.62 5.18
C GLN A 38 12.01 -2.49 5.17
N ILE A 39 10.73 -2.81 5.09
CA ILE A 39 9.72 -1.70 5.07
C ILE A 39 8.74 -1.79 6.25
N ALA A 40 8.45 -2.94 6.77
CA ALA A 40 7.48 -2.99 7.92
C ALA A 40 8.22 -2.62 9.19
N GLN A 41 9.49 -2.51 9.09
CA GLN A 41 10.30 -2.17 10.28
C GLN A 41 10.71 -0.71 10.20
N LYS A 42 10.55 -0.12 9.05
CA LYS A 42 10.89 1.32 8.92
C LYS A 42 9.81 2.08 8.13
N PRO A 43 8.56 1.72 8.29
CA PRO A 43 7.46 2.42 7.60
C PRO A 43 7.24 3.80 8.21
N GLY A 44 6.72 3.86 9.41
CA GLY A 44 6.47 5.18 10.04
C GLY A 44 5.83 6.10 9.00
N ALA A 45 5.09 5.53 8.08
CA ALA A 45 4.44 6.36 7.04
C ALA A 45 3.43 5.52 6.23
N LEU A 46 3.59 4.22 6.18
CA LEU A 46 2.62 3.38 5.41
C LEU A 46 1.21 3.89 5.66
N ARG A 47 0.94 4.39 6.83
CA ARG A 47 -0.43 4.92 7.14
C ARG A 47 -0.93 5.81 6.01
N ILE A 48 -0.16 6.80 5.64
CA ILE A 48 -0.60 7.72 4.55
C ILE A 48 -1.11 6.91 3.35
N LEU A 49 -0.24 6.23 2.65
CA LEU A 49 -0.71 5.42 1.50
C LEU A 49 -1.63 4.31 2.01
N ASN A 50 -1.66 4.10 3.29
CA ASN A 50 -2.52 3.02 3.87
C ASN A 50 -3.97 3.32 3.56
N HIS A 51 -4.31 4.56 3.39
CA HIS A 51 -5.72 4.91 3.08
C HIS A 51 -6.23 3.91 2.04
N SER A 52 -5.33 3.43 1.21
CA SER A 52 -5.72 2.42 0.20
C SER A 52 -4.69 1.29 0.19
N LEU A 53 -3.65 1.39 1.00
CA LEU A 53 -2.63 0.31 1.04
C LEU A 53 -3.11 -0.77 1.99
N ARG A 54 -4.05 -0.44 2.82
CA ARG A 54 -4.60 -1.46 3.73
C ARG A 54 -5.01 -2.66 2.86
N LEU A 55 -5.25 -2.40 1.58
CA LEU A 55 -5.63 -3.48 0.64
C LEU A 55 -4.53 -4.54 0.55
N ALA A 56 -3.29 -4.10 0.51
CA ALA A 56 -2.13 -5.04 0.43
C ALA A 56 -2.50 -6.39 1.05
N ALA A 57 -3.19 -6.37 2.16
CA ALA A 57 -3.61 -7.64 2.81
C ALA A 57 -5.08 -7.90 2.50
N MET A 58 -5.86 -6.85 2.37
CA MET A 58 -7.31 -7.03 2.06
C MET A 58 -7.47 -7.85 0.78
N THR A 59 -7.73 -9.13 0.92
CA THR A 59 -7.91 -9.98 -0.29
C THR A 59 -9.40 -10.25 -0.49
N ALA A 60 -10.24 -9.41 0.06
CA ALA A 60 -11.71 -9.61 -0.09
C ALA A 60 -12.34 -8.36 -0.69
N HIS A 61 -11.54 -7.39 -1.03
CA HIS A 61 -12.09 -6.13 -1.62
C HIS A 61 -13.09 -6.46 -2.73
N GLY A 62 -14.33 -6.64 -2.38
CA GLY A 62 -15.35 -6.98 -3.40
C GLY A 62 -15.76 -5.71 -4.15
N LYS A 63 -14.96 -5.30 -5.11
CA LYS A 63 -15.30 -4.07 -5.88
C LYS A 63 -14.23 -3.82 -6.94
N GLY A 64 -12.99 -4.10 -6.63
CA GLY A 64 -11.91 -3.87 -7.64
C GLY A 64 -10.59 -4.45 -7.11
N GLU A 65 -10.18 -5.57 -7.64
CA GLU A 65 -8.91 -6.18 -7.17
C GLU A 65 -8.42 -7.21 -8.20
N ARG A 66 -7.33 -6.92 -8.86
CA ARG A 66 -6.81 -7.87 -9.88
C ARG A 66 -6.38 -9.17 -9.18
N VAL A 67 -5.40 -9.85 -9.71
CA VAL A 67 -4.93 -11.12 -9.09
C VAL A 67 -3.43 -11.29 -9.33
N ASN A 68 -2.67 -10.23 -9.22
CA ASN A 68 -1.20 -10.34 -9.45
C ASN A 68 -0.54 -8.99 -9.15
N GLU A 69 0.66 -8.81 -9.62
CA GLU A 69 1.36 -7.52 -9.37
C GLU A 69 0.40 -6.35 -9.63
N ASP A 70 -0.46 -6.47 -10.60
CA ASP A 70 -1.42 -5.36 -10.88
C ASP A 70 -2.40 -5.26 -9.72
N TYR A 71 -3.00 -6.37 -9.33
CA TYR A 71 -3.98 -6.36 -8.19
C TYR A 71 -3.67 -5.24 -7.23
N LEU A 72 -2.45 -5.14 -6.83
CA LEU A 72 -2.06 -4.11 -5.86
C LEU A 72 -2.50 -2.75 -6.32
N ARG A 73 -2.08 -2.35 -7.48
CA ARG A 73 -2.51 -1.00 -7.96
C ARG A 73 -4.03 -1.00 -8.12
N GLN A 74 -4.58 -2.03 -8.70
CA GLN A 74 -6.06 -2.06 -8.87
C GLN A 74 -6.70 -2.12 -7.49
N ALA A 75 -5.91 -2.34 -6.50
CA ALA A 75 -6.43 -2.43 -5.12
C ALA A 75 -6.43 -1.02 -4.50
N PHE A 76 -5.27 -0.43 -4.41
CA PHE A 76 -5.14 0.92 -3.83
C PHE A 76 -5.08 1.98 -4.94
N ARG A 77 -5.60 1.69 -6.11
CA ARG A 77 -5.56 2.71 -7.21
C ARG A 77 -6.84 2.63 -8.04
N GLU A 78 -7.36 1.45 -8.22
CA GLU A 78 -8.61 1.31 -9.03
C GLU A 78 -9.74 2.15 -8.40
N LEU A 79 -9.55 2.61 -7.19
CA LEU A 79 -10.62 3.43 -6.54
C LEU A 79 -10.25 4.91 -6.59
N ASP A 80 -9.30 5.33 -5.80
CA ASP A 80 -8.94 6.78 -5.81
C ASP A 80 -7.97 7.12 -4.68
N LEU A 81 -8.25 6.68 -3.49
CA LEU A 81 -7.39 7.00 -2.33
C LEU A 81 -7.75 8.39 -1.82
N ASP A 82 -9.02 8.69 -1.75
CA ASP A 82 -9.43 10.03 -1.25
C ASP A 82 -10.74 9.92 -0.46
N VAL A 83 -11.58 8.99 -0.82
CA VAL A 83 -12.87 8.85 -0.07
C VAL A 83 -13.37 7.42 -0.20
N ASP A 84 -13.45 6.90 -1.38
CA ASP A 84 -13.94 5.50 -1.56
C ASP A 84 -13.26 4.60 -0.53
N ILE A 85 -11.96 4.44 -0.63
CA ILE A 85 -11.26 3.56 0.35
C ILE A 85 -11.56 4.05 1.76
N SER A 86 -11.83 5.32 1.92
CA SER A 86 -12.14 5.85 3.26
C SER A 86 -13.27 5.05 3.88
N THR A 87 -13.36 5.08 5.17
CA THR A 87 -14.43 4.33 5.88
C THR A 87 -15.52 5.33 6.24
N LEU A 88 -15.61 6.38 5.46
CA LEU A 88 -16.60 7.43 5.75
C LEU A 88 -17.60 7.54 4.59
N LEU A 89 -18.60 6.70 4.59
CA LEU A 89 -19.61 6.75 3.49
C LEU A 89 -20.49 5.51 3.57
N ARG A 90 -21.72 5.63 3.17
CA ARG A 90 -22.64 4.47 3.21
C ARG A 90 -24.05 4.91 2.81
N ASN A 91 -25.02 4.06 3.00
CA ASN A 91 -26.42 4.44 2.63
C ASN A 91 -27.19 4.85 3.89
N GLY A 1 18.20 18.21 14.21
CA GLY A 1 18.58 19.07 12.99
C GLY A 1 17.54 19.46 12.01
N SER A 2 17.69 19.05 10.78
CA SER A 2 16.67 19.40 9.75
C SER A 2 15.98 18.14 9.25
N ARG A 3 15.30 17.44 10.11
CA ARG A 3 14.60 16.18 9.67
C ARG A 3 13.14 16.49 9.38
N ILE A 4 12.85 17.70 8.98
CA ILE A 4 11.43 18.06 8.69
C ILE A 4 11.27 18.36 7.20
N ALA A 5 12.29 18.10 6.42
CA ALA A 5 12.20 18.38 4.96
C ALA A 5 11.53 17.19 4.27
N LYS A 6 12.14 16.04 4.29
CA LYS A 6 11.54 14.85 3.63
C LYS A 6 10.89 13.96 4.70
N ARG A 7 10.47 12.78 4.32
CA ARG A 7 9.82 11.87 5.30
C ARG A 7 10.88 11.34 6.26
N THR A 8 10.47 10.80 7.38
CA THR A 8 11.46 10.25 8.36
C THR A 8 11.99 8.90 7.85
N ALA A 9 11.13 7.92 7.79
CA ALA A 9 11.58 6.57 7.32
C ALA A 9 11.40 6.50 5.80
N ILE A 10 11.65 5.35 5.23
CA ILE A 10 11.50 5.21 3.75
C ILE A 10 10.26 4.38 3.42
N ASN A 11 9.23 4.47 4.22
CA ASN A 11 7.99 3.70 3.91
C ASN A 11 7.62 3.93 2.44
N LYS A 12 7.82 2.97 1.60
CA LYS A 12 7.48 3.15 0.17
C LYS A 12 7.98 4.53 -0.28
N THR A 13 9.28 4.69 -0.39
CA THR A 13 9.86 6.01 -0.80
C THR A 13 8.95 6.71 -1.82
N LYS A 14 8.89 8.02 -1.75
CA LYS A 14 8.03 8.78 -2.71
C LYS A 14 8.31 8.28 -4.12
N LYS A 15 9.55 8.24 -4.52
CA LYS A 15 9.88 7.73 -5.89
C LYS A 15 9.46 6.27 -5.95
N ALA A 16 9.65 5.55 -4.89
CA ALA A 16 9.25 4.12 -4.86
C ALA A 16 7.84 4.00 -4.30
N ASP A 17 7.07 5.05 -4.42
CA ASP A 17 5.67 5.03 -3.91
C ASP A 17 4.78 4.26 -4.89
N VAL A 18 5.08 4.36 -6.16
CA VAL A 18 4.26 3.63 -7.17
C VAL A 18 4.95 2.31 -7.51
N LYS A 19 6.19 2.14 -7.10
CA LYS A 19 6.90 0.87 -7.40
C LYS A 19 6.69 -0.10 -6.24
N ALA A 20 6.69 0.40 -5.03
CA ALA A 20 6.47 -0.49 -3.87
C ALA A 20 5.04 -1.02 -3.93
N ILE A 21 4.11 -0.18 -4.27
CA ILE A 21 2.69 -0.63 -4.36
C ILE A 21 2.63 -1.84 -5.31
N ALA A 22 3.63 -2.02 -6.13
CA ALA A 22 3.63 -3.19 -7.08
C ALA A 22 4.35 -4.39 -6.46
N ASP A 23 5.58 -4.22 -6.04
CA ASP A 23 6.35 -5.36 -5.46
C ASP A 23 6.23 -5.37 -3.93
N ALA A 24 5.27 -4.68 -3.37
CA ALA A 24 5.15 -4.63 -1.87
C ALA A 24 4.18 -5.65 -1.31
N TRP A 25 3.00 -5.74 -1.85
CA TRP A 25 1.99 -6.66 -1.27
C TRP A 25 1.92 -7.97 -2.08
N GLN A 26 0.76 -8.57 -2.19
CA GLN A 26 0.65 -9.85 -2.95
C GLN A 26 0.91 -9.59 -4.44
N ILE A 27 2.14 -9.54 -4.83
CA ILE A 27 2.48 -9.32 -6.26
C ILE A 27 3.16 -10.59 -6.77
N ASN A 28 3.67 -11.39 -5.89
CA ASN A 28 4.34 -12.65 -6.31
C ASN A 28 4.47 -13.59 -5.11
N GLY A 29 4.81 -13.08 -3.97
CA GLY A 29 4.96 -13.95 -2.77
C GLY A 29 6.44 -14.02 -2.38
N GLU A 30 7.31 -13.78 -3.32
CA GLU A 30 8.76 -13.82 -3.02
C GLU A 30 9.37 -12.45 -3.29
N LYS A 31 8.78 -11.72 -4.20
CA LYS A 31 9.30 -10.35 -4.51
C LYS A 31 8.68 -9.35 -3.55
N GLU A 32 7.55 -9.69 -2.98
CA GLU A 32 6.89 -8.75 -2.03
C GLU A 32 7.41 -9.00 -0.61
N LEU A 33 7.73 -10.22 -0.30
CA LEU A 33 8.25 -10.49 1.07
C LEU A 33 9.53 -9.68 1.28
N GLU A 34 10.29 -9.50 0.23
CA GLU A 34 11.55 -8.74 0.34
C GLU A 34 11.29 -7.26 0.65
N LEU A 35 10.55 -6.58 -0.19
CA LEU A 35 10.29 -5.14 0.08
C LEU A 35 9.86 -4.97 1.53
N LEU A 36 8.85 -5.66 1.93
CA LEU A 36 8.39 -5.54 3.34
C LEU A 36 9.46 -6.05 4.29
N GLN A 37 10.29 -6.95 3.83
CA GLN A 37 11.36 -7.46 4.73
C GLN A 37 12.20 -6.28 5.21
N GLN A 38 12.09 -5.16 4.55
CA GLN A 38 12.86 -3.97 4.97
C GLN A 38 11.99 -2.72 4.82
N ILE A 39 10.69 -2.87 4.78
CA ILE A 39 9.83 -1.67 4.63
C ILE A 39 8.83 -1.52 5.78
N ALA A 40 8.23 -2.58 6.24
CA ALA A 40 7.24 -2.43 7.36
C ALA A 40 8.00 -2.27 8.66
N GLN A 41 9.28 -2.46 8.59
CA GLN A 41 10.11 -2.34 9.80
C GLN A 41 10.80 -0.99 9.80
N LYS A 42 10.78 -0.33 8.70
CA LYS A 42 11.42 1.02 8.65
C LYS A 42 10.51 2.07 7.97
N PRO A 43 9.21 1.94 8.09
CA PRO A 43 8.28 2.92 7.50
C PRO A 43 8.27 4.22 8.30
N GLY A 44 7.56 5.20 7.82
CA GLY A 44 7.47 6.50 8.53
C GLY A 44 6.15 7.17 8.18
N ALA A 45 5.20 6.43 7.66
CA ALA A 45 3.90 7.04 7.30
C ALA A 45 3.08 6.09 6.41
N LEU A 46 3.24 4.80 6.55
CA LEU A 46 2.45 3.86 5.70
C LEU A 46 0.99 4.28 5.77
N ARG A 47 0.57 4.76 6.91
CA ARG A 47 -0.86 5.20 7.07
C ARG A 47 -1.30 6.09 5.91
N ILE A 48 -0.54 7.09 5.58
CA ILE A 48 -0.94 8.00 4.46
C ILE A 48 -1.38 7.16 3.26
N LEU A 49 -0.48 6.47 2.62
CA LEU A 49 -0.88 5.64 1.45
C LEU A 49 -1.64 4.42 1.96
N ASN A 50 -1.71 4.24 3.26
CA ASN A 50 -2.44 3.07 3.84
C ASN A 50 -3.92 3.24 3.56
N HIS A 51 -4.36 4.46 3.41
CA HIS A 51 -5.80 4.68 3.13
C HIS A 51 -6.23 3.65 2.10
N SER A 52 -5.33 3.26 1.25
CA SER A 52 -5.66 2.24 0.24
C SER A 52 -4.55 1.18 0.20
N LEU A 53 -3.50 1.34 0.98
CA LEU A 53 -2.43 0.30 0.96
C LEU A 53 -2.80 -0.79 1.95
N ARG A 54 -3.69 -0.50 2.84
CA ARG A 54 -4.14 -1.56 3.78
C ARG A 54 -4.56 -2.76 2.93
N LEU A 55 -4.92 -2.50 1.69
CA LEU A 55 -5.34 -3.59 0.76
C LEU A 55 -4.19 -4.59 0.61
N ALA A 56 -2.98 -4.10 0.49
CA ALA A 56 -1.78 -4.98 0.35
C ALA A 56 -2.03 -6.32 1.04
N ALA A 57 -2.67 -6.29 2.18
CA ALA A 57 -2.98 -7.56 2.91
C ALA A 57 -4.42 -7.96 2.62
N MET A 58 -5.30 -7.00 2.49
CA MET A 58 -6.73 -7.30 2.20
C MET A 58 -6.84 -8.07 0.88
N THR A 59 -6.86 -9.38 0.95
CA THR A 59 -6.97 -10.18 -0.30
C THR A 59 -8.42 -10.65 -0.45
N ALA A 60 -9.34 -9.97 0.18
CA ALA A 60 -10.77 -10.37 0.08
C ALA A 60 -11.63 -9.13 -0.15
N HIS A 61 -11.02 -8.02 -0.52
CA HIS A 61 -11.81 -6.78 -0.76
C HIS A 61 -13.13 -7.12 -1.47
N GLY A 62 -13.08 -8.00 -2.43
CA GLY A 62 -14.33 -8.38 -3.15
C GLY A 62 -14.97 -7.14 -3.74
N LYS A 63 -14.19 -6.28 -4.33
CA LYS A 63 -14.74 -5.03 -4.92
C LYS A 63 -13.73 -4.40 -5.86
N GLY A 64 -12.48 -4.36 -5.47
CA GLY A 64 -11.43 -3.77 -6.35
C GLY A 64 -10.11 -4.50 -6.14
N GLU A 65 -9.90 -5.58 -6.84
CA GLU A 65 -8.62 -6.34 -6.69
C GLU A 65 -8.41 -7.23 -7.91
N ARG A 66 -7.41 -6.93 -8.71
CA ARG A 66 -7.15 -7.76 -9.92
C ARG A 66 -6.59 -9.13 -9.48
N VAL A 67 -5.30 -9.32 -9.55
CA VAL A 67 -4.73 -10.63 -9.12
C VAL A 67 -3.23 -10.49 -8.83
N ASN A 68 -2.41 -10.62 -9.83
CA ASN A 68 -0.93 -10.52 -9.61
C ASN A 68 -0.51 -9.07 -9.40
N GLU A 69 0.71 -8.75 -9.76
CA GLU A 69 1.23 -7.35 -9.58
C GLU A 69 0.10 -6.32 -9.71
N ASP A 70 -0.58 -6.31 -10.81
CA ASP A 70 -1.68 -5.31 -10.99
C ASP A 70 -2.56 -5.28 -9.75
N TYR A 71 -3.06 -6.42 -9.33
CA TYR A 71 -3.94 -6.47 -8.11
C TYR A 71 -3.62 -5.32 -7.17
N LEU A 72 -2.38 -5.18 -6.84
CA LEU A 72 -1.99 -4.10 -5.91
C LEU A 72 -2.55 -2.78 -6.35
N ARG A 73 -2.20 -2.35 -7.51
CA ARG A 73 -2.73 -1.04 -7.98
C ARG A 73 -4.26 -1.10 -8.03
N GLN A 74 -4.79 -2.11 -8.67
CA GLN A 74 -6.26 -2.24 -8.74
C GLN A 74 -6.83 -2.28 -7.33
N ALA A 75 -5.99 -2.51 -6.38
CA ALA A 75 -6.44 -2.60 -4.98
C ALA A 75 -6.45 -1.19 -4.39
N PHE A 76 -5.31 -0.57 -4.37
CA PHE A 76 -5.21 0.79 -3.81
C PHE A 76 -5.26 1.85 -4.93
N ARG A 77 -5.93 1.56 -6.01
CA ARG A 77 -5.99 2.56 -7.12
C ARG A 77 -7.29 2.38 -7.91
N GLU A 78 -7.72 1.17 -8.10
CA GLU A 78 -8.98 0.94 -8.85
C GLU A 78 -10.12 1.72 -8.19
N LEU A 79 -9.94 2.14 -6.97
CA LEU A 79 -11.00 2.90 -6.27
C LEU A 79 -10.71 4.40 -6.35
N ASP A 80 -9.74 4.89 -5.60
CA ASP A 80 -9.44 6.35 -5.65
C ASP A 80 -8.44 6.74 -4.57
N LEU A 81 -8.64 6.27 -3.37
CA LEU A 81 -7.76 6.64 -2.26
C LEU A 81 -8.22 7.97 -1.69
N ASP A 82 -9.44 8.02 -1.22
CA ASP A 82 -9.96 9.30 -0.65
C ASP A 82 -11.27 9.05 0.12
N VAL A 83 -12.06 8.12 -0.32
CA VAL A 83 -13.34 7.84 0.39
C VAL A 83 -13.81 6.41 0.12
N ASP A 84 -13.63 5.92 -1.07
CA ASP A 84 -14.08 4.53 -1.38
C ASP A 84 -13.31 3.55 -0.51
N ILE A 85 -12.05 3.83 -0.27
CA ILE A 85 -11.23 2.90 0.57
C ILE A 85 -11.34 3.32 2.04
N SER A 86 -12.18 4.28 2.34
CA SER A 86 -12.32 4.73 3.74
C SER A 86 -13.26 3.78 4.48
N THR A 87 -13.58 4.09 5.71
CA THR A 87 -14.49 3.22 6.48
C THR A 87 -15.87 3.85 6.46
N LEU A 88 -16.01 4.93 5.75
CA LEU A 88 -17.30 5.64 5.68
C LEU A 88 -17.94 5.38 4.32
N LEU A 89 -17.66 4.26 3.72
CA LEU A 89 -18.25 3.95 2.38
C LEU A 89 -19.34 2.90 2.55
N ARG A 90 -19.24 2.07 3.55
CA ARG A 90 -20.27 1.02 3.75
C ARG A 90 -21.42 1.58 4.58
N ASN A 91 -22.33 0.75 5.02
CA ASN A 91 -23.48 1.24 5.82
C ASN A 91 -23.18 1.03 7.31
N GLY A 1 21.22 18.70 -0.64
CA GLY A 1 19.90 18.47 -1.39
C GLY A 1 18.61 18.59 -0.65
N SER A 2 17.65 17.78 -0.99
CA SER A 2 16.34 17.84 -0.30
C SER A 2 15.87 16.43 0.06
N ARG A 3 16.79 15.54 0.30
CA ARG A 3 16.41 14.14 0.65
C ARG A 3 16.19 14.03 2.16
N ILE A 4 15.40 14.91 2.73
CA ILE A 4 15.16 14.85 4.19
C ILE A 4 13.94 13.96 4.48
N ALA A 5 13.99 13.20 5.53
CA ALA A 5 12.84 12.31 5.87
C ALA A 5 11.56 13.15 5.96
N LYS A 6 10.63 12.91 5.08
CA LYS A 6 9.36 13.70 5.12
C LYS A 6 8.78 13.66 6.54
N ARG A 7 8.08 12.62 6.87
CA ARG A 7 7.49 12.53 8.24
C ARG A 7 8.57 12.04 9.22
N THR A 8 8.75 10.76 9.32
CA THR A 8 9.79 10.22 10.24
C THR A 8 10.57 9.11 9.52
N ALA A 9 10.06 7.90 9.57
CA ALA A 9 10.77 6.80 8.87
C ALA A 9 10.55 6.92 7.37
N ILE A 10 11.17 6.08 6.58
CA ILE A 10 10.99 6.18 5.11
C ILE A 10 10.13 5.01 4.59
N ASN A 11 8.84 5.08 4.76
CA ASN A 11 7.97 3.98 4.26
C ASN A 11 7.83 4.13 2.74
N LYS A 12 7.02 3.32 2.12
CA LYS A 12 6.84 3.42 0.64
C LYS A 12 6.84 4.89 0.22
N THR A 13 7.95 5.38 -0.26
CA THR A 13 8.02 6.81 -0.68
C THR A 13 7.24 7.01 -1.98
N LYS A 14 6.82 8.22 -2.25
CA LYS A 14 6.05 8.50 -3.50
C LYS A 14 6.83 7.95 -4.70
N LYS A 15 8.11 8.22 -4.76
CA LYS A 15 8.92 7.73 -5.90
C LYS A 15 8.78 6.20 -6.00
N ALA A 16 9.05 5.52 -4.92
CA ALA A 16 8.94 4.03 -4.95
C ALA A 16 7.52 3.63 -4.50
N ASP A 17 6.56 4.46 -4.77
CA ASP A 17 5.16 4.13 -4.37
C ASP A 17 4.54 3.18 -5.39
N VAL A 18 4.73 3.45 -6.65
CA VAL A 18 4.14 2.55 -7.68
C VAL A 18 5.03 1.32 -7.87
N LYS A 19 6.22 1.33 -7.30
CA LYS A 19 7.12 0.15 -7.44
C LYS A 19 6.94 -0.76 -6.21
N ALA A 20 6.86 -0.19 -5.04
CA ALA A 20 6.66 -1.01 -3.81
C ALA A 20 5.19 -1.40 -3.71
N ILE A 21 4.33 -0.64 -4.33
CA ILE A 21 2.88 -0.99 -4.28
C ILE A 21 2.63 -2.15 -5.24
N ALA A 22 3.42 -2.30 -6.27
CA ALA A 22 3.21 -3.42 -7.23
C ALA A 22 4.04 -4.63 -6.81
N ASP A 23 5.17 -4.41 -6.20
CA ASP A 23 6.04 -5.53 -5.77
C ASP A 23 5.74 -5.90 -4.31
N ALA A 24 5.07 -5.05 -3.58
CA ALA A 24 4.74 -5.38 -2.16
C ALA A 24 3.35 -6.02 -2.09
N TRP A 25 2.93 -6.37 -0.91
CA TRP A 25 1.60 -7.01 -0.72
C TRP A 25 1.68 -8.43 -1.32
N GLN A 26 0.64 -8.88 -2.00
CA GLN A 26 0.67 -10.26 -2.58
C GLN A 26 0.98 -10.20 -4.08
N ILE A 27 2.19 -9.81 -4.45
CA ILE A 27 2.53 -9.75 -5.91
C ILE A 27 3.35 -11.00 -6.27
N ASN A 28 3.87 -11.67 -5.28
CA ASN A 28 4.68 -12.90 -5.57
C ASN A 28 4.86 -13.69 -4.27
N GLY A 29 5.05 -13.02 -3.17
CA GLY A 29 5.25 -13.74 -1.89
C GLY A 29 6.73 -13.69 -1.52
N GLU A 30 7.58 -13.57 -2.49
CA GLU A 30 9.04 -13.51 -2.20
C GLU A 30 9.55 -12.12 -2.56
N LYS A 31 8.94 -11.49 -3.53
CA LYS A 31 9.38 -10.12 -3.93
C LYS A 31 8.68 -9.10 -3.04
N GLU A 32 7.50 -9.41 -2.59
CA GLU A 32 6.77 -8.45 -1.71
C GLU A 32 7.32 -8.58 -0.28
N LEU A 33 7.68 -9.78 0.12
CA LEU A 33 8.23 -9.94 1.50
C LEU A 33 9.57 -9.20 1.55
N GLU A 34 10.19 -8.99 0.41
CA GLU A 34 11.48 -8.29 0.38
C GLU A 34 11.28 -6.82 0.75
N LEU A 35 10.38 -6.13 0.10
CA LEU A 35 10.15 -4.70 0.45
C LEU A 35 9.97 -4.60 1.95
N LEU A 36 9.04 -5.33 2.50
CA LEU A 36 8.83 -5.27 3.96
C LEU A 36 10.09 -5.78 4.67
N GLN A 37 10.84 -6.61 4.02
CA GLN A 37 12.08 -7.14 4.67
C GLN A 37 12.90 -5.95 5.19
N GLN A 38 12.64 -4.78 4.69
CA GLN A 38 13.38 -3.58 5.15
C GLN A 38 12.45 -2.37 5.12
N ILE A 39 11.15 -2.59 5.11
CA ILE A 39 10.22 -1.42 5.05
C ILE A 39 9.27 -1.37 6.27
N ALA A 40 8.99 -2.47 6.93
CA ALA A 40 8.08 -2.39 8.12
C ALA A 40 8.90 -1.88 9.29
N GLN A 41 10.16 -1.79 9.10
CA GLN A 41 11.05 -1.35 10.20
C GLN A 41 11.46 0.10 9.93
N LYS A 42 11.22 0.57 8.75
CA LYS A 42 11.57 1.97 8.42
C LYS A 42 10.40 2.67 7.70
N PRO A 43 9.17 2.33 8.05
CA PRO A 43 7.98 2.97 7.43
C PRO A 43 7.78 4.38 7.96
N GLY A 44 7.03 4.53 9.02
CA GLY A 44 6.77 5.89 9.58
C GLY A 44 5.78 6.62 8.67
N ALA A 45 5.31 5.98 7.62
CA ALA A 45 4.36 6.65 6.71
C ALA A 45 3.36 5.64 6.11
N LEU A 46 3.48 4.37 6.43
CA LEU A 46 2.51 3.39 5.85
C LEU A 46 1.09 3.93 6.02
N ARG A 47 0.80 4.54 7.14
CA ARG A 47 -0.56 5.08 7.38
C ARG A 47 -1.01 5.97 6.21
N ILE A 48 -0.20 6.91 5.80
CA ILE A 48 -0.60 7.81 4.69
C ILE A 48 -1.11 6.97 3.52
N LEU A 49 -0.24 6.24 2.88
CA LEU A 49 -0.69 5.39 1.74
C LEU A 49 -1.47 4.20 2.28
N ASN A 50 -1.59 4.07 3.58
CA ASN A 50 -2.35 2.93 4.17
C ASN A 50 -3.80 3.10 3.81
N HIS A 51 -4.25 4.33 3.73
CA HIS A 51 -5.67 4.59 3.38
C HIS A 51 -6.07 3.63 2.26
N SER A 52 -5.11 3.24 1.45
CA SER A 52 -5.42 2.32 0.35
C SER A 52 -4.39 1.17 0.34
N LEU A 53 -3.40 1.21 1.21
CA LEU A 53 -2.40 0.10 1.23
C LEU A 53 -2.91 -1.01 2.13
N ARG A 54 -3.85 -0.71 2.97
CA ARG A 54 -4.42 -1.76 3.82
C ARG A 54 -4.88 -2.90 2.90
N LEU A 55 -5.11 -2.58 1.64
CA LEU A 55 -5.55 -3.60 0.65
C LEU A 55 -4.46 -4.64 0.45
N ALA A 56 -3.22 -4.21 0.45
CA ALA A 56 -2.06 -5.13 0.26
C ALA A 56 -2.40 -6.53 0.79
N ALA A 57 -3.09 -6.60 1.89
CA ALA A 57 -3.47 -7.93 2.45
C ALA A 57 -4.96 -8.18 2.20
N MET A 58 -5.75 -7.15 2.13
CA MET A 58 -7.21 -7.32 1.88
C MET A 58 -7.44 -7.99 0.53
N THR A 59 -7.44 -9.29 0.51
CA THR A 59 -7.68 -10.01 -0.78
C THR A 59 -9.17 -10.34 -0.89
N ALA A 60 -9.99 -9.62 -0.17
CA ALA A 60 -11.46 -9.89 -0.24
C ALA A 60 -12.18 -8.66 -0.81
N HIS A 61 -11.44 -7.64 -1.16
CA HIS A 61 -12.07 -6.42 -1.73
C HIS A 61 -12.69 -6.75 -3.07
N GLY A 62 -13.90 -7.24 -3.07
CA GLY A 62 -14.57 -7.59 -4.35
C GLY A 62 -15.04 -6.32 -5.06
N LYS A 63 -15.00 -5.21 -4.38
CA LYS A 63 -15.44 -3.94 -5.02
C LYS A 63 -14.62 -3.69 -6.28
N GLY A 64 -13.38 -4.09 -6.28
CA GLY A 64 -12.52 -3.89 -7.49
C GLY A 64 -11.09 -4.29 -7.17
N GLU A 65 -10.65 -5.40 -7.71
CA GLU A 65 -9.25 -5.86 -7.43
C GLU A 65 -8.77 -6.76 -8.57
N ARG A 66 -7.55 -6.60 -8.99
CA ARG A 66 -7.03 -7.45 -10.09
C ARG A 66 -6.54 -8.79 -9.51
N VAL A 67 -5.54 -9.37 -10.09
CA VAL A 67 -5.02 -10.66 -9.56
C VAL A 67 -3.53 -10.80 -9.91
N ASN A 68 -2.74 -9.81 -9.59
CA ASN A 68 -1.29 -9.89 -9.91
C ASN A 68 -0.61 -8.58 -9.54
N GLU A 69 0.63 -8.41 -9.92
CA GLU A 69 1.35 -7.16 -9.60
C GLU A 69 0.43 -5.96 -9.85
N ASP A 70 -0.47 -6.08 -10.78
CA ASP A 70 -1.39 -4.95 -11.07
C ASP A 70 -2.39 -4.83 -9.91
N TYR A 71 -2.97 -5.94 -9.52
CA TYR A 71 -3.96 -5.94 -8.39
C TYR A 71 -3.62 -4.84 -7.39
N LEU A 72 -2.39 -4.81 -6.98
CA LEU A 72 -1.98 -3.81 -5.98
C LEU A 72 -2.32 -2.41 -6.43
N ARG A 73 -1.88 -2.04 -7.59
CA ARG A 73 -2.20 -0.66 -8.06
C ARG A 73 -3.69 -0.60 -8.42
N GLN A 74 -4.32 -1.72 -8.52
CA GLN A 74 -5.78 -1.72 -8.81
C GLN A 74 -6.52 -1.87 -7.48
N ALA A 75 -5.77 -2.00 -6.43
CA ALA A 75 -6.35 -2.17 -5.07
C ALA A 75 -6.31 -0.81 -4.38
N PHE A 76 -5.14 -0.26 -4.29
CA PHE A 76 -4.94 1.05 -3.63
C PHE A 76 -4.89 2.14 -4.70
N ARG A 77 -5.60 1.98 -5.79
CA ARG A 77 -5.54 3.02 -6.85
C ARG A 77 -6.78 2.94 -7.73
N GLU A 78 -7.24 1.76 -8.01
CA GLU A 78 -8.45 1.63 -8.87
C GLU A 78 -9.58 2.50 -8.32
N LEU A 79 -9.50 2.87 -7.07
CA LEU A 79 -10.57 3.71 -6.47
C LEU A 79 -10.13 5.18 -6.39
N ASP A 80 -9.15 5.49 -5.59
CA ASP A 80 -8.73 6.93 -5.50
C ASP A 80 -7.73 7.15 -4.36
N LEU A 81 -8.05 6.67 -3.18
CA LEU A 81 -7.17 6.86 -2.01
C LEU A 81 -7.54 8.20 -1.36
N ASP A 82 -8.76 8.34 -0.93
CA ASP A 82 -9.17 9.60 -0.27
C ASP A 82 -10.55 9.48 0.37
N VAL A 83 -11.40 8.65 -0.16
CA VAL A 83 -12.77 8.51 0.44
C VAL A 83 -13.32 7.10 0.18
N ASP A 84 -13.24 6.63 -1.04
CA ASP A 84 -13.78 5.28 -1.34
C ASP A 84 -13.06 4.23 -0.50
N ILE A 85 -11.78 4.39 -0.28
CA ILE A 85 -11.03 3.41 0.55
C ILE A 85 -11.33 3.68 2.02
N SER A 86 -11.86 4.83 2.31
CA SER A 86 -12.19 5.18 3.72
C SER A 86 -13.31 4.27 4.22
N THR A 87 -14.19 4.78 5.05
CA THR A 87 -15.32 3.95 5.53
C THR A 87 -16.55 4.32 4.72
N LEU A 88 -16.55 5.53 4.26
CA LEU A 88 -17.66 6.05 3.43
C LEU A 88 -17.78 5.23 2.14
N LEU A 89 -18.81 4.45 2.00
CA LEU A 89 -18.97 3.64 0.76
C LEU A 89 -20.16 2.70 0.92
N ARG A 90 -20.59 2.11 -0.17
CA ARG A 90 -21.75 1.17 -0.11
C ARG A 90 -23.00 1.93 0.34
N ASN A 91 -23.36 1.84 1.58
CA ASN A 91 -24.58 2.55 2.07
C ASN A 91 -24.18 3.91 2.65
N GLY A 1 23.75 17.02 9.88
CA GLY A 1 22.25 17.19 9.60
C GLY A 1 21.32 17.45 10.73
N SER A 2 20.13 17.89 10.44
CA SER A 2 19.15 18.18 11.53
C SER A 2 17.86 17.39 11.27
N ARG A 3 16.89 17.52 12.14
CA ARG A 3 15.61 16.80 11.94
C ARG A 3 14.71 17.63 11.02
N ILE A 4 15.08 17.74 9.79
CA ILE A 4 14.26 18.55 8.84
C ILE A 4 13.38 17.63 7.99
N ALA A 5 13.47 16.34 8.21
CA ALA A 5 12.65 15.40 7.42
C ALA A 5 11.33 15.11 8.14
N LYS A 6 10.24 15.07 7.42
CA LYS A 6 8.92 14.80 8.07
C LYS A 6 8.55 13.33 7.87
N ARG A 7 9.26 12.64 7.01
CA ARG A 7 8.94 11.20 6.76
C ARG A 7 9.61 10.35 7.86
N THR A 8 10.61 10.88 8.50
CA THR A 8 11.30 10.12 9.59
C THR A 8 11.99 8.87 9.02
N ALA A 9 11.30 7.77 9.00
CA ALA A 9 11.92 6.51 8.46
C ALA A 9 12.01 6.58 6.95
N ILE A 10 12.57 5.57 6.33
CA ILE A 10 12.70 5.58 4.85
C ILE A 10 11.73 4.56 4.24
N ASN A 11 10.46 4.65 4.57
CA ASN A 11 9.48 3.70 3.99
C ASN A 11 9.63 3.71 2.47
N LYS A 12 8.81 2.99 1.74
CA LYS A 12 8.93 3.01 0.25
C LYS A 12 9.09 4.46 -0.20
N THR A 13 10.31 4.92 -0.37
CA THR A 13 10.55 6.33 -0.78
C THR A 13 9.56 6.75 -1.87
N LYS A 14 9.29 8.02 -1.98
CA LYS A 14 8.36 8.52 -3.03
C LYS A 14 8.68 7.83 -4.35
N LYS A 15 9.95 7.67 -4.65
CA LYS A 15 10.34 6.99 -5.91
C LYS A 15 9.83 5.56 -5.86
N ALA A 16 10.01 4.90 -4.75
CA ALA A 16 9.54 3.49 -4.62
C ALA A 16 8.11 3.50 -4.08
N ASP A 17 7.45 4.62 -4.16
CA ASP A 17 6.05 4.73 -3.66
C ASP A 17 5.11 4.00 -4.61
N VAL A 18 5.33 4.13 -5.89
CA VAL A 18 4.43 3.44 -6.87
C VAL A 18 4.97 2.05 -7.17
N LYS A 19 6.26 1.86 -7.08
CA LYS A 19 6.82 0.51 -7.37
C LYS A 19 6.69 -0.37 -6.11
N ALA A 20 6.55 0.27 -4.97
CA ALA A 20 6.38 -0.52 -3.71
C ALA A 20 4.93 -1.00 -3.65
N ILE A 21 4.08 -0.46 -4.47
CA ILE A 21 2.66 -0.90 -4.46
C ILE A 21 2.48 -2.07 -5.42
N ALA A 22 3.31 -2.16 -6.43
CA ALA A 22 3.16 -3.29 -7.39
C ALA A 22 4.07 -4.45 -6.96
N ASP A 23 5.16 -4.14 -6.33
CA ASP A 23 6.11 -5.22 -5.89
C ASP A 23 5.82 -5.62 -4.44
N ALA A 24 5.10 -4.80 -3.71
CA ALA A 24 4.80 -5.18 -2.30
C ALA A 24 3.46 -5.90 -2.22
N TRP A 25 3.07 -6.32 -1.05
CA TRP A 25 1.80 -7.07 -0.86
C TRP A 25 1.93 -8.41 -1.58
N GLN A 26 0.86 -8.95 -2.11
CA GLN A 26 0.96 -10.25 -2.81
C GLN A 26 1.15 -10.04 -4.32
N ILE A 27 2.33 -9.62 -4.74
CA ILE A 27 2.56 -9.43 -6.19
C ILE A 27 3.38 -10.63 -6.71
N ASN A 28 4.03 -11.33 -5.83
CA ASN A 28 4.85 -12.50 -6.25
C ASN A 28 5.00 -13.45 -5.07
N GLY A 29 5.37 -12.94 -3.93
CA GLY A 29 5.57 -13.81 -2.75
C GLY A 29 7.02 -13.75 -2.31
N GLU A 30 7.91 -13.55 -3.25
CA GLU A 30 9.35 -13.48 -2.90
C GLU A 30 9.87 -12.07 -3.18
N LYS A 31 9.30 -11.39 -4.14
CA LYS A 31 9.77 -10.01 -4.45
C LYS A 31 9.04 -9.02 -3.55
N GLU A 32 7.89 -9.38 -3.06
CA GLU A 32 7.15 -8.45 -2.17
C GLU A 32 7.55 -8.70 -0.73
N LEU A 33 8.00 -9.89 -0.42
CA LEU A 33 8.43 -10.17 0.98
C LEU A 33 9.66 -9.35 1.31
N GLU A 34 10.50 -9.11 0.33
CA GLU A 34 11.73 -8.32 0.56
C GLU A 34 11.37 -6.87 0.84
N LEU A 35 10.74 -6.19 -0.10
CA LEU A 35 10.40 -4.77 0.12
C LEU A 35 9.83 -4.59 1.51
N LEU A 36 8.77 -5.28 1.81
CA LEU A 36 8.15 -5.15 3.14
C LEU A 36 9.12 -5.68 4.20
N GLN A 37 9.94 -6.61 3.86
CA GLN A 37 10.90 -7.14 4.86
C GLN A 37 11.80 -5.99 5.32
N GLN A 38 11.82 -4.92 4.56
CA GLN A 38 12.65 -3.76 4.94
C GLN A 38 11.83 -2.48 4.76
N ILE A 39 10.52 -2.58 4.73
CA ILE A 39 9.70 -1.35 4.55
C ILE A 39 8.68 -1.20 5.69
N ALA A 40 7.87 -2.19 5.94
CA ALA A 40 6.89 -2.05 7.06
C ALA A 40 7.67 -2.11 8.37
N GLN A 41 8.93 -2.45 8.27
CA GLN A 41 9.79 -2.50 9.47
C GLN A 41 10.47 -1.15 9.63
N LYS A 42 10.48 -0.37 8.59
CA LYS A 42 11.13 0.97 8.68
C LYS A 42 10.27 2.05 7.98
N PRO A 43 8.97 1.97 8.13
CA PRO A 43 8.07 2.95 7.53
C PRO A 43 8.15 4.28 8.27
N GLY A 44 7.55 5.30 7.72
CA GLY A 44 7.59 6.63 8.39
C GLY A 44 6.24 7.32 8.18
N ALA A 45 5.26 6.62 7.69
CA ALA A 45 3.94 7.25 7.47
C ALA A 45 3.06 6.35 6.59
N LEU A 46 3.07 5.05 6.79
CA LEU A 46 2.21 4.17 5.96
C LEU A 46 0.83 4.83 5.86
N ARG A 47 0.17 4.97 6.99
CA ARG A 47 -1.20 5.59 7.03
C ARG A 47 -1.48 6.41 5.76
N ILE A 48 -0.59 7.30 5.41
CA ILE A 48 -0.80 8.12 4.20
C ILE A 48 -1.22 7.21 3.04
N LEU A 49 -0.35 6.33 2.60
CA LEU A 49 -0.71 5.44 1.47
C LEU A 49 -1.40 4.19 2.03
N ASN A 50 -1.56 4.11 3.33
CA ASN A 50 -2.23 2.93 3.95
C ASN A 50 -3.72 3.05 3.71
N HIS A 51 -4.22 4.25 3.62
CA HIS A 51 -5.67 4.45 3.38
C HIS A 51 -6.08 3.47 2.29
N SER A 52 -5.17 3.11 1.43
CA SER A 52 -5.48 2.15 0.35
C SER A 52 -4.46 1.00 0.36
N LEU A 53 -3.39 1.11 1.13
CA LEU A 53 -2.38 0.01 1.15
C LEU A 53 -2.82 -1.08 2.11
N ARG A 54 -3.72 -0.78 3.00
CA ARG A 54 -4.21 -1.85 3.92
C ARG A 54 -4.64 -3.02 3.04
N LEU A 55 -4.97 -2.72 1.79
CA LEU A 55 -5.40 -3.79 0.83
C LEU A 55 -4.28 -4.82 0.66
N ALA A 56 -3.06 -4.35 0.55
CA ALA A 56 -1.88 -5.25 0.37
C ALA A 56 -2.16 -6.62 1.00
N ALA A 57 -2.78 -6.62 2.16
CA ALA A 57 -3.10 -7.91 2.83
C ALA A 57 -4.55 -8.29 2.53
N MET A 58 -5.42 -7.32 2.45
CA MET A 58 -6.85 -7.61 2.17
C MET A 58 -6.99 -8.30 0.81
N THR A 59 -6.94 -9.60 0.78
CA THR A 59 -7.07 -10.31 -0.52
C THR A 59 -8.53 -10.70 -0.72
N ALA A 60 -9.43 -9.99 -0.09
CA ALA A 60 -10.89 -10.32 -0.24
C ALA A 60 -11.65 -9.10 -0.76
N HIS A 61 -10.97 -7.99 -0.97
CA HIS A 61 -11.65 -6.76 -1.47
C HIS A 61 -12.70 -7.13 -2.50
N GLY A 62 -13.90 -7.36 -2.07
CA GLY A 62 -14.99 -7.75 -3.01
C GLY A 62 -15.57 -6.48 -3.67
N LYS A 63 -14.87 -5.93 -4.61
CA LYS A 63 -15.37 -4.70 -5.29
C LYS A 63 -14.45 -4.35 -6.46
N GLY A 64 -13.17 -4.44 -6.26
CA GLY A 64 -12.21 -4.11 -7.37
C GLY A 64 -10.82 -4.63 -7.01
N GLU A 65 -10.48 -5.80 -7.49
CA GLU A 65 -9.13 -6.36 -7.19
C GLU A 65 -8.75 -7.40 -8.23
N ARG A 66 -7.57 -7.32 -8.76
CA ARG A 66 -7.15 -8.31 -9.79
C ARG A 66 -6.55 -9.54 -9.09
N VAL A 67 -5.44 -10.04 -9.57
CA VAL A 67 -4.83 -11.24 -8.92
C VAL A 67 -3.36 -11.33 -9.30
N ASN A 68 -2.69 -10.22 -9.43
CA ASN A 68 -1.24 -10.25 -9.80
C ASN A 68 -0.57 -8.93 -9.40
N GLU A 69 0.47 -8.55 -10.10
CA GLU A 69 1.15 -7.28 -9.76
C GLU A 69 0.16 -6.12 -9.86
N ASP A 70 -0.69 -6.14 -10.84
CA ASP A 70 -1.69 -5.04 -10.98
C ASP A 70 -2.64 -5.08 -9.78
N TYR A 71 -3.14 -6.25 -9.43
CA TYR A 71 -4.07 -6.36 -8.25
C TYR A 71 -3.75 -5.28 -7.23
N LEU A 72 -2.51 -5.14 -6.93
CA LEU A 72 -2.11 -4.14 -5.93
C LEU A 72 -2.62 -2.78 -6.32
N ARG A 73 -2.25 -2.32 -7.46
CA ARG A 73 -2.76 -0.97 -7.88
C ARG A 73 -4.28 -1.02 -7.92
N GLN A 74 -4.82 -1.93 -8.67
CA GLN A 74 -6.30 -2.06 -8.76
C GLN A 74 -6.87 -2.15 -7.35
N ALA A 75 -6.05 -2.46 -6.42
CA ALA A 75 -6.50 -2.59 -5.03
C ALA A 75 -6.51 -1.20 -4.37
N PHE A 76 -5.37 -0.59 -4.31
CA PHE A 76 -5.23 0.74 -3.68
C PHE A 76 -5.23 1.84 -4.77
N ARG A 77 -5.89 1.62 -5.87
CA ARG A 77 -5.90 2.64 -6.94
C ARG A 77 -7.19 2.55 -7.75
N GLU A 78 -7.68 1.36 -7.97
CA GLU A 78 -8.93 1.20 -8.75
C GLU A 78 -10.06 2.00 -8.08
N LEU A 79 -9.88 2.38 -6.85
CA LEU A 79 -10.94 3.15 -6.14
C LEU A 79 -10.60 4.64 -6.14
N ASP A 80 -9.59 5.03 -5.41
CA ASP A 80 -9.25 6.48 -5.37
C ASP A 80 -8.25 6.79 -4.25
N LEU A 81 -8.48 6.25 -3.09
CA LEU A 81 -7.60 6.53 -1.94
C LEU A 81 -8.00 7.87 -1.33
N ASP A 82 -9.24 8.00 -0.96
CA ASP A 82 -9.69 9.28 -0.35
C ASP A 82 -11.03 9.11 0.37
N VAL A 83 -11.85 8.18 -0.06
CA VAL A 83 -13.16 7.98 0.62
C VAL A 83 -13.70 6.58 0.35
N ASP A 84 -13.45 6.04 -0.81
CA ASP A 84 -13.97 4.68 -1.13
C ASP A 84 -13.20 3.62 -0.33
N ILE A 85 -11.94 3.82 -0.10
CA ILE A 85 -11.16 2.82 0.68
C ILE A 85 -11.29 3.11 2.17
N SER A 86 -12.04 4.12 2.53
CA SER A 86 -12.20 4.43 3.97
C SER A 86 -13.21 3.46 4.60
N THR A 87 -13.74 3.79 5.73
CA THR A 87 -14.74 2.90 6.38
C THR A 87 -16.12 3.48 6.10
N LEU A 88 -16.15 4.75 5.88
CA LEU A 88 -17.42 5.46 5.61
C LEU A 88 -17.81 5.27 4.13
N LEU A 89 -18.60 4.28 3.84
CA LEU A 89 -19.02 4.04 2.43
C LEU A 89 -20.51 3.78 2.39
N ARG A 90 -20.95 2.68 2.94
CA ARG A 90 -22.41 2.35 2.92
C ARG A 90 -23.00 2.70 1.55
N ASN A 91 -24.31 2.81 1.47
CA ASN A 91 -24.94 3.14 0.17
C ASN A 91 -24.76 4.63 -0.12
N GLY A 1 8.09 25.50 7.68
CA GLY A 1 7.65 24.92 6.34
C GLY A 1 8.12 23.56 5.94
N SER A 2 8.03 22.61 6.83
CA SER A 2 8.47 21.24 6.50
C SER A 2 7.25 20.34 6.29
N ARG A 3 7.28 19.50 5.29
CA ARG A 3 6.12 18.60 5.03
C ARG A 3 6.38 17.24 5.67
N ILE A 4 6.74 17.22 6.93
CA ILE A 4 7.01 15.93 7.62
C ILE A 4 5.73 15.43 8.30
N ALA A 5 5.47 14.15 8.24
CA ALA A 5 4.25 13.61 8.90
C ALA A 5 4.55 13.26 10.35
N LYS A 6 3.61 12.67 11.04
CA LYS A 6 3.84 12.31 12.47
C LYS A 6 5.19 11.58 12.58
N ARG A 7 5.50 10.72 11.65
CA ARG A 7 6.79 9.99 11.71
C ARG A 7 7.77 10.59 10.70
N THR A 8 8.93 10.02 10.58
CA THR A 8 9.93 10.56 9.61
C THR A 8 10.67 9.41 8.94
N ALA A 9 10.24 8.19 9.13
CA ALA A 9 10.92 7.04 8.49
C ALA A 9 10.83 7.19 6.97
N ILE A 10 11.27 6.19 6.24
CA ILE A 10 11.22 6.28 4.76
C ILE A 10 9.98 5.55 4.23
N ASN A 11 10.01 4.25 4.21
CA ASN A 11 8.84 3.47 3.70
C ASN A 11 8.87 3.51 2.18
N LYS A 12 7.88 2.94 1.54
CA LYS A 12 7.87 2.97 0.05
C LYS A 12 8.13 4.42 -0.40
N THR A 13 7.80 5.37 0.43
CA THR A 13 8.03 6.80 0.09
C THR A 13 7.28 7.17 -1.19
N LYS A 14 7.48 8.37 -1.66
CA LYS A 14 6.79 8.83 -2.90
C LYS A 14 7.46 8.23 -4.13
N LYS A 15 8.77 8.27 -4.19
CA LYS A 15 9.47 7.68 -5.36
C LYS A 15 9.06 6.23 -5.54
N ALA A 16 9.26 5.42 -4.53
CA ALA A 16 8.85 3.99 -4.63
C ALA A 16 7.42 3.83 -4.11
N ASP A 17 6.62 4.84 -4.29
CA ASP A 17 5.21 4.79 -3.82
C ASP A 17 4.41 3.87 -4.75
N VAL A 18 4.79 3.79 -6.00
CA VAL A 18 4.05 2.92 -6.94
C VAL A 18 4.89 1.67 -7.25
N LYS A 19 6.16 1.72 -6.96
CA LYS A 19 7.01 0.53 -7.23
C LYS A 19 6.84 -0.48 -6.10
N ALA A 20 6.74 -0.01 -4.88
CA ALA A 20 6.54 -0.93 -3.73
C ALA A 20 5.08 -1.35 -3.68
N ILE A 21 4.22 -0.66 -4.37
CA ILE A 21 2.79 -1.05 -4.34
C ILE A 21 2.58 -2.22 -5.31
N ALA A 22 3.38 -2.33 -6.32
CA ALA A 22 3.20 -3.46 -7.27
C ALA A 22 4.06 -4.65 -6.82
N ASP A 23 5.17 -4.39 -6.19
CA ASP A 23 6.06 -5.49 -5.74
C ASP A 23 5.74 -5.87 -4.30
N ALA A 24 5.08 -5.02 -3.56
CA ALA A 24 4.76 -5.37 -2.14
C ALA A 24 3.38 -6.02 -2.06
N TRP A 25 2.97 -6.41 -0.89
CA TRP A 25 1.66 -7.09 -0.71
C TRP A 25 1.76 -8.47 -1.37
N GLN A 26 0.69 -8.97 -1.94
CA GLN A 26 0.74 -10.30 -2.60
C GLN A 26 0.98 -10.15 -4.11
N ILE A 27 2.17 -9.78 -4.51
CA ILE A 27 2.46 -9.63 -5.97
C ILE A 27 3.29 -10.83 -6.44
N ASN A 28 3.88 -11.54 -5.51
CA ASN A 28 4.70 -12.72 -5.88
C ASN A 28 4.88 -13.61 -4.66
N GLY A 29 5.11 -13.03 -3.52
CA GLY A 29 5.28 -13.84 -2.28
C GLY A 29 6.77 -13.89 -1.92
N GLU A 30 7.63 -13.68 -2.88
CA GLU A 30 9.09 -13.72 -2.59
C GLU A 30 9.67 -12.33 -2.83
N LYS A 31 9.12 -11.60 -3.75
CA LYS A 31 9.65 -10.23 -4.04
C LYS A 31 8.91 -9.21 -3.16
N GLU A 32 7.70 -9.51 -2.75
CA GLU A 32 6.97 -8.55 -1.90
C GLU A 32 7.46 -8.69 -0.46
N LEU A 33 7.82 -9.88 -0.05
CA LEU A 33 8.33 -10.05 1.33
C LEU A 33 9.61 -9.22 1.46
N GLU A 34 10.28 -9.00 0.36
CA GLU A 34 11.53 -8.23 0.37
C GLU A 34 11.25 -6.77 0.75
N LEU A 35 10.39 -6.10 0.01
CA LEU A 35 10.10 -4.69 0.35
C LEU A 35 9.87 -4.56 1.84
N LEU A 36 8.91 -5.24 2.38
CA LEU A 36 8.66 -5.14 3.84
C LEU A 36 9.88 -5.63 4.60
N GLN A 37 10.64 -6.50 4.01
CA GLN A 37 11.85 -7.00 4.70
C GLN A 37 12.66 -5.80 5.20
N GLN A 38 12.42 -4.64 4.65
CA GLN A 38 13.16 -3.44 5.08
C GLN A 38 12.22 -2.21 5.09
N ILE A 39 10.92 -2.41 5.00
CA ILE A 39 10.03 -1.21 4.98
C ILE A 39 9.06 -1.18 6.20
N ALA A 40 8.78 -2.28 6.83
CA ALA A 40 7.85 -2.21 8.01
C ALA A 40 8.64 -1.74 9.22
N GLN A 41 9.92 -1.68 9.06
CA GLN A 41 10.78 -1.26 10.18
C GLN A 41 11.23 0.17 9.97
N LYS A 42 11.08 0.66 8.77
CA LYS A 42 11.46 2.06 8.48
C LYS A 42 10.37 2.74 7.63
N PRO A 43 9.12 2.43 7.90
CA PRO A 43 8.01 3.02 7.15
C PRO A 43 7.82 4.49 7.53
N GLY A 44 6.98 4.77 8.49
CA GLY A 44 6.74 6.19 8.87
C GLY A 44 5.85 6.84 7.81
N ALA A 45 5.45 6.07 6.82
CA ALA A 45 4.59 6.64 5.74
C ALA A 45 3.54 5.63 5.29
N LEU A 46 3.73 4.36 5.55
CA LEU A 46 2.71 3.36 5.11
C LEU A 46 1.33 3.88 5.51
N ARG A 47 1.21 4.52 6.64
CA ARG A 47 -0.11 5.07 7.07
C ARG A 47 -0.69 5.97 5.97
N ILE A 48 0.08 6.89 5.46
CA ILE A 48 -0.43 7.80 4.40
C ILE A 48 -0.95 6.96 3.23
N LEU A 49 -0.13 6.14 2.63
CA LEU A 49 -0.61 5.30 1.51
C LEU A 49 -1.44 4.15 2.10
N ASN A 50 -1.54 4.07 3.40
CA ASN A 50 -2.32 2.97 4.03
C ASN A 50 -3.79 3.17 3.71
N HIS A 51 -4.23 4.39 3.62
CA HIS A 51 -5.65 4.64 3.28
C HIS A 51 -6.06 3.68 2.18
N SER A 52 -5.12 3.27 1.36
CA SER A 52 -5.43 2.32 0.27
C SER A 52 -4.43 1.16 0.30
N LEU A 53 -3.45 1.20 1.16
CA LEU A 53 -2.45 0.07 1.22
C LEU A 53 -2.98 -1.02 2.12
N ARG A 54 -3.92 -0.70 2.96
CA ARG A 54 -4.50 -1.74 3.83
C ARG A 54 -4.93 -2.91 2.91
N LEU A 55 -5.14 -2.61 1.64
CA LEU A 55 -5.55 -3.64 0.65
C LEU A 55 -4.45 -4.70 0.50
N ALA A 56 -3.20 -4.27 0.47
CA ALA A 56 -2.05 -5.21 0.33
C ALA A 56 -2.43 -6.60 0.85
N ALA A 57 -3.09 -6.65 1.97
CA ALA A 57 -3.51 -7.95 2.54
C ALA A 57 -5.00 -8.16 2.24
N MET A 58 -5.75 -7.10 2.20
CA MET A 58 -7.21 -7.20 1.92
C MET A 58 -7.43 -7.86 0.55
N THR A 59 -7.56 -9.16 0.52
CA THR A 59 -7.77 -9.85 -0.78
C THR A 59 -9.27 -10.13 -0.95
N ALA A 60 -10.09 -9.45 -0.18
CA ALA A 60 -11.55 -9.68 -0.28
C ALA A 60 -12.24 -8.39 -0.75
N HIS A 61 -11.48 -7.36 -1.02
CA HIS A 61 -12.08 -6.08 -1.47
C HIS A 61 -12.92 -6.33 -2.72
N GLY A 62 -14.16 -6.67 -2.54
CA GLY A 62 -15.04 -6.94 -3.71
C GLY A 62 -15.47 -5.61 -4.35
N LYS A 63 -14.60 -5.03 -5.14
CA LYS A 63 -14.95 -3.75 -5.80
C LYS A 63 -13.77 -3.27 -6.64
N GLY A 64 -12.57 -3.46 -6.15
CA GLY A 64 -11.38 -3.01 -6.92
C GLY A 64 -10.19 -3.94 -6.62
N GLU A 65 -10.02 -4.98 -7.40
CA GLU A 65 -8.89 -5.91 -7.15
C GLU A 65 -8.76 -6.88 -8.33
N ARG A 66 -7.68 -6.80 -9.06
CA ARG A 66 -7.50 -7.71 -10.23
C ARG A 66 -7.02 -9.08 -9.73
N VAL A 67 -5.78 -9.41 -9.92
CA VAL A 67 -5.27 -10.74 -9.46
C VAL A 67 -3.81 -10.92 -9.90
N ASN A 68 -3.00 -9.92 -9.71
CA ASN A 68 -1.57 -10.02 -10.11
C ASN A 68 -0.83 -8.77 -9.65
N GLU A 69 0.41 -8.61 -10.05
CA GLU A 69 1.18 -7.41 -9.64
C GLU A 69 0.28 -6.19 -9.78
N ASP A 70 -0.62 -6.21 -10.73
CA ASP A 70 -1.53 -5.06 -10.91
C ASP A 70 -2.49 -5.02 -9.72
N TYR A 71 -3.10 -6.14 -9.41
CA TYR A 71 -4.06 -6.20 -8.24
C TYR A 71 -3.72 -5.14 -7.23
N LEU A 72 -2.48 -5.05 -6.89
CA LEU A 72 -2.05 -4.06 -5.88
C LEU A 72 -2.48 -2.68 -6.29
N ARG A 73 -2.03 -2.20 -7.39
CA ARG A 73 -2.45 -0.84 -7.80
C ARG A 73 -3.98 -0.83 -7.94
N GLN A 74 -4.50 -1.75 -8.70
CA GLN A 74 -5.97 -1.84 -8.87
C GLN A 74 -6.62 -1.88 -7.49
N ALA A 75 -5.85 -2.22 -6.52
CA ALA A 75 -6.38 -2.31 -5.14
C ALA A 75 -6.35 -0.91 -4.51
N PHE A 76 -5.19 -0.35 -4.39
CA PHE A 76 -5.02 0.98 -3.77
C PHE A 76 -4.90 2.06 -4.87
N ARG A 77 -5.49 1.85 -6.01
CA ARG A 77 -5.38 2.87 -7.09
C ARG A 77 -6.63 2.84 -7.97
N GLU A 78 -7.17 1.68 -8.20
CA GLU A 78 -8.40 1.58 -9.04
C GLU A 78 -9.49 2.49 -8.45
N LEU A 79 -9.34 2.88 -7.22
CA LEU A 79 -10.38 3.75 -6.59
C LEU A 79 -9.91 5.20 -6.57
N ASP A 80 -9.00 5.54 -5.70
CA ASP A 80 -8.53 6.96 -5.65
C ASP A 80 -7.59 7.21 -4.47
N LEU A 81 -7.92 6.69 -3.33
CA LEU A 81 -7.09 6.93 -2.13
C LEU A 81 -7.48 8.28 -1.53
N ASP A 82 -8.73 8.45 -1.22
CA ASP A 82 -9.18 9.73 -0.63
C ASP A 82 -10.57 9.57 0.01
N VAL A 83 -11.39 8.74 -0.55
CA VAL A 83 -12.76 8.56 0.01
C VAL A 83 -13.29 7.16 -0.33
N ASP A 84 -13.00 6.69 -1.51
CA ASP A 84 -13.50 5.33 -1.90
C ASP A 84 -12.88 4.26 -1.01
N ILE A 85 -11.65 4.45 -0.61
CA ILE A 85 -10.98 3.45 0.27
C ILE A 85 -11.23 3.81 1.73
N SER A 86 -11.93 4.88 1.98
CA SER A 86 -12.20 5.28 3.39
C SER A 86 -13.26 4.34 3.97
N THR A 87 -14.16 4.86 4.77
CA THR A 87 -15.22 3.99 5.34
C THR A 87 -16.47 4.23 4.52
N LEU A 88 -16.56 5.39 3.97
CA LEU A 88 -17.73 5.78 3.15
C LEU A 88 -17.76 4.93 1.87
N LEU A 89 -18.62 3.95 1.84
CA LEU A 89 -18.70 3.09 0.62
C LEU A 89 -20.13 2.54 0.47
N ARG A 90 -20.32 1.62 -0.42
CA ARG A 90 -21.69 1.05 -0.61
C ARG A 90 -22.71 2.19 -0.74
N ASN A 91 -23.38 2.53 0.33
CA ASN A 91 -24.38 3.64 0.26
C ASN A 91 -23.66 4.98 0.34
N GLY A 1 18.62 20.30 -0.94
CA GLY A 1 18.50 19.10 0.00
C GLY A 1 17.15 18.54 0.30
N SER A 2 16.84 18.35 1.55
CA SER A 2 15.51 17.79 1.91
C SER A 2 15.27 17.97 3.42
N ARG A 3 15.60 19.11 3.95
CA ARG A 3 15.39 19.35 5.41
C ARG A 3 14.03 19.99 5.63
N ILE A 4 13.05 19.59 4.87
CA ILE A 4 11.69 20.18 5.04
C ILE A 4 11.22 19.96 6.49
N ALA A 5 10.10 20.52 6.84
CA ALA A 5 9.59 20.35 8.23
C ALA A 5 8.89 19.00 8.37
N LYS A 6 8.26 18.54 7.32
CA LYS A 6 7.57 17.22 7.38
C LYS A 6 8.61 16.10 7.44
N ARG A 7 8.78 15.51 8.59
CA ARG A 7 9.78 14.41 8.71
C ARG A 7 9.59 13.42 7.56
N THR A 8 8.51 12.69 7.57
CA THR A 8 8.26 11.70 6.48
C THR A 8 9.49 10.83 6.26
N ALA A 9 9.45 9.62 6.74
CA ALA A 9 10.62 8.70 6.56
C ALA A 9 10.40 7.83 5.33
N ILE A 10 11.16 6.78 5.20
CA ILE A 10 11.00 5.88 4.02
C ILE A 10 9.53 5.47 3.87
N ASN A 11 9.17 4.27 4.27
CA ASN A 11 7.75 3.85 4.14
C ASN A 11 7.29 4.07 2.70
N LYS A 12 7.38 3.09 1.86
CA LYS A 12 6.93 3.26 0.45
C LYS A 12 7.41 4.63 -0.07
N THR A 13 8.70 4.84 -0.08
CA THR A 13 9.25 6.16 -0.54
C THR A 13 8.43 6.69 -1.71
N LYS A 14 8.32 7.99 -1.83
CA LYS A 14 7.54 8.57 -2.96
C LYS A 14 8.03 7.97 -4.27
N LYS A 15 9.32 7.96 -4.49
CA LYS A 15 9.85 7.37 -5.76
C LYS A 15 9.49 5.88 -5.79
N ALA A 16 9.63 5.20 -4.68
CA ALA A 16 9.29 3.76 -4.63
C ALA A 16 7.83 3.60 -4.20
N ASP A 17 7.04 4.63 -4.36
CA ASP A 17 5.61 4.56 -3.95
C ASP A 17 4.80 3.76 -4.97
N VAL A 18 5.10 3.92 -6.23
CA VAL A 18 4.33 3.16 -7.26
C VAL A 18 5.00 1.82 -7.51
N LYS A 19 6.27 1.71 -7.23
CA LYS A 19 6.97 0.41 -7.46
C LYS A 19 6.81 -0.47 -6.22
N ALA A 20 6.63 0.13 -5.08
CA ALA A 20 6.44 -0.67 -3.83
C ALA A 20 4.99 -1.15 -3.79
N ILE A 21 4.11 -0.50 -4.49
CA ILE A 21 2.69 -0.92 -4.49
C ILE A 21 2.51 -2.12 -5.43
N ALA A 22 3.31 -2.22 -6.46
CA ALA A 22 3.16 -3.38 -7.39
C ALA A 22 4.07 -4.53 -6.95
N ASP A 23 5.17 -4.22 -6.33
CA ASP A 23 6.12 -5.29 -5.89
C ASP A 23 5.82 -5.68 -4.44
N ALA A 24 5.13 -4.85 -3.70
CA ALA A 24 4.82 -5.22 -2.28
C ALA A 24 3.45 -5.91 -2.23
N TRP A 25 3.03 -6.30 -1.06
CA TRP A 25 1.72 -6.99 -0.90
C TRP A 25 1.84 -8.39 -1.52
N GLN A 26 0.82 -8.89 -2.18
CA GLN A 26 0.90 -10.25 -2.79
C GLN A 26 1.18 -10.14 -4.30
N ILE A 27 2.35 -9.71 -4.67
CA ILE A 27 2.68 -9.59 -6.13
C ILE A 27 3.54 -10.79 -6.54
N ASN A 28 4.07 -11.50 -5.58
CA ASN A 28 4.92 -12.68 -5.90
C ASN A 28 5.02 -13.58 -4.67
N GLY A 29 5.12 -12.99 -3.51
CA GLY A 29 5.23 -13.80 -2.27
C GLY A 29 6.63 -13.64 -1.69
N GLU A 30 7.61 -13.51 -2.55
CA GLU A 30 9.01 -13.35 -2.07
C GLU A 30 9.50 -11.98 -2.54
N LYS A 31 9.10 -11.57 -3.72
CA LYS A 31 9.53 -10.23 -4.21
C LYS A 31 8.88 -9.18 -3.32
N GLU A 32 7.65 -9.43 -2.91
CA GLU A 32 6.96 -8.46 -2.01
C GLU A 32 7.47 -8.72 -0.60
N LEU A 33 7.91 -9.92 -0.35
CA LEU A 33 8.44 -10.29 0.99
C LEU A 33 9.65 -9.41 1.29
N GLU A 34 10.50 -9.24 0.32
CA GLU A 34 11.72 -8.42 0.52
C GLU A 34 11.37 -6.96 0.81
N LEU A 35 10.64 -6.30 -0.05
CA LEU A 35 10.30 -4.88 0.20
C LEU A 35 9.84 -4.71 1.63
N LEU A 36 8.83 -5.43 2.03
CA LEU A 36 8.35 -5.30 3.41
C LEU A 36 9.43 -5.81 4.37
N GLN A 37 10.26 -6.69 3.93
CA GLN A 37 11.33 -7.19 4.81
C GLN A 37 12.19 -6.00 5.23
N GLN A 38 12.08 -4.92 4.52
CA GLN A 38 12.87 -3.71 4.87
C GLN A 38 11.98 -2.47 4.72
N ILE A 39 10.68 -2.62 4.83
CA ILE A 39 9.80 -1.42 4.70
C ILE A 39 8.83 -1.29 5.88
N ALA A 40 8.17 -2.34 6.29
CA ALA A 40 7.22 -2.20 7.44
C ALA A 40 8.02 -2.07 8.72
N GLN A 41 9.30 -2.26 8.62
CA GLN A 41 10.17 -2.14 9.81
C GLN A 41 10.89 -0.81 9.77
N LYS A 42 10.84 -0.16 8.64
CA LYS A 42 11.50 1.16 8.54
C LYS A 42 10.56 2.20 7.88
N PRO A 43 9.27 2.10 8.12
CA PRO A 43 8.30 3.06 7.54
C PRO A 43 8.42 4.40 8.27
N GLY A 44 7.37 5.16 8.26
CA GLY A 44 7.38 6.48 8.93
C GLY A 44 5.98 7.07 8.87
N ALA A 45 5.26 6.79 7.82
CA ALA A 45 3.89 7.33 7.69
C ALA A 45 3.05 6.43 6.78
N LEU A 46 3.18 5.12 6.87
CA LEU A 46 2.34 4.24 6.00
C LEU A 46 0.93 4.82 5.96
N ARG A 47 0.29 4.90 7.10
CA ARG A 47 -1.11 5.45 7.20
C ARG A 47 -1.46 6.28 5.97
N ILE A 48 -0.63 7.21 5.61
CA ILE A 48 -0.93 8.05 4.41
C ILE A 48 -1.31 7.16 3.24
N LEU A 49 -0.41 6.34 2.75
CA LEU A 49 -0.77 5.45 1.60
C LEU A 49 -1.44 4.19 2.14
N ASN A 50 -1.53 4.06 3.44
CA ASN A 50 -2.17 2.85 4.03
C ASN A 50 -3.66 2.94 3.80
N HIS A 51 -4.19 4.14 3.74
CA HIS A 51 -5.64 4.28 3.49
C HIS A 51 -6.03 3.33 2.37
N SER A 52 -5.10 3.03 1.51
CA SER A 52 -5.38 2.12 0.40
C SER A 52 -4.31 1.01 0.34
N LEU A 53 -3.29 1.09 1.16
CA LEU A 53 -2.24 0.02 1.12
C LEU A 53 -2.64 -1.11 2.06
N ARG A 54 -3.53 -0.85 2.98
CA ARG A 54 -3.97 -1.95 3.86
C ARG A 54 -4.46 -3.08 2.95
N LEU A 55 -4.82 -2.74 1.73
CA LEU A 55 -5.29 -3.76 0.75
C LEU A 55 -4.17 -4.77 0.51
N ALA A 56 -2.96 -4.28 0.39
CA ALA A 56 -1.79 -5.16 0.15
C ALA A 56 -2.01 -6.53 0.78
N ALA A 57 -2.57 -6.56 1.96
CA ALA A 57 -2.82 -7.87 2.63
C ALA A 57 -4.30 -8.22 2.50
N MET A 58 -5.14 -7.21 2.40
CA MET A 58 -6.60 -7.46 2.27
C MET A 58 -6.90 -8.13 0.93
N THR A 59 -6.85 -9.43 0.86
CA THR A 59 -7.16 -10.11 -0.42
C THR A 59 -8.65 -10.45 -0.46
N ALA A 60 -9.42 -9.84 0.40
CA ALA A 60 -10.88 -10.11 0.44
C ALA A 60 -11.63 -8.90 -0.11
N HIS A 61 -10.91 -7.88 -0.50
CA HIS A 61 -11.57 -6.66 -1.04
C HIS A 61 -12.09 -6.93 -2.46
N GLY A 62 -13.23 -7.57 -2.57
CA GLY A 62 -13.78 -7.86 -3.92
C GLY A 62 -14.65 -6.69 -4.38
N LYS A 63 -14.25 -5.49 -4.05
CA LYS A 63 -15.05 -4.30 -4.45
C LYS A 63 -14.28 -3.50 -5.51
N GLY A 64 -13.00 -3.70 -5.62
CA GLY A 64 -12.22 -2.93 -6.63
C GLY A 64 -10.78 -3.45 -6.70
N GLU A 65 -10.53 -4.47 -7.48
CA GLU A 65 -9.15 -5.01 -7.60
C GLU A 65 -9.00 -5.70 -8.95
N ARG A 66 -7.78 -5.94 -9.37
CA ARG A 66 -7.57 -6.62 -10.68
C ARG A 66 -7.06 -8.04 -10.42
N VAL A 67 -5.75 -8.23 -10.40
CA VAL A 67 -5.21 -9.59 -10.15
C VAL A 67 -3.70 -9.61 -10.48
N ASN A 68 -2.92 -10.25 -9.66
CA ASN A 68 -1.45 -10.33 -9.91
C ASN A 68 -0.76 -9.05 -9.46
N GLU A 69 0.32 -8.69 -10.10
CA GLU A 69 1.05 -7.45 -9.71
C GLU A 69 0.13 -6.24 -9.89
N ASP A 70 -0.76 -6.29 -10.83
CA ASP A 70 -1.68 -5.14 -11.02
C ASP A 70 -2.63 -5.09 -9.83
N TYR A 71 -3.21 -6.21 -9.47
CA TYR A 71 -4.14 -6.26 -8.29
C TYR A 71 -3.80 -5.17 -7.29
N LEU A 72 -2.55 -5.07 -6.98
CA LEU A 72 -2.12 -4.06 -5.99
C LEU A 72 -2.57 -2.69 -6.39
N ARG A 73 -2.14 -2.23 -7.51
CA ARG A 73 -2.55 -0.87 -7.94
C ARG A 73 -4.08 -0.83 -8.05
N GLN A 74 -4.65 -1.77 -8.73
CA GLN A 74 -6.12 -1.79 -8.87
C GLN A 74 -6.72 -1.85 -7.47
N ALA A 75 -5.94 -2.23 -6.52
CA ALA A 75 -6.43 -2.34 -5.14
C ALA A 75 -6.42 -0.95 -4.50
N PHE A 76 -5.26 -0.37 -4.41
CA PHE A 76 -5.12 0.96 -3.79
C PHE A 76 -5.10 2.05 -4.87
N ARG A 77 -5.75 1.84 -5.98
CA ARG A 77 -5.74 2.87 -7.05
C ARG A 77 -7.02 2.78 -7.88
N GLU A 78 -7.49 1.58 -8.16
CA GLU A 78 -8.72 1.43 -8.96
C GLU A 78 -9.86 2.21 -8.29
N LEU A 79 -9.71 2.54 -7.04
CA LEU A 79 -10.78 3.29 -6.33
C LEU A 79 -10.42 4.78 -6.24
N ASP A 80 -9.45 5.13 -5.44
CA ASP A 80 -9.09 6.58 -5.33
C ASP A 80 -8.10 6.82 -4.19
N LEU A 81 -8.37 6.26 -3.04
CA LEU A 81 -7.50 6.46 -1.86
C LEU A 81 -7.96 7.73 -1.15
N ASP A 82 -9.17 7.75 -0.66
CA ASP A 82 -9.65 8.95 0.04
C ASP A 82 -10.99 8.68 0.75
N VAL A 83 -11.82 7.86 0.18
CA VAL A 83 -13.14 7.57 0.82
C VAL A 83 -13.61 6.15 0.45
N ASP A 84 -13.45 5.77 -0.79
CA ASP A 84 -13.91 4.42 -1.21
C ASP A 84 -13.14 3.35 -0.44
N ILE A 85 -11.86 3.55 -0.24
CA ILE A 85 -11.06 2.54 0.51
C ILE A 85 -11.24 2.78 2.02
N SER A 86 -11.94 3.83 2.38
CA SER A 86 -12.17 4.12 3.80
C SER A 86 -13.16 3.09 4.36
N THR A 87 -13.40 3.14 5.63
CA THR A 87 -14.37 2.20 6.24
C THR A 87 -15.69 2.93 6.44
N LEU A 88 -15.86 4.01 5.73
CA LEU A 88 -17.08 4.82 5.88
C LEU A 88 -17.93 4.71 4.60
N LEU A 89 -19.19 5.04 4.69
CA LEU A 89 -20.07 4.96 3.49
C LEU A 89 -20.15 3.51 3.00
N ARG A 90 -19.27 3.14 2.11
CA ARG A 90 -19.29 1.75 1.58
C ARG A 90 -20.61 1.50 0.83
N ASN A 91 -21.62 1.03 1.52
CA ASN A 91 -22.92 0.78 0.84
C ASN A 91 -23.99 1.69 1.43
N GLY A 1 15.33 21.34 18.78
CA GLY A 1 14.32 20.88 19.82
C GLY A 1 12.96 20.41 19.38
N SER A 2 12.37 21.11 18.45
CA SER A 2 11.01 20.70 17.96
C SER A 2 11.06 19.24 17.50
N ARG A 3 10.71 18.32 18.36
CA ARG A 3 10.73 16.88 17.98
C ARG A 3 9.30 16.41 17.72
N ILE A 4 8.71 16.84 16.64
CA ILE A 4 7.31 16.41 16.33
C ILE A 4 7.32 15.45 15.15
N ALA A 5 8.46 15.25 14.55
CA ALA A 5 8.54 14.32 13.39
C ALA A 5 8.38 12.88 13.88
N LYS A 6 7.34 12.21 13.47
CA LYS A 6 7.14 10.81 13.92
C LYS A 6 7.68 9.83 12.86
N ARG A 7 7.64 10.24 11.61
CA ARG A 7 8.15 9.34 10.54
C ARG A 7 9.61 9.66 10.26
N THR A 8 10.51 8.95 10.87
CA THR A 8 11.96 9.20 10.64
C THR A 8 12.51 8.14 9.68
N ALA A 9 11.73 7.16 9.35
CA ALA A 9 12.22 6.09 8.43
C ALA A 9 11.81 6.44 6.99
N ILE A 10 12.22 5.64 6.04
CA ILE A 10 11.86 5.94 4.62
C ILE A 10 10.69 5.05 4.19
N ASN A 11 9.54 5.23 4.78
CA ASN A 11 8.35 4.41 4.40
C ASN A 11 8.09 4.55 2.90
N LYS A 12 8.14 3.46 2.15
CA LYS A 12 7.89 3.53 0.69
C LYS A 12 8.40 4.87 0.11
N THR A 13 9.65 4.93 -0.24
CA THR A 13 10.20 6.21 -0.79
C THR A 13 9.21 6.81 -1.79
N LYS A 14 9.06 8.11 -1.78
CA LYS A 14 8.11 8.76 -2.73
C LYS A 14 8.33 8.16 -4.12
N LYS A 15 9.55 8.08 -4.56
CA LYS A 15 9.81 7.49 -5.91
C LYS A 15 9.45 6.01 -5.86
N ALA A 16 9.70 5.36 -4.76
CA ALA A 16 9.36 3.92 -4.65
C ALA A 16 7.95 3.79 -4.08
N ASP A 17 7.19 4.85 -4.17
CA ASP A 17 5.79 4.81 -3.65
C ASP A 17 4.90 4.05 -4.63
N VAL A 18 5.20 4.14 -5.90
CA VAL A 18 4.38 3.42 -6.91
C VAL A 18 5.06 2.08 -7.24
N LYS A 19 6.28 1.91 -6.82
CA LYS A 19 6.98 0.63 -7.10
C LYS A 19 6.72 -0.35 -5.96
N ALA A 20 6.67 0.14 -4.76
CA ALA A 20 6.40 -0.75 -3.60
C ALA A 20 4.94 -1.18 -3.64
N ILE A 21 4.13 -0.50 -4.40
CA ILE A 21 2.69 -0.88 -4.47
C ILE A 21 2.54 -2.11 -5.38
N ALA A 22 3.36 -2.22 -6.39
CA ALA A 22 3.23 -3.39 -7.32
C ALA A 22 4.12 -4.54 -6.82
N ASP A 23 5.20 -4.24 -6.18
CA ASP A 23 6.11 -5.32 -5.68
C ASP A 23 5.76 -5.69 -4.24
N ALA A 24 5.05 -4.85 -3.53
CA ALA A 24 4.70 -5.19 -2.13
C ALA A 24 3.33 -5.87 -2.09
N TRP A 25 2.90 -6.27 -0.93
CA TRP A 25 1.60 -6.98 -0.77
C TRP A 25 1.74 -8.36 -1.43
N GLN A 26 0.69 -8.89 -2.00
CA GLN A 26 0.78 -10.22 -2.65
C GLN A 26 1.04 -10.06 -4.16
N ILE A 27 2.22 -9.66 -4.54
CA ILE A 27 2.52 -9.50 -6.00
C ILE A 27 3.33 -10.72 -6.48
N ASN A 28 3.90 -11.46 -5.56
CA ASN A 28 4.69 -12.65 -5.96
C ASN A 28 4.93 -13.55 -4.75
N GLY A 29 5.18 -12.97 -3.61
CA GLY A 29 5.43 -13.79 -2.39
C GLY A 29 6.93 -13.80 -2.10
N GLU A 30 7.72 -13.60 -3.11
CA GLU A 30 9.21 -13.60 -2.91
C GLU A 30 9.73 -12.18 -3.13
N LYS A 31 9.08 -11.44 -4.00
CA LYS A 31 9.54 -10.04 -4.27
C LYS A 31 8.83 -9.08 -3.32
N GLU A 32 7.66 -9.45 -2.85
CA GLU A 32 6.92 -8.56 -1.91
C GLU A 32 7.44 -8.78 -0.48
N LEU A 33 8.04 -9.91 -0.22
CA LEU A 33 8.56 -10.16 1.14
C LEU A 33 9.82 -9.30 1.34
N GLU A 34 10.52 -9.03 0.28
CA GLU A 34 11.76 -8.21 0.39
C GLU A 34 11.39 -6.77 0.79
N LEU A 35 10.55 -6.11 0.04
CA LEU A 35 10.19 -4.71 0.39
C LEU A 35 9.88 -4.62 1.88
N LEU A 36 8.94 -5.40 2.35
CA LEU A 36 8.61 -5.37 3.79
C LEU A 36 9.82 -5.81 4.60
N GLN A 37 10.64 -6.64 4.02
CA GLN A 37 11.84 -7.10 4.77
C GLN A 37 12.54 -5.89 5.36
N GLN A 38 12.28 -4.73 4.82
CA GLN A 38 12.92 -3.50 5.35
C GLN A 38 11.92 -2.33 5.28
N ILE A 39 10.65 -2.61 5.05
CA ILE A 39 9.66 -1.49 4.95
C ILE A 39 8.65 -1.50 6.12
N ALA A 40 8.41 -2.60 6.77
CA ALA A 40 7.43 -2.59 7.90
C ALA A 40 8.11 -2.02 9.12
N GLN A 41 9.35 -1.72 8.99
CA GLN A 41 10.10 -1.21 10.14
C GLN A 41 10.36 0.28 9.90
N LYS A 42 10.10 0.72 8.71
CA LYS A 42 10.28 2.16 8.40
C LYS A 42 9.01 2.77 7.76
N PRO A 43 7.83 2.27 8.11
CA PRO A 43 6.56 2.82 7.57
C PRO A 43 6.17 4.07 8.34
N GLY A 44 7.09 4.91 8.64
CA GLY A 44 6.75 6.15 9.38
C GLY A 44 5.54 6.79 8.70
N ALA A 45 5.30 6.48 7.44
CA ALA A 45 4.15 7.10 6.74
C ALA A 45 3.28 6.04 6.02
N LEU A 46 3.53 4.76 6.22
CA LEU A 46 2.67 3.74 5.52
C LEU A 46 1.21 4.16 5.67
N ARG A 47 0.84 4.65 6.82
CA ARG A 47 -0.58 5.09 7.04
C ARG A 47 -1.06 5.99 5.90
N ILE A 48 -0.30 6.98 5.53
CA ILE A 48 -0.74 7.89 4.44
C ILE A 48 -1.24 7.05 3.26
N LEU A 49 -0.36 6.33 2.62
CA LEU A 49 -0.78 5.48 1.47
C LEU A 49 -1.53 4.27 2.01
N ASN A 50 -1.57 4.11 3.31
CA ASN A 50 -2.29 2.95 3.90
C ASN A 50 -3.78 3.12 3.66
N HIS A 51 -4.21 4.35 3.52
CA HIS A 51 -5.64 4.60 3.27
C HIS A 51 -6.11 3.59 2.22
N SER A 52 -5.21 3.17 1.37
CA SER A 52 -5.58 2.17 0.35
C SER A 52 -4.50 1.08 0.28
N LEU A 53 -3.44 1.20 1.05
CA LEU A 53 -2.38 0.15 1.02
C LEU A 53 -2.78 -0.95 1.98
N ARG A 54 -3.61 -0.64 2.92
CA ARG A 54 -4.08 -1.69 3.84
C ARG A 54 -4.60 -2.84 2.97
N LEU A 55 -4.98 -2.53 1.76
CA LEU A 55 -5.49 -3.58 0.81
C LEU A 55 -4.40 -4.63 0.61
N ALA A 56 -3.18 -4.20 0.45
CA ALA A 56 -2.03 -5.13 0.25
C ALA A 56 -2.31 -6.47 0.94
N ALA A 57 -2.89 -6.43 2.10
CA ALA A 57 -3.22 -7.69 2.82
C ALA A 57 -4.65 -8.09 2.49
N MET A 58 -5.55 -7.16 2.42
CA MET A 58 -6.97 -7.49 2.07
C MET A 58 -7.02 -8.20 0.72
N THR A 59 -6.89 -9.50 0.73
CA THR A 59 -6.94 -10.25 -0.55
C THR A 59 -8.38 -10.67 -0.82
N ALA A 60 -9.32 -10.00 -0.21
CA ALA A 60 -10.75 -10.35 -0.41
C ALA A 60 -11.58 -9.08 -0.60
N HIS A 61 -10.94 -8.00 -0.96
CA HIS A 61 -11.68 -6.71 -1.18
C HIS A 61 -13.04 -7.00 -1.83
N GLY A 62 -13.05 -7.34 -3.10
CA GLY A 62 -14.34 -7.63 -3.77
C GLY A 62 -14.90 -6.35 -4.38
N LYS A 63 -14.33 -5.23 -4.03
CA LYS A 63 -14.82 -3.93 -4.57
C LYS A 63 -13.90 -3.48 -5.70
N GLY A 64 -12.65 -3.86 -5.65
CA GLY A 64 -11.70 -3.44 -6.72
C GLY A 64 -10.36 -4.12 -6.49
N GLU A 65 -10.16 -5.28 -7.07
CA GLU A 65 -8.87 -6.00 -6.88
C GLU A 65 -8.66 -6.98 -8.03
N ARG A 66 -7.71 -6.71 -8.89
CA ARG A 66 -7.46 -7.64 -10.03
C ARG A 66 -7.00 -8.99 -9.47
N VAL A 67 -5.80 -9.41 -9.76
CA VAL A 67 -5.32 -10.72 -9.24
C VAL A 67 -3.79 -10.76 -9.18
N ASN A 68 -3.14 -10.43 -10.25
CA ASN A 68 -1.64 -10.47 -10.25
C ASN A 68 -1.06 -9.12 -9.83
N GLU A 69 0.19 -8.88 -10.16
CA GLU A 69 0.85 -7.60 -9.78
C GLU A 69 -0.14 -6.44 -9.91
N ASP A 70 -0.86 -6.38 -11.00
CA ASP A 70 -1.82 -5.26 -11.15
C ASP A 70 -2.69 -5.18 -9.91
N TYR A 71 -3.31 -6.28 -9.54
CA TYR A 71 -4.19 -6.31 -8.33
C TYR A 71 -3.80 -5.22 -7.35
N LEU A 72 -2.55 -5.18 -6.99
CA LEU A 72 -2.10 -4.16 -6.02
C LEU A 72 -2.59 -2.79 -6.43
N ARG A 73 -2.20 -2.35 -7.58
CA ARG A 73 -2.66 -0.99 -8.01
C ARG A 73 -4.19 -0.99 -8.10
N GLN A 74 -4.75 -1.98 -8.74
CA GLN A 74 -6.23 -2.04 -8.86
C GLN A 74 -6.84 -2.13 -7.46
N ALA A 75 -6.02 -2.37 -6.49
CA ALA A 75 -6.51 -2.49 -5.11
C ALA A 75 -6.48 -1.11 -4.44
N PHE A 76 -5.33 -0.53 -4.40
CA PHE A 76 -5.17 0.81 -3.77
C PHE A 76 -5.18 1.90 -4.85
N ARG A 77 -5.79 1.65 -5.98
CA ARG A 77 -5.80 2.69 -7.05
C ARG A 77 -7.10 2.61 -7.85
N GLU A 78 -7.60 1.42 -8.06
CA GLU A 78 -8.86 1.27 -8.84
C GLU A 78 -9.99 2.04 -8.13
N LEU A 79 -9.78 2.43 -6.90
CA LEU A 79 -10.84 3.17 -6.17
C LEU A 79 -10.53 4.67 -6.19
N ASP A 80 -9.50 5.09 -5.49
CA ASP A 80 -9.17 6.55 -5.48
C ASP A 80 -8.20 6.90 -4.36
N LEU A 81 -8.44 6.40 -3.18
CA LEU A 81 -7.57 6.73 -2.03
C LEU A 81 -8.00 8.07 -1.46
N ASP A 82 -9.27 8.25 -1.25
CA ASP A 82 -9.76 9.54 -0.68
C ASP A 82 -11.02 9.32 0.16
N VAL A 83 -11.91 8.49 -0.30
CA VAL A 83 -13.15 8.24 0.47
C VAL A 83 -13.63 6.80 0.24
N ASP A 84 -13.48 6.29 -0.94
CA ASP A 84 -13.94 4.89 -1.21
C ASP A 84 -13.19 3.92 -0.29
N ILE A 85 -11.92 4.13 -0.11
CA ILE A 85 -11.14 3.22 0.78
C ILE A 85 -11.30 3.68 2.24
N SER A 86 -11.96 4.78 2.45
CA SER A 86 -12.14 5.27 3.85
C SER A 86 -13.14 4.37 4.59
N THR A 87 -14.00 4.94 5.39
CA THR A 87 -14.99 4.11 6.12
C THR A 87 -16.31 4.23 5.37
N LEU A 88 -16.48 5.34 4.74
CA LEU A 88 -17.71 5.60 3.95
C LEU A 88 -17.78 4.64 2.76
N LEU A 89 -18.60 3.62 2.85
CA LEU A 89 -18.70 2.65 1.73
C LEU A 89 -20.17 2.25 1.55
N ARG A 90 -20.57 1.14 2.12
CA ARG A 90 -21.99 0.69 1.99
C ARG A 90 -22.46 0.91 0.54
N ASN A 91 -23.75 0.87 0.32
CA ASN A 91 -24.27 1.08 -1.07
C ASN A 91 -24.52 2.57 -1.30
N GLY A 1 3.73 23.92 7.66
CA GLY A 1 5.05 23.29 7.21
C GLY A 1 5.25 22.98 5.76
N SER A 2 6.00 21.96 5.46
CA SER A 2 6.23 21.60 4.04
C SER A 2 5.36 20.41 3.65
N ARG A 3 5.08 20.25 2.40
CA ARG A 3 4.22 19.11 1.96
C ARG A 3 5.11 17.89 1.69
N ILE A 4 5.86 17.46 2.67
CA ILE A 4 6.74 16.28 2.48
C ILE A 4 6.27 15.13 3.38
N ALA A 5 7.05 14.09 3.51
CA ALA A 5 6.65 12.95 4.38
C ALA A 5 7.10 13.22 5.81
N LYS A 6 6.21 13.03 6.76
CA LYS A 6 6.59 13.26 8.19
C LYS A 6 7.90 12.55 8.50
N ARG A 7 7.96 11.27 8.27
CA ARG A 7 9.21 10.51 8.56
C ARG A 7 10.22 10.75 7.45
N THR A 8 11.33 10.07 7.49
CA THR A 8 12.36 10.26 6.42
C THR A 8 12.96 8.91 6.04
N ALA A 9 12.36 7.83 6.48
CA ALA A 9 12.90 6.49 6.13
C ALA A 9 12.40 6.08 4.75
N ILE A 10 12.83 4.95 4.25
CA ILE A 10 12.37 4.52 2.91
C ILE A 10 10.84 4.64 2.84
N ASN A 11 10.14 3.77 3.51
CA ASN A 11 8.65 3.84 3.49
C ASN A 11 8.17 4.11 2.07
N LYS A 12 8.33 3.15 1.18
CA LYS A 12 7.90 3.33 -0.23
C LYS A 12 8.12 4.79 -0.65
N THR A 13 9.33 5.28 -0.52
CA THR A 13 9.63 6.70 -0.88
C THR A 13 8.82 7.13 -2.10
N LYS A 14 8.62 8.42 -2.27
CA LYS A 14 7.83 8.90 -3.43
C LYS A 14 8.23 8.12 -4.69
N LYS A 15 9.50 8.00 -4.95
CA LYS A 15 9.93 7.23 -6.15
C LYS A 15 9.52 5.77 -5.97
N ALA A 16 9.68 5.26 -4.78
CA ALA A 16 9.29 3.85 -4.52
C ALA A 16 7.83 3.82 -4.07
N ASP A 17 7.12 4.90 -4.29
CA ASP A 17 5.69 4.96 -3.88
C ASP A 17 4.84 4.22 -4.91
N VAL A 18 5.18 4.31 -6.16
CA VAL A 18 4.39 3.60 -7.20
C VAL A 18 5.02 2.23 -7.46
N LYS A 19 6.30 2.10 -7.23
CA LYS A 19 6.95 0.77 -7.45
C LYS A 19 6.72 -0.11 -6.22
N ALA A 20 6.70 0.48 -5.05
CA ALA A 20 6.45 -0.33 -3.83
C ALA A 20 5.03 -0.85 -3.87
N ILE A 21 4.10 -0.02 -4.25
CA ILE A 21 2.69 -0.49 -4.33
C ILE A 21 2.60 -1.68 -5.30
N ALA A 22 3.62 -1.91 -6.08
CA ALA A 22 3.57 -3.06 -7.04
C ALA A 22 4.30 -4.28 -6.46
N ASP A 23 5.54 -4.12 -6.05
CA ASP A 23 6.31 -5.28 -5.51
C ASP A 23 6.22 -5.31 -3.97
N ALA A 24 5.29 -4.59 -3.37
CA ALA A 24 5.22 -4.59 -1.88
C ALA A 24 4.22 -5.60 -1.32
N TRP A 25 3.01 -5.59 -1.81
CA TRP A 25 1.99 -6.51 -1.24
C TRP A 25 1.91 -7.81 -2.05
N GLN A 26 0.75 -8.41 -2.16
CA GLN A 26 0.64 -9.69 -2.93
C GLN A 26 0.93 -9.45 -4.40
N ILE A 27 2.18 -9.45 -4.78
CA ILE A 27 2.54 -9.25 -6.22
C ILE A 27 3.19 -10.55 -6.71
N ASN A 28 3.70 -11.34 -5.81
CA ASN A 28 4.34 -12.62 -6.22
C ASN A 28 4.48 -13.52 -5.00
N GLY A 29 4.80 -12.96 -3.87
CA GLY A 29 4.97 -13.80 -2.65
C GLY A 29 6.46 -13.94 -2.36
N GLU A 30 7.27 -13.96 -3.37
CA GLU A 30 8.73 -14.09 -3.16
C GLU A 30 9.38 -12.72 -3.32
N LYS A 31 8.81 -11.87 -4.14
CA LYS A 31 9.39 -10.52 -4.34
C LYS A 31 8.77 -9.55 -3.32
N GLU A 32 7.51 -9.69 -3.04
CA GLU A 32 6.86 -8.77 -2.05
C GLU A 32 7.49 -9.00 -0.68
N LEU A 33 7.69 -10.23 -0.30
CA LEU A 33 8.30 -10.51 1.03
C LEU A 33 9.57 -9.69 1.18
N GLU A 34 10.28 -9.46 0.09
CA GLU A 34 11.53 -8.67 0.16
C GLU A 34 11.25 -7.21 0.53
N LEU A 35 10.47 -6.52 -0.26
CA LEU A 35 10.21 -5.08 0.06
C LEU A 35 9.85 -4.94 1.53
N LEU A 36 8.87 -5.66 1.99
CA LEU A 36 8.50 -5.56 3.42
C LEU A 36 9.65 -6.08 4.27
N GLN A 37 10.43 -6.97 3.74
CA GLN A 37 11.57 -7.49 4.53
C GLN A 37 12.37 -6.30 5.04
N GLN A 38 12.22 -5.17 4.41
CA GLN A 38 12.95 -3.96 4.84
C GLN A 38 12.06 -2.72 4.66
N ILE A 39 10.75 -2.87 4.70
CA ILE A 39 9.88 -1.67 4.51
C ILE A 39 8.80 -1.55 5.61
N ALA A 40 8.44 -2.60 6.29
CA ALA A 40 7.40 -2.46 7.36
C ALA A 40 8.06 -1.93 8.61
N GLN A 41 9.34 -1.79 8.56
CA GLN A 41 10.09 -1.31 9.74
C GLN A 41 10.43 0.16 9.56
N LYS A 42 10.32 0.63 8.35
CA LYS A 42 10.61 2.07 8.11
C LYS A 42 9.50 2.71 7.23
N PRO A 43 8.26 2.28 7.42
CA PRO A 43 7.13 2.83 6.64
C PRO A 43 6.78 4.25 7.07
N GLY A 44 7.53 4.81 7.99
CA GLY A 44 7.26 6.20 8.45
C GLY A 44 5.76 6.43 8.62
N ALA A 45 5.07 6.81 7.58
CA ALA A 45 3.61 7.06 7.68
C ALA A 45 2.87 6.19 6.66
N LEU A 46 3.11 4.90 6.66
CA LEU A 46 2.40 4.04 5.69
C LEU A 46 0.91 4.33 5.81
N ARG A 47 0.47 4.69 6.99
CA ARG A 47 -0.98 5.01 7.19
C ARG A 47 -1.48 5.93 6.06
N ILE A 48 -0.73 6.97 5.77
CA ILE A 48 -1.15 7.91 4.68
C ILE A 48 -1.54 7.11 3.44
N LEU A 49 -0.61 6.49 2.78
CA LEU A 49 -0.96 5.69 1.57
C LEU A 49 -1.73 4.46 2.02
N ASN A 50 -1.82 4.24 3.31
CA ASN A 50 -2.56 3.05 3.84
C ASN A 50 -4.04 3.20 3.55
N HIS A 51 -4.52 4.41 3.45
CA HIS A 51 -5.97 4.59 3.16
C HIS A 51 -6.35 3.59 2.08
N SER A 52 -5.40 3.25 1.25
CA SER A 52 -5.66 2.28 0.17
C SER A 52 -4.55 1.23 0.14
N LEU A 53 -3.51 1.38 0.93
CA LEU A 53 -2.42 0.37 0.93
C LEU A 53 -2.76 -0.74 1.92
N ARG A 54 -3.69 -0.49 2.78
CA ARG A 54 -4.09 -1.55 3.73
C ARG A 54 -4.56 -2.75 2.90
N LEU A 55 -4.88 -2.52 1.64
CA LEU A 55 -5.33 -3.62 0.75
C LEU A 55 -4.19 -4.62 0.59
N ALA A 56 -2.99 -4.11 0.56
CA ALA A 56 -1.77 -4.96 0.41
C ALA A 56 -2.03 -6.36 1.01
N ALA A 57 -2.72 -6.41 2.12
CA ALA A 57 -3.01 -7.73 2.75
C ALA A 57 -4.51 -8.03 2.60
N MET A 58 -5.32 -7.01 2.49
CA MET A 58 -6.79 -7.25 2.34
C MET A 58 -7.08 -7.97 1.02
N THR A 59 -7.19 -9.26 1.06
CA THR A 59 -7.48 -10.00 -0.20
C THR A 59 -8.98 -10.32 -0.25
N ALA A 60 -9.75 -9.68 0.60
CA ALA A 60 -11.21 -9.93 0.60
C ALA A 60 -11.92 -8.76 -0.10
N HIS A 61 -11.18 -7.75 -0.49
CA HIS A 61 -11.80 -6.59 -1.17
C HIS A 61 -12.23 -6.99 -2.58
N GLY A 62 -13.38 -7.59 -2.71
CA GLY A 62 -13.85 -8.01 -4.05
C GLY A 62 -14.47 -6.80 -4.77
N LYS A 63 -14.45 -5.65 -4.15
CA LYS A 63 -15.04 -4.45 -4.80
C LYS A 63 -14.04 -3.90 -5.82
N GLY A 64 -12.87 -4.46 -5.89
CA GLY A 64 -11.86 -3.97 -6.87
C GLY A 64 -10.49 -4.59 -6.54
N GLU A 65 -10.03 -5.49 -7.37
CA GLU A 65 -8.71 -6.12 -7.11
C GLU A 65 -8.41 -7.14 -8.20
N ARG A 66 -7.30 -6.99 -8.88
CA ARG A 66 -6.94 -7.96 -9.96
C ARG A 66 -6.51 -9.30 -9.34
N VAL A 67 -5.24 -9.55 -9.25
CA VAL A 67 -4.78 -10.84 -8.65
C VAL A 67 -3.24 -10.91 -8.66
N ASN A 68 -2.61 -10.33 -9.64
CA ASN A 68 -1.13 -10.38 -9.70
C ASN A 68 -0.55 -9.02 -9.29
N GLU A 69 0.70 -8.76 -9.58
CA GLU A 69 1.31 -7.45 -9.19
C GLU A 69 0.30 -6.32 -9.46
N ASP A 70 -0.40 -6.39 -10.55
CA ASP A 70 -1.39 -5.31 -10.83
C ASP A 70 -2.35 -5.20 -9.65
N TYR A 71 -2.91 -6.33 -9.22
CA TYR A 71 -3.84 -6.33 -8.05
C TYR A 71 -3.54 -5.17 -7.12
N LEU A 72 -2.32 -5.04 -6.75
CA LEU A 72 -1.95 -3.96 -5.82
C LEU A 72 -2.50 -2.64 -6.30
N ARG A 73 -2.14 -2.23 -7.47
CA ARG A 73 -2.66 -0.93 -7.97
C ARG A 73 -4.18 -1.02 -8.08
N GLN A 74 -4.68 -2.07 -8.66
CA GLN A 74 -6.16 -2.22 -8.78
C GLN A 74 -6.77 -2.28 -7.38
N ALA A 75 -5.95 -2.41 -6.40
CA ALA A 75 -6.45 -2.49 -5.00
C ALA A 75 -6.49 -1.08 -4.42
N PHE A 76 -5.36 -0.44 -4.39
CA PHE A 76 -5.28 0.93 -3.83
C PHE A 76 -5.33 1.97 -4.97
N ARG A 77 -5.97 1.65 -6.05
CA ARG A 77 -6.03 2.63 -7.18
C ARG A 77 -7.32 2.44 -7.97
N GLU A 78 -7.71 1.22 -8.20
CA GLU A 78 -8.95 0.96 -8.97
C GLU A 78 -10.13 1.70 -8.32
N LEU A 79 -9.99 2.11 -7.08
CA LEU A 79 -11.10 2.82 -6.40
C LEU A 79 -10.84 4.34 -6.41
N ASP A 80 -9.83 4.80 -5.71
CA ASP A 80 -9.58 6.27 -5.69
C ASP A 80 -8.64 6.67 -4.55
N LEU A 81 -8.86 6.16 -3.37
CA LEU A 81 -8.03 6.52 -2.20
C LEU A 81 -8.59 7.83 -1.60
N ASP A 82 -9.88 7.95 -1.53
CA ASP A 82 -10.48 9.19 -0.95
C ASP A 82 -11.77 8.90 -0.18
N VAL A 83 -12.28 7.69 -0.24
CA VAL A 83 -13.53 7.38 0.49
C VAL A 83 -13.98 5.94 0.20
N ASP A 84 -13.79 5.49 -1.02
CA ASP A 84 -14.21 4.09 -1.36
C ASP A 84 -13.35 3.11 -0.56
N ILE A 85 -12.12 3.45 -0.31
CA ILE A 85 -11.24 2.54 0.49
C ILE A 85 -11.25 2.99 1.94
N SER A 86 -12.08 3.95 2.27
CA SER A 86 -12.13 4.43 3.68
C SER A 86 -12.79 3.36 4.55
N THR A 87 -13.63 3.74 5.48
CA THR A 87 -14.31 2.73 6.33
C THR A 87 -15.71 2.55 5.78
N LEU A 88 -16.18 3.56 5.13
CA LEU A 88 -17.54 3.53 4.53
C LEU A 88 -17.44 3.04 3.08
N LEU A 89 -18.55 2.76 2.46
CA LEU A 89 -18.52 2.27 1.06
C LEU A 89 -19.83 2.60 0.36
N ARG A 90 -20.92 2.05 0.81
CA ARG A 90 -22.22 2.34 0.15
C ARG A 90 -22.41 3.84 0.03
N ASN A 91 -22.06 4.58 1.04
CA ASN A 91 -22.22 6.07 0.97
C ASN A 91 -20.86 6.71 0.62
N GLY A 1 23.16 21.72 0.39
CA GLY A 1 22.87 20.79 1.58
C GLY A 1 21.50 20.79 2.18
N SER A 2 20.51 20.39 1.43
CA SER A 2 19.13 20.37 1.98
C SER A 2 18.99 19.22 2.99
N ARG A 3 19.29 19.46 4.23
CA ARG A 3 19.18 18.38 5.25
C ARG A 3 17.85 18.55 6.01
N ILE A 4 16.75 18.42 5.32
CA ILE A 4 15.43 18.58 5.97
C ILE A 4 15.10 17.35 6.83
N ALA A 5 14.24 17.51 7.80
CA ALA A 5 13.86 16.36 8.66
C ALA A 5 12.50 15.82 8.22
N LYS A 6 11.98 16.33 7.13
CA LYS A 6 10.66 15.85 6.65
C LYS A 6 10.64 14.32 6.59
N ARG A 7 10.86 13.74 5.44
CA ARG A 7 10.84 12.26 5.33
C ARG A 7 11.94 11.67 6.22
N THR A 8 11.74 10.49 6.72
CA THR A 8 12.76 9.86 7.59
C THR A 8 12.76 8.34 7.38
N ALA A 9 11.60 7.76 7.23
CA ALA A 9 11.53 6.29 7.02
C ALA A 9 11.44 5.99 5.52
N ILE A 10 11.61 4.75 5.15
CA ILE A 10 11.55 4.40 3.71
C ILE A 10 10.17 3.84 3.36
N ASN A 11 9.17 4.11 4.16
CA ASN A 11 7.80 3.59 3.87
C ASN A 11 7.47 3.89 2.41
N LYS A 12 7.73 2.96 1.52
CA LYS A 12 7.43 3.18 0.08
C LYS A 12 7.85 4.62 -0.28
N THR A 13 9.07 4.97 0.00
CA THR A 13 9.57 6.35 -0.30
C THR A 13 8.98 6.87 -1.62
N LYS A 14 9.01 8.17 -1.81
CA LYS A 14 8.47 8.75 -3.07
C LYS A 14 8.86 7.89 -4.26
N LYS A 15 10.12 7.58 -4.38
CA LYS A 15 10.56 6.72 -5.52
C LYS A 15 9.79 5.40 -5.45
N ALA A 16 9.70 4.82 -4.29
CA ALA A 16 8.96 3.54 -4.14
C ALA A 16 7.51 3.84 -3.77
N ASP A 17 6.99 4.92 -4.27
CA ASP A 17 5.58 5.30 -3.96
C ASP A 17 4.64 4.61 -4.94
N VAL A 18 5.13 4.32 -6.12
CA VAL A 18 4.28 3.65 -7.13
C VAL A 18 4.91 2.31 -7.49
N LYS A 19 6.19 2.14 -7.25
CA LYS A 19 6.82 0.84 -7.57
C LYS A 19 6.65 -0.10 -6.37
N ALA A 20 6.68 0.45 -5.19
CA ALA A 20 6.46 -0.40 -3.98
C ALA A 20 5.04 -0.93 -4.04
N ILE A 21 4.11 -0.08 -4.35
CA ILE A 21 2.69 -0.53 -4.44
C ILE A 21 2.57 -1.70 -5.41
N ALA A 22 3.58 -1.94 -6.21
CA ALA A 22 3.49 -3.08 -7.18
C ALA A 22 4.23 -4.31 -6.63
N ASP A 23 5.47 -4.17 -6.26
CA ASP A 23 6.23 -5.33 -5.72
C ASP A 23 6.19 -5.36 -4.19
N ALA A 24 5.28 -4.63 -3.58
CA ALA A 24 5.24 -4.60 -2.07
C ALA A 24 4.25 -5.61 -1.48
N TRP A 25 3.04 -5.62 -1.93
CA TRP A 25 2.06 -6.54 -1.31
C TRP A 25 1.99 -7.85 -2.11
N GLN A 26 0.83 -8.47 -2.21
CA GLN A 26 0.73 -9.76 -2.94
C GLN A 26 1.00 -9.55 -4.44
N ILE A 27 2.26 -9.51 -4.82
CA ILE A 27 2.61 -9.34 -6.25
C ILE A 27 3.32 -10.60 -6.74
N ASN A 28 4.01 -11.27 -5.86
CA ASN A 28 4.72 -12.53 -6.25
C ASN A 28 4.77 -13.48 -5.06
N GLY A 29 5.03 -12.96 -3.90
CA GLY A 29 5.12 -13.83 -2.69
C GLY A 29 6.51 -13.70 -2.11
N GLU A 30 7.50 -13.64 -2.96
CA GLU A 30 8.90 -13.49 -2.48
C GLU A 30 9.38 -12.09 -2.84
N LYS A 31 9.01 -11.61 -4.00
CA LYS A 31 9.43 -10.23 -4.40
C LYS A 31 8.80 -9.27 -3.40
N GLU A 32 7.58 -9.51 -3.02
CA GLU A 32 6.93 -8.64 -2.01
C GLU A 32 7.49 -8.99 -0.64
N LEU A 33 8.01 -10.18 -0.53
CA LEU A 33 8.60 -10.62 0.76
C LEU A 33 9.82 -9.77 1.07
N GLU A 34 10.59 -9.45 0.08
CA GLU A 34 11.81 -8.63 0.29
C GLU A 34 11.44 -7.18 0.61
N LEU A 35 10.71 -6.53 -0.26
CA LEU A 35 10.35 -5.11 0.00
C LEU A 35 9.84 -4.97 1.42
N LEU A 36 8.84 -5.72 1.78
CA LEU A 36 8.33 -5.61 3.16
C LEU A 36 9.39 -6.14 4.12
N GLN A 37 10.17 -7.08 3.69
CA GLN A 37 11.23 -7.60 4.58
C GLN A 37 12.16 -6.44 4.92
N GLN A 38 12.07 -5.38 4.16
CA GLN A 38 12.92 -4.21 4.43
C GLN A 38 12.08 -2.94 4.27
N ILE A 39 10.81 -2.98 4.59
CA ILE A 39 9.97 -1.76 4.43
C ILE A 39 8.95 -1.57 5.57
N ALA A 40 8.22 -2.58 5.94
CA ALA A 40 7.20 -2.39 7.04
C ALA A 40 7.94 -2.21 8.36
N GLN A 41 9.19 -2.51 8.35
CA GLN A 41 9.98 -2.38 9.59
C GLN A 41 10.65 -1.01 9.61
N LYS A 42 10.64 -0.33 8.52
CA LYS A 42 11.28 1.02 8.49
C LYS A 42 10.34 2.12 7.95
N PRO A 43 9.03 1.98 8.08
CA PRO A 43 8.10 3.00 7.57
C PRO A 43 8.05 4.21 8.50
N GLY A 44 7.36 5.23 8.09
CA GLY A 44 7.24 6.45 8.92
C GLY A 44 5.93 7.17 8.56
N ALA A 45 5.02 6.47 7.93
CA ALA A 45 3.73 7.11 7.55
C ALA A 45 2.98 6.23 6.53
N LEU A 46 3.14 4.93 6.58
CA LEU A 46 2.41 4.06 5.63
C LEU A 46 0.92 4.40 5.72
N ARG A 47 0.47 4.79 6.88
CA ARG A 47 -0.96 5.16 7.06
C ARG A 47 -1.45 6.06 5.92
N ILE A 48 -0.71 7.08 5.60
CA ILE A 48 -1.15 8.00 4.51
C ILE A 48 -1.60 7.19 3.29
N LEU A 49 -0.69 6.53 2.63
CA LEU A 49 -1.11 5.73 1.44
C LEU A 49 -1.85 4.50 1.93
N ASN A 50 -1.89 4.29 3.23
CA ASN A 50 -2.60 3.11 3.78
C ASN A 50 -4.08 3.26 3.52
N HIS A 51 -4.56 4.46 3.40
CA HIS A 51 -6.00 4.66 3.13
C HIS A 51 -6.42 3.65 2.06
N SER A 52 -5.48 3.29 1.21
CA SER A 52 -5.78 2.31 0.15
C SER A 52 -4.66 1.25 0.11
N LEU A 53 -3.63 1.39 0.91
CA LEU A 53 -2.53 0.38 0.91
C LEU A 53 -2.87 -0.72 1.90
N ARG A 54 -3.74 -0.44 2.81
CA ARG A 54 -4.14 -1.49 3.78
C ARG A 54 -4.53 -2.75 2.97
N LEU A 55 -4.89 -2.56 1.73
CA LEU A 55 -5.28 -3.72 0.86
C LEU A 55 -4.11 -4.68 0.72
N ALA A 56 -2.91 -4.14 0.57
CA ALA A 56 -1.68 -4.98 0.43
C ALA A 56 -1.89 -6.36 1.09
N ALA A 57 -2.47 -6.37 2.26
CA ALA A 57 -2.71 -7.67 2.96
C ALA A 57 -4.17 -8.08 2.74
N MET A 58 -5.06 -7.13 2.66
CA MET A 58 -6.50 -7.47 2.45
C MET A 58 -6.67 -8.17 1.10
N THR A 59 -6.69 -9.48 1.11
CA THR A 59 -6.86 -10.23 -0.16
C THR A 59 -8.34 -10.60 -0.33
N ALA A 60 -9.20 -9.98 0.44
CA ALA A 60 -10.65 -10.31 0.33
C ALA A 60 -11.45 -9.03 0.13
N HIS A 61 -10.79 -7.96 -0.24
CA HIS A 61 -11.52 -6.66 -0.47
C HIS A 61 -12.89 -6.94 -1.10
N GLY A 62 -12.93 -7.76 -2.11
CA GLY A 62 -14.24 -8.07 -2.76
C GLY A 62 -14.95 -6.76 -3.10
N LYS A 63 -14.27 -5.88 -3.77
CA LYS A 63 -14.89 -4.58 -4.14
C LYS A 63 -14.02 -3.86 -5.15
N GLY A 64 -12.73 -3.84 -4.94
CA GLY A 64 -11.82 -3.15 -5.91
C GLY A 64 -10.45 -3.82 -5.88
N GLU A 65 -10.25 -4.83 -6.69
CA GLU A 65 -8.93 -5.51 -6.73
C GLU A 65 -8.79 -6.28 -8.05
N ARG A 66 -7.58 -6.43 -8.53
CA ARG A 66 -7.39 -7.16 -9.82
C ARG A 66 -6.79 -8.54 -9.54
N VAL A 67 -5.49 -8.67 -9.67
CA VAL A 67 -4.84 -9.99 -9.40
C VAL A 67 -3.39 -9.93 -9.86
N ASN A 68 -2.48 -10.41 -9.04
CA ASN A 68 -1.04 -10.38 -9.41
C ASN A 68 -0.48 -8.98 -9.21
N GLU A 69 0.73 -8.75 -9.64
CA GLU A 69 1.36 -7.40 -9.46
C GLU A 69 0.33 -6.30 -9.71
N ASP A 70 -0.58 -6.49 -10.63
CA ASP A 70 -1.59 -5.42 -10.88
C ASP A 70 -2.51 -5.32 -9.68
N TYR A 71 -3.04 -6.44 -9.22
CA TYR A 71 -3.94 -6.44 -8.03
C TYR A 71 -3.63 -5.27 -7.12
N LEU A 72 -2.39 -5.13 -6.77
CA LEU A 72 -2.00 -4.04 -5.86
C LEU A 72 -2.56 -2.72 -6.32
N ARG A 73 -2.22 -2.31 -7.50
CA ARG A 73 -2.75 -1.01 -7.98
C ARG A 73 -4.26 -1.08 -8.07
N GLN A 74 -4.78 -2.12 -8.63
CA GLN A 74 -6.26 -2.24 -8.73
C GLN A 74 -6.85 -2.28 -7.32
N ALA A 75 -6.01 -2.47 -6.35
CA ALA A 75 -6.47 -2.54 -4.96
C ALA A 75 -6.51 -1.13 -4.38
N PHE A 76 -5.38 -0.49 -4.37
CA PHE A 76 -5.29 0.89 -3.83
C PHE A 76 -5.37 1.92 -4.98
N ARG A 77 -6.03 1.60 -6.05
CA ARG A 77 -6.11 2.57 -7.18
C ARG A 77 -7.42 2.36 -7.94
N GLU A 78 -7.78 1.14 -8.19
CA GLU A 78 -9.04 0.86 -8.93
C GLU A 78 -10.19 1.66 -8.30
N LEU A 79 -10.04 2.06 -7.07
CA LEU A 79 -11.13 2.83 -6.40
C LEU A 79 -10.84 4.32 -6.46
N ASP A 80 -9.87 4.80 -5.73
CA ASP A 80 -9.57 6.26 -5.76
C ASP A 80 -8.58 6.64 -4.64
N LEU A 81 -8.81 6.18 -3.46
CA LEU A 81 -7.94 6.53 -2.32
C LEU A 81 -8.41 7.86 -1.73
N ASP A 82 -9.63 7.91 -1.28
CA ASP A 82 -10.15 9.17 -0.69
C ASP A 82 -11.44 8.92 0.09
N VAL A 83 -12.21 7.96 -0.31
CA VAL A 83 -13.48 7.68 0.42
C VAL A 83 -13.96 6.25 0.13
N ASP A 84 -13.78 5.78 -1.07
CA ASP A 84 -14.24 4.41 -1.40
C ASP A 84 -13.43 3.38 -0.60
N ILE A 85 -12.18 3.65 -0.37
CA ILE A 85 -11.34 2.69 0.42
C ILE A 85 -11.43 3.05 1.90
N SER A 86 -12.23 4.02 2.24
CA SER A 86 -12.36 4.41 3.67
C SER A 86 -13.13 3.31 4.43
N THR A 87 -13.81 3.66 5.48
CA THR A 87 -14.60 2.63 6.23
C THR A 87 -16.04 2.79 5.79
N LEU A 88 -16.39 3.99 5.44
CA LEU A 88 -17.76 4.29 4.99
C LEU A 88 -18.08 3.49 3.73
N LEU A 89 -19.04 2.60 3.79
CA LEU A 89 -19.39 1.79 2.59
C LEU A 89 -20.48 0.78 2.95
N ARG A 90 -21.30 0.43 1.99
CA ARG A 90 -22.38 -0.56 2.27
C ARG A 90 -23.23 -0.74 1.00
N ASN A 91 -24.09 0.20 0.72
CA ASN A 91 -24.94 0.09 -0.50
C ASN A 91 -24.06 0.23 -1.76
N GLY A 1 27.22 16.09 -2.50
CA GLY A 1 25.71 16.29 -2.44
C GLY A 1 25.12 17.08 -1.32
N SER A 2 23.90 16.78 -0.94
CA SER A 2 23.26 17.53 0.17
C SER A 2 23.02 16.59 1.35
N ARG A 3 23.42 16.98 2.53
CA ARG A 3 23.22 16.10 3.72
C ARG A 3 22.01 16.59 4.52
N ILE A 4 21.00 17.07 3.84
CA ILE A 4 19.79 17.55 4.56
C ILE A 4 18.95 16.36 5.02
N ALA A 5 17.79 16.61 5.56
CA ALA A 5 16.93 15.49 6.02
C ALA A 5 15.84 15.21 5.00
N LYS A 6 15.51 13.96 4.80
CA LYS A 6 14.44 13.62 3.82
C LYS A 6 13.11 13.49 4.56
N ARG A 7 12.23 12.66 4.07
CA ARG A 7 10.92 12.48 4.75
C ARG A 7 11.16 11.91 6.16
N THR A 8 11.59 10.68 6.24
CA THR A 8 11.85 10.08 7.57
C THR A 8 12.60 8.75 7.41
N ALA A 9 11.88 7.68 7.18
CA ALA A 9 12.55 6.37 7.01
C ALA A 9 12.67 6.01 5.53
N ILE A 10 13.00 4.78 5.23
CA ILE A 10 13.15 4.36 3.81
C ILE A 10 11.80 3.83 3.30
N ASN A 11 10.74 4.17 3.98
CA ASN A 11 9.39 3.70 3.56
C ASN A 11 9.26 3.81 2.04
N LYS A 12 8.40 3.03 1.43
CA LYS A 12 8.22 3.11 -0.04
C LYS A 12 8.18 4.59 -0.46
N THR A 13 7.74 5.43 0.43
CA THR A 13 7.67 6.90 0.13
C THR A 13 7.04 7.12 -1.25
N LYS A 14 6.98 8.35 -1.69
CA LYS A 14 6.38 8.64 -3.02
C LYS A 14 7.28 8.07 -4.12
N LYS A 15 8.55 8.27 -4.03
CA LYS A 15 9.48 7.74 -5.07
C LYS A 15 9.23 6.24 -5.26
N ALA A 16 9.38 5.47 -4.22
CA ALA A 16 9.13 3.99 -4.34
C ALA A 16 7.68 3.70 -3.99
N ASP A 17 6.78 4.57 -4.36
CA ASP A 17 5.33 4.34 -4.05
C ASP A 17 4.71 3.43 -5.10
N VAL A 18 4.94 3.72 -6.35
CA VAL A 18 4.35 2.87 -7.43
C VAL A 18 5.19 1.60 -7.60
N LYS A 19 6.44 1.65 -7.23
CA LYS A 19 7.30 0.44 -7.36
C LYS A 19 7.11 -0.44 -6.13
N ALA A 20 6.77 0.17 -5.01
CA ALA A 20 6.54 -0.60 -3.76
C ALA A 20 5.10 -1.09 -3.75
N ILE A 21 4.21 -0.41 -4.42
CA ILE A 21 2.80 -0.84 -4.43
C ILE A 21 2.63 -2.04 -5.38
N ALA A 22 3.48 -2.16 -6.37
CA ALA A 22 3.35 -3.32 -7.31
C ALA A 22 4.21 -4.49 -6.83
N ASP A 23 5.31 -4.21 -6.20
CA ASP A 23 6.20 -5.30 -5.72
C ASP A 23 5.88 -5.64 -4.26
N ALA A 24 5.17 -4.79 -3.57
CA ALA A 24 4.84 -5.10 -2.15
C ALA A 24 3.47 -5.79 -2.07
N TRP A 25 3.06 -6.15 -0.90
CA TRP A 25 1.77 -6.86 -0.72
C TRP A 25 1.89 -8.25 -1.35
N GLN A 26 0.81 -8.78 -1.89
CA GLN A 26 0.89 -10.12 -2.53
C GLN A 26 1.12 -9.98 -4.04
N ILE A 27 2.30 -9.60 -4.45
CA ILE A 27 2.57 -9.47 -5.92
C ILE A 27 3.25 -10.74 -6.42
N ASN A 28 3.82 -11.51 -5.53
CA ASN A 28 4.49 -12.76 -5.95
C ASN A 28 4.72 -13.66 -4.74
N GLY A 29 5.09 -13.09 -3.63
CA GLY A 29 5.36 -13.92 -2.43
C GLY A 29 6.86 -13.88 -2.14
N GLU A 30 7.66 -13.77 -3.16
CA GLU A 30 9.12 -13.72 -2.96
C GLU A 30 9.64 -12.31 -3.24
N LYS A 31 8.97 -11.59 -4.09
CA LYS A 31 9.42 -10.21 -4.41
C LYS A 31 8.77 -9.23 -3.43
N GLU A 32 7.62 -9.58 -2.90
CA GLU A 32 6.95 -8.68 -1.92
C GLU A 32 7.49 -8.95 -0.52
N LEU A 33 8.00 -10.13 -0.29
CA LEU A 33 8.54 -10.44 1.07
C LEU A 33 9.81 -9.62 1.29
N GLU A 34 10.51 -9.30 0.23
CA GLU A 34 11.76 -8.51 0.35
C GLU A 34 11.42 -7.06 0.71
N LEU A 35 10.67 -6.38 -0.12
CA LEU A 35 10.35 -4.97 0.18
C LEU A 35 9.92 -4.85 1.64
N LEU A 36 8.94 -5.60 2.03
CA LEU A 36 8.50 -5.53 3.44
C LEU A 36 9.61 -6.08 4.33
N GLN A 37 10.38 -6.99 3.82
CA GLN A 37 11.49 -7.51 4.65
C GLN A 37 12.37 -6.33 5.06
N GLN A 38 12.20 -5.21 4.42
CA GLN A 38 12.98 -4.01 4.76
C GLN A 38 12.11 -2.76 4.58
N ILE A 39 10.81 -2.85 4.78
CA ILE A 39 9.95 -1.64 4.59
C ILE A 39 8.87 -1.50 5.69
N ALA A 40 8.35 -2.56 6.23
CA ALA A 40 7.29 -2.41 7.29
C ALA A 40 7.94 -1.90 8.56
N GLN A 41 9.22 -1.89 8.58
CA GLN A 41 9.94 -1.43 9.77
C GLN A 41 10.34 0.02 9.59
N LYS A 42 10.31 0.49 8.37
CA LYS A 42 10.66 1.91 8.11
C LYS A 42 9.58 2.59 7.24
N PRO A 43 8.32 2.24 7.44
CA PRO A 43 7.22 2.84 6.68
C PRO A 43 6.96 4.28 7.12
N GLY A 44 7.56 4.68 8.21
CA GLY A 44 7.37 6.09 8.69
C GLY A 44 5.87 6.41 8.76
N ALA A 45 5.30 6.87 7.69
CA ALA A 45 3.85 7.22 7.70
C ALA A 45 3.11 6.35 6.67
N LEU A 46 3.30 5.07 6.70
CA LEU A 46 2.59 4.20 5.73
C LEU A 46 1.10 4.53 5.81
N ARG A 47 0.64 4.96 6.95
CA ARG A 47 -0.80 5.33 7.10
C ARG A 47 -1.26 6.21 5.94
N ILE A 48 -0.48 7.20 5.58
CA ILE A 48 -0.88 8.11 4.46
C ILE A 48 -1.33 7.27 3.24
N LEU A 49 -0.43 6.52 2.65
CA LEU A 49 -0.86 5.69 1.48
C LEU A 49 -1.62 4.47 2.01
N ASN A 50 -1.69 4.32 3.30
CA ASN A 50 -2.41 3.16 3.88
C ASN A 50 -3.89 3.30 3.58
N HIS A 51 -4.34 4.52 3.45
CA HIS A 51 -5.78 4.73 3.14
C HIS A 51 -6.18 3.72 2.07
N SER A 52 -5.25 3.33 1.25
CA SER A 52 -5.55 2.34 0.20
C SER A 52 -4.47 1.24 0.20
N LEU A 53 -3.44 1.37 1.02
CA LEU A 53 -2.39 0.32 1.04
C LEU A 53 -2.80 -0.78 2.02
N ARG A 54 -3.67 -0.47 2.93
CA ARG A 54 -4.14 -1.53 3.85
C ARG A 54 -4.59 -2.71 2.98
N LEU A 55 -4.93 -2.43 1.74
CA LEU A 55 -5.38 -3.49 0.80
C LEU A 55 -4.28 -4.52 0.63
N ALA A 56 -3.05 -4.07 0.48
CA ALA A 56 -1.89 -4.98 0.28
C ALA A 56 -2.17 -6.34 0.94
N ALA A 57 -2.76 -6.34 2.10
CA ALA A 57 -3.08 -7.63 2.78
C ALA A 57 -4.53 -8.01 2.47
N MET A 58 -5.41 -7.03 2.41
CA MET A 58 -6.84 -7.33 2.12
C MET A 58 -6.96 -7.97 0.75
N THR A 59 -6.94 -9.28 0.69
CA THR A 59 -7.07 -9.97 -0.63
C THR A 59 -8.55 -10.25 -0.91
N ALA A 60 -9.43 -9.60 -0.19
CA ALA A 60 -10.88 -9.82 -0.41
C ALA A 60 -11.46 -8.66 -1.22
N HIS A 61 -11.40 -7.47 -0.68
CA HIS A 61 -11.95 -6.26 -1.39
C HIS A 61 -13.05 -6.66 -2.37
N GLY A 62 -14.28 -6.60 -1.96
CA GLY A 62 -15.38 -6.98 -2.88
C GLY A 62 -15.77 -5.79 -3.75
N LYS A 63 -14.93 -5.39 -4.65
CA LYS A 63 -15.27 -4.24 -5.52
C LYS A 63 -14.25 -4.13 -6.68
N GLY A 64 -13.02 -4.46 -6.43
CA GLY A 64 -12.00 -4.36 -7.52
C GLY A 64 -10.91 -5.41 -7.33
N GLU A 65 -9.88 -5.08 -6.57
CA GLU A 65 -8.76 -6.04 -6.33
C GLU A 65 -8.53 -6.93 -7.56
N ARG A 66 -7.63 -6.53 -8.42
CA ARG A 66 -7.36 -7.35 -9.64
C ARG A 66 -6.61 -8.62 -9.21
N VAL A 67 -5.62 -9.02 -9.95
CA VAL A 67 -4.88 -10.26 -9.57
C VAL A 67 -3.40 -10.14 -9.98
N ASN A 68 -2.51 -10.50 -9.09
CA ASN A 68 -1.06 -10.43 -9.40
C ASN A 68 -0.53 -9.01 -9.20
N GLU A 69 0.63 -8.73 -9.73
CA GLU A 69 1.24 -7.37 -9.57
C GLU A 69 0.18 -6.29 -9.76
N ASP A 70 -0.56 -6.33 -10.84
CA ASP A 70 -1.59 -5.28 -11.06
C ASP A 70 -2.51 -5.18 -9.85
N TYR A 71 -3.08 -6.28 -9.42
CA TYR A 71 -4.01 -6.27 -8.24
C TYR A 71 -3.63 -5.15 -7.28
N LEU A 72 -2.40 -5.10 -6.89
CA LEU A 72 -1.98 -4.07 -5.93
C LEU A 72 -2.46 -2.71 -6.37
N ARG A 73 -2.10 -2.30 -7.54
CA ARG A 73 -2.55 -0.95 -8.00
C ARG A 73 -4.07 -0.95 -8.07
N GLN A 74 -4.65 -1.95 -8.65
CA GLN A 74 -6.14 -2.00 -8.74
C GLN A 74 -6.72 -2.09 -7.33
N ALA A 75 -5.88 -2.31 -6.37
CA ALA A 75 -6.35 -2.41 -4.96
C ALA A 75 -6.32 -1.02 -4.34
N PHE A 76 -5.17 -0.43 -4.31
CA PHE A 76 -5.01 0.92 -3.72
C PHE A 76 -5.04 1.98 -4.83
N ARG A 77 -5.71 1.71 -5.92
CA ARG A 77 -5.76 2.72 -7.02
C ARG A 77 -7.06 2.56 -7.82
N GLU A 78 -7.47 1.36 -8.09
CA GLU A 78 -8.73 1.16 -8.86
C GLU A 78 -9.85 2.00 -8.23
N LEU A 79 -9.74 2.28 -6.96
CA LEU A 79 -10.79 3.08 -6.29
C LEU A 79 -10.45 4.58 -6.38
N ASP A 80 -9.44 5.02 -5.70
CA ASP A 80 -9.10 6.47 -5.76
C ASP A 80 -8.13 6.86 -4.65
N LEU A 81 -8.38 6.41 -3.46
CA LEU A 81 -7.51 6.78 -2.31
C LEU A 81 -7.97 8.14 -1.79
N ASP A 82 -9.25 8.27 -1.52
CA ASP A 82 -9.77 9.56 -1.00
C ASP A 82 -11.00 9.33 -0.13
N VAL A 83 -11.93 8.56 -0.62
CA VAL A 83 -13.17 8.29 0.17
C VAL A 83 -13.62 6.84 -0.04
N ASP A 84 -13.43 6.31 -1.22
CA ASP A 84 -13.85 4.91 -1.48
C ASP A 84 -13.10 3.96 -0.54
N ILE A 85 -11.85 4.23 -0.30
CA ILE A 85 -11.07 3.34 0.61
C ILE A 85 -11.31 3.75 2.05
N SER A 86 -12.02 4.83 2.26
CA SER A 86 -12.30 5.29 3.65
C SER A 86 -13.36 4.38 4.27
N THR A 87 -13.79 4.71 5.45
CA THR A 87 -14.84 3.90 6.11
C THR A 87 -16.17 4.62 5.95
N LEU A 88 -16.13 5.79 5.37
CA LEU A 88 -17.36 6.58 5.18
C LEU A 88 -17.74 6.54 3.69
N LEU A 89 -19.01 6.69 3.39
CA LEU A 89 -19.43 6.67 1.97
C LEU A 89 -20.86 7.23 1.87
N ARG A 90 -21.69 6.92 2.83
CA ARG A 90 -23.10 7.43 2.80
C ARG A 90 -23.38 8.20 4.08
N ASN A 91 -23.64 7.51 5.15
CA ASN A 91 -23.94 8.20 6.43
C ASN A 91 -22.65 8.81 6.99
#